data_7XZJ
#
_entry.id   7XZJ
#
_cell.length_a   1.00
_cell.length_b   1.00
_cell.length_c   1.00
_cell.angle_alpha   90.00
_cell.angle_beta   90.00
_cell.angle_gamma   90.00
#
_symmetry.space_group_name_H-M   'P 1'
#
loop_
_entity.id
_entity.type
_entity.pdbx_description
1 polymer Ctap3
2 polymer Toc39
3 polymer Toc75
4 polymer Toc90
5 polymer Tic214
6 polymer Tic100
7 polymer Toc34
8 polymer 'Unknown peptide'
9 non-polymer 'INOSITOL HEXAKISPHOSPHATE'
#
loop_
_entity_poly.entity_id
_entity_poly.type
_entity_poly.pdbx_seq_one_letter_code
_entity_poly.pdbx_strand_id
1 'polypeptide(L)'
;MADGPSPIRIVLWNDGGESLAAGVEDEEQQQVLHSFADLVGSAIDAVLELPQFRHVEAVTAEAEEDEPGLSIGFDAGSGD
GEVDIDNLKGRLDIAGLLLGSAQLPEELAEVAAVEVTDEEEGTTELQFTDEGLVQQLQAVVKRAKLEKRYNDWVAGVAES
LGPALDAAAGGVEVTEMPVDPYDVLQAVVAQLIRVAGVSPPAPSLFSRTGALVGGVLGAPRSAVRQVTKRLGRAQRLWWR
LEDVVVDGSKLALRLAVKAARPVLVGFVLHRVLKTLDRSRQLEYRLARMGPEEAREAYYEAVLGKDWKQQLQADWDKALE
DVDAGLVTDEINHEKRLMTAAQLRRLEVEEWDKQRMKNFYLASFGGLRWFDQMEQALHNPLFIESRGWTDPVQNWVGQNR
TYMDDLPAGQYMAGVGNAAIRIKEAELKRKLTDVERAHVLARGGAVAGGLLPQQPTDPATLAVAVGGAFVPSVAGKR
;
3
2 'polypeptide(L)'
;MGASQESELDFVPRLSFLPIEWRSIGSAFGLKDKSGAAANGRATFTVRQGVDAAELTSTGRVIDGQADVGASLKLNTLAI
GVSASNITFHSGLDDPTAAAAQRSSLIPSLKLTAAKQFKRDNYIAVSYDLKHQKPELSACWTGEAGADRATLLVNVDPVM
RSVKLAAAVRTPGPEWRKVLYNDETDLLEYPADDGARHTLYVQHEVRGRDLLHATRLGCRLDLGRLVNYVVDFVDYRIEE
NIPSFVWNVPLLPQLYSLLVPADNDEQVRHRITGWELDVSHDFARSGLLPVVAISKTSKKLLGGGTLTASYDAAAREAGV
SLSRKGVSVGARVARAEGAAGGLSAGWGRPSIHVAVEPLGLLQ
;
4
3 'polypeptide(L)'
;MQGLKATPGLRASSGRPTLRTARTALVVRAHASQPSSSNHAEQQECSSSGSGVSVNQPSALGRLGKFGLSSALSAFVLVP
NFGGFGGNGGNRGGGGGGGGGGGSGGQGQPDGGLPLPLYELAEESSDEKEKQQKDDKRNWKNLVTDSEDLEEKPGERSGT
NRCVEIVIEGWPDVGNLPTADELKDLLTVQEGHIFEKQDLLDDRRKLEIQYEDYIAEVEIRTEYVDGKSNHQRVVYKFTP
HQFRGINAIDIKGAALMPASEVERICNECLPKQPYMVDIAVMDKVRNRIEQWYQSRGLPFCYVGFFDGMDDGILRANVTE
AKIDNVSVRFVRPKLTGDSELEYSVYDEGKVVKADKIIEASGFQRGHHYHVEDGYDAMNSIFACGLLEDINIEPEQDPSD
VNKINVKIRCEEVQPKSMELDLDWSFQLKNGIPSINRQSLIPGGSVEVSHENLFGNSESATLSLSASDWRNPSADLGFSV
AYSEPFYKPHTTRNAQLFNTRKTSTIFTPGGESEVPPVFVDRFGLKGWTSQITGQDNKVEHALMLQLVSTLDENGQVVAK
GTKVQRGYYADNGPPTTNSGNGRDLSLSYQGFFALDNVRFINGNQLGERMLFQVDQGLNPSISLPGGRKLGLSGGIYNRA
TASYTKFLEAPFLPKLTTEQLWKERKAPNTVVLHAKAGNALGDVAAYDYFSLGGPYSVRGYSHGEIGAARRFLELATEVR
VPLKNYGLPGTAYGFVEYATDLGSGRELNGNPTEYYRKPGRGMSYGLGLKALGACRFEYARDCNAGTGTFLVNFGERF
;
7
4 'polypeptide(L)'
;MGGGLPPKRSEVAESQPASSASSSAAAPAPAAETAGPKLPPRPAGLGLGGAGLLPSRGAAAAPSAGSATGTPAAAASSSL
QQQQQQPAPPATQPAAHAAPAAPAGLGGAGLKPMLPPRPAAAAGAGAAGAAAAKPTPAPAPAAAPVPAAAPPPRPAMPNP
AAGMSLPPRPVVAAAPPVLAAAGSDAVVDPSEDRRVQRVQRIAHDTRVRLIRAASRLGLAPRTDQVAQFLQAIERSERMV
GAQHYKGSRRVDLLAAAEREARLAEEREGAAAEAVAGLRVKILVLGMTGTGKTELINSLLNRPAGSRTNAFREATRRVRV
VRGDHNGIPLTFIDTPGLHASASRTADNRAILRAVRAAYRWHKPDYVFYVDRLDATRPGFGEMGLLGLITESLGAGVWRN
TMAVLTHAHAARTAFGGQYDVNSRQRRNIVSQLLRQAAGDQQSRNPVFLADCHPACPTNSLGQPVILEGPTAVPWKQQLL
VQLVGYKSYNVATSAFKDLAKAKAGKAAAGAAGGARGPQDIFKQMMRSRLPPMTFFVEQMSEGVLKPEGWATMETVAGLG
EEVTEDEGAESFNHVYYRQMYELAVAGDPWAQREYAAMLRAYDKGCESYRASYEEADVDANVEYGVESYVVDPIDFGPSF
DPEDMYSHRHAYAEAADAGVTVIPSQDYYGPEHDDPLNGIVFQYEAQPFSRHGWGGVPFDLTVCCEKDKTSLCLQGETHV
SLVHSVPPFGPRHITQVTGSWEVLRPNIKDVMYQLEVDTFKDGLLGKSDHAGCGLMLARLGEGGDPRKGPTAVGVRLQDT
LRVGPFKLEACASKVAVQGPTGGKEEGWGARAFVGYDWLPGLGMAFDFIQERTPEEGGKRLRGYGANFTYDWEALGAAFG
MEVDYVAASESVFVSVNAFSGNDYRLGWLLLLPAVNYFKETVSSLWARLRGAGGGEGEEGEELEEEGEGEEGDDEEAMMM
MAQEGDL
;
9
5 'polypeptide(L)'
;MITFTFMSLVTSVKDYVEITHKLIEIEPLKNYTEFGAVFTYFIFSIGEFFKNFFSFSFLNNIWSIPIIIPDIASAMISEV
SVLDGYFHNAFTFLETSVNTTTNPSLVIFEKFVIGIINSLFLILPTSTSHLITLRRFVMQGLEAGYMAGLGTLAGNFLWL
ASIILGWRFFVIPWLSLDIFRYLLGFVLLVKYIWDSSKERRMALEDLSKWKIFLLNFLLALTEQSCIYPFISNLSFGPDA
SILEGFPVDNYPQFLLIHGAYLLGILFGSFSLLQFTCWFWENPAFSIYLWITTKSSLKISTSSYYKILNFTFLYATMLCA
IASIPYYGLDYTITNPIGLVPQDRILNQKKSQSDPDKLITETAFLNLNPTDKNSRIRDGVHARRERWKQRLIKYQAFDAS
TYDQGVYDFLTIEDLNYGFDRFWLRRKMRNHQIRFRLFPGPWMRSLKKQLNNPANPSLETSTKAASGPRVEFFRILFEQF
YHPNFHDRAAMQTNPAEARNKFISTSPLASTESKKALNSTFSLGNINNSSTGIEGLVLTNTQATLLPTDLQTKRTIKPGL
IYTNSALRKFVRNVNTRLNLKLLNSKETNLTTKYKSQFIYSKRWKSIFSKIQPLQNGTTRKSYQLFRNVAKQILVTPDAK
SLKLITINQKLSLKERKLLELRTQYNNNSTLTTTAPLTLVRPLNVYLQKEEAFKRKLRYYGTMPMRKLTVGNQAPYFKAL
MKRGFYYYKPTLRWRKTLYVASLRRGFRKKSRKQRILVMPSNQQNFNNTLDNTKTNINQNNLANPLGGNEVPMYGADGEN
SLITKPTHSYTVLGKRASRYRHQIYKDVLQHWYYTPFNRLLMKFDVDAFINRQPKSHFLTKNEERALHIRRFLLSEHYDT
LRWYTYMQHYKTMKTNIGGTKSFANRAYNQQFQGTFKKIRHLFAITPKQGDFYTLKFDQPLYNDNKLKDNLYFHEELLTD
YYNGTNLQTNQTSNISVNSTTTFIDNSLRTTQLPVPSSSFDIVNQSSTLIGLTTMQNALRKNVVESTLTSLNSDGEAATS
QPKLNFVYSELFVKLIKECKKRIHDQTFLKNYITHRIEKREQLNQEQTKELNKRLEKLKVWLNSDKGSISKLQNTPVQDP
NISSPDKVLTTAMQKAVNESISLSGIMPSDKIKTTYGNLTNAYTIKTENAILTKLNVINQLTNNETTTQKNTLIKSIGVN
KIQTVLQTIITNFKSSLYNQTQLLRVKTDKDLQWWRTKQRVITKRKSARKRDRFKKQIAVVNKKLAALSKKVETEKSNLY
QTLYGNYEISDYLLRNVPTGSSAVIDSTVLRKKQDNQAYLPKETNNVQFNSFVDSNNNVWQTFFAKKLRKKISSKGRRYR
SLSLARYLTATRKPRLVGLDNLTKIDNITTLQGAFITKEEKQDSLNLTIQRKQELTNSLKKSQIKKRSRHSWKKRSRHQF
SRNHYKYRKRHTHGNGKLRVMNKKLKKFKATNELRQWWWNSFLPRYLSNLQVNNSTLTNKNVSFKPLSNTNSVPSTNMAS
PTTSRNLLDNLNSSNQISTSASMNQNIVTESVKVETNQVYLPEGEKSFDITSMTTTLPFYAGWDESLKKFVVTNRLLSRR
DAGLSVNNNPQEINFTNPPIQGLNEGSFLYWQTEMPFNSYNIDQFITTNQSFYAPLGWRRFEFRHSILKTWVNNTKAGNN
NIKKKTLIISLKNLQPLKSSQQKQNQIKTKKLVARRIKKRYKLLKQMPNQLMYSPTGPLLTEVLPSHYISVFDQQYRLPR
NRYLKRNPLKTLKKTTLLALMDSSKQTNGVNKEFTLRKRVKPRRKYHRKRFIKKDGLIFPRRTKFNTNTTLTGNALITNN
VNSIEEDDLRWRPSSRTKQKRKDNTRSSAASKTKSNKRVKTNPLRLRQLRRREFQQVLKPLQRYIPQNGGFTWPGDYLRL
EIVEMPKLKSINIKKTSLKQKINVQPVGIMPRKYLIEKHNIKVLKKKLSQAYSTQQLTKVVQEYKNLIQNSPPAI
;
A
6 'polypeptide(L)'
;MASKKGTDAPAALTDPLKEDPTVIRDEAQFPEPSLYFKVFESEAGEPEAKIRADVNKLYDRWIEKYGRRWPEDGINTEDM
VWLAEEANKRKRAKPRPRGTVAAEKTEYEDEFMPDPTVGAPVSAADAAKAARRAKKDRKKKKAAGGAEQPAGPRTNYEKT
VAGGKWVTDEFESADYEAGNLEKLWDMYLWDREGKPTMMPDTPAAQQEGEESEDFDDFYTAYRPRDVDSEEAREAVWATD
EFESDEDNTESEWAPEYVGAGLGLVAEDPLNPQYSLRHSNHPLAPFPGEPLKWASYVYPDFTTFEGLSKQSIPHGMGVMT
FGTGTGAGFAMSQTRYGDKYEGEFQAGYAHGLGQFTSEASGEVYIGEFFAGQRHGCGMTLDMKPYFYLLERGVDPVEAYR
RTAGAIMKNVEVRTWYRGNKLGDAKEDEVVEINVLKDELDDPFEIALRNSLHDAKLRKWKAMSPQDKAMDRIVSIIERVQ
RRNPGRFGAYYREDEKGRVRPVLDSDGADTDFDSVDMIQGVDTDGDLGPGWEGATDSEENPMDPRIRELMAAEGMDDKLE
DEGFKDTVLGSAIINPYTGLDMKTYLDGKERHQAELVSVYKASREGRKYLNKVRKDKGGAAKDDESSYVEDDAASGHPGA
LLSREAEDDRLARLYEQAGVSKEDERRVEGLAARWRRLLAADEEEVLGGAVGAFRRPGNPLAANDSDTGFETESDMMEMC
DIPEILGTVQEARQIVERARMWRFKPYGEVGLRMAQDANGSPVSLMQEPLHYPHGTKFMAPGPLGLCHAVPDDPSLRQEM
AKVAHNYAAIYRMYNFDWDPEPGTVQYKIDQRIRRAQELRNNAMARYLAAADEVLRDGAAPAGEGDQALLLASTSTGAPE
AFDGQGNASGSGSSSALSSRGGSMFASMTLSRPAPMAGVVSLGRAARVVLGAFADAAKSVPMARPRLARPSGRRQ
;
E
7 'polypeptide(L)'
;MAQPPRPAEEYDDDVQEDEDELKEGELDDDESHEAASEGGEAAAGDEEAEDDEQDEEDGDEDSQPWAGLNRLPERDDMLD
ILNELRAEGRKQLTVLLLGKSSVGKSSLINSLLGEAVVRVQAFKLQADTDITTTVVRQVAVGNSEVDGFRLKLIDTCGLE
DPEAGDTVNLGALSKIAEDVRGVGIDVVLYCDRLDLYRVDPLDKAIIDAISSTFGRGIWRRTVVALTHANLVQTPPGTDY
DSFVNGRVRLIRGAVRGPLFFRPSLPVALVENSETCPVSSESGFRVLPDGEPWLVALVSQLVDMAAARRRPYKYHPRLSS
KPSHRFRWLLPVAIAAEVLFYRRFLHPRLDDNQRRVEREEERVWALRGQQRRALGLHRPHRPDKDAAWRLEQMYDDD
;
G
8 'polypeptide(L)' AAAAFAFFAGFAFAAFAAAAAAAA X
#
# COMPACT_ATOMS: atom_id res chain seq x y z
N ALA A 260 26.36 -3.68 54.86
CA ALA A 260 26.33 -5.11 54.50
C ALA A 260 26.84 -5.30 53.06
N ARG A 261 25.94 -5.49 52.10
CA ARG A 261 26.34 -5.60 50.67
C ARG A 261 27.01 -4.30 50.19
N PRO A 262 26.52 -3.08 50.52
CA PRO A 262 27.22 -1.84 50.14
C PRO A 262 28.60 -1.77 50.81
N VAL A 263 28.70 -2.20 52.07
CA VAL A 263 30.02 -2.20 52.78
C VAL A 263 30.98 -3.14 52.05
N LEU A 264 30.49 -4.31 51.61
CA LEU A 264 31.33 -5.27 50.85
C LEU A 264 31.74 -4.62 49.52
N VAL A 265 30.82 -3.88 48.90
CA VAL A 265 31.15 -3.14 47.64
C VAL A 265 32.22 -2.10 47.98
N GLY A 266 32.11 -1.47 49.15
CA GLY A 266 33.13 -0.49 49.58
C GLY A 266 34.49 -1.15 49.76
N PHE A 267 34.52 -2.38 50.29
CA PHE A 267 35.80 -3.11 50.41
C PHE A 267 36.36 -3.39 49.00
N VAL A 268 35.48 -3.75 48.07
CA VAL A 268 35.92 -3.98 46.65
C VAL A 268 36.45 -2.67 46.08
N LEU A 269 35.79 -1.54 46.40
CA LEU A 269 36.24 -0.21 45.92
C LEU A 269 37.62 0.08 46.52
N HIS A 270 37.85 -0.31 47.77
CA HIS A 270 39.17 -0.10 48.43
C HIS A 270 40.23 -0.90 47.67
N ARG A 271 39.89 -2.12 47.23
CA ARG A 271 40.84 -2.93 46.43
C ARG A 271 41.13 -2.20 45.12
N VAL A 272 40.12 -1.58 44.52
CA VAL A 272 40.32 -0.81 43.25
C VAL A 272 41.27 0.36 43.53
N LEU A 273 41.13 1.02 44.67
CA LEU A 273 42.04 2.14 45.03
C LEU A 273 43.47 1.61 45.17
N LYS A 274 43.62 0.42 45.76
CA LYS A 274 44.96 -0.21 45.89
C LYS A 274 45.50 -0.50 44.48
N THR A 275 44.64 -0.99 43.58
CA THR A 275 45.06 -1.27 42.19
C THR A 275 45.47 0.05 41.53
N LEU A 276 44.65 1.09 41.70
CA LEU A 276 44.99 2.43 41.15
C LEU A 276 46.38 2.81 41.65
N ASP A 277 46.63 2.64 42.94
CA ASP A 277 47.94 2.98 43.50
C ASP A 277 49.04 2.17 42.82
N ARG A 278 48.80 0.88 42.60
CA ARG A 278 49.78 0.05 41.91
C ARG A 278 50.00 0.54 40.48
N SER A 279 48.92 0.96 39.82
CA SER A 279 49.05 1.49 38.45
C SER A 279 49.93 2.75 38.46
N ARG A 280 49.72 3.63 39.43
CA ARG A 280 50.53 4.88 39.54
C ARG A 280 51.99 4.49 39.79
N GLN A 281 52.23 3.50 40.66
CA GLN A 281 53.61 3.05 40.96
C GLN A 281 54.25 2.46 39.69
N LEU A 282 53.48 1.67 38.94
CA LEU A 282 54.00 1.06 37.69
C LEU A 282 54.34 2.17 36.69
N GLU A 283 53.47 3.19 36.62
CA GLU A 283 53.71 4.33 35.69
C GLU A 283 55.00 5.02 36.11
N TYR A 284 55.21 5.20 37.41
CA TYR A 284 56.45 5.83 37.91
C TYR A 284 57.65 4.95 37.55
N ARG A 285 57.50 3.63 37.64
CA ARG A 285 58.63 2.70 37.38
C ARG A 285 59.10 2.81 35.93
N LEU A 286 58.18 2.94 34.96
CA LEU A 286 58.62 2.92 33.54
C LEU A 286 58.36 4.26 32.84
N ALA A 287 57.10 4.71 32.77
CA ALA A 287 56.78 5.94 32.02
C ALA A 287 57.45 7.16 32.67
N ARG A 288 57.42 7.24 34.00
CA ARG A 288 58.01 8.40 34.72
C ARG A 288 59.52 8.16 34.92
N MET A 289 60.00 6.96 34.61
CA MET A 289 61.47 6.71 34.68
C MET A 289 62.12 7.64 33.66
N GLY A 290 61.48 7.80 32.49
CA GLY A 290 62.00 8.72 31.46
C GLY A 290 62.28 10.09 32.07
N PRO A 291 61.30 10.88 32.61
CA PRO A 291 61.65 12.14 33.25
C PRO A 291 62.10 11.92 34.71
N PRO B 13 42.65 13.77 58.30
CA PRO B 13 42.96 14.08 56.90
C PRO B 13 44.44 13.81 56.61
N ARG B 14 45.14 14.76 55.98
CA ARG B 14 46.59 14.59 55.73
C ARG B 14 47.29 14.50 57.08
N LEU B 15 46.81 15.24 58.09
CA LEU B 15 47.39 15.09 59.45
C LEU B 15 47.19 13.64 59.89
N SER B 16 45.97 13.11 59.73
CA SER B 16 45.67 11.70 60.10
C SER B 16 46.47 10.73 59.22
N PHE B 17 46.70 11.07 57.95
CA PHE B 17 47.43 10.18 57.02
C PHE B 17 48.77 9.75 57.65
N LEU B 18 49.49 10.70 58.26
CA LEU B 18 50.80 10.38 58.89
C LEU B 18 50.83 10.92 60.32
N PRO B 19 50.12 10.29 61.28
CA PRO B 19 50.15 10.74 62.67
C PRO B 19 51.32 10.09 63.44
N ILE B 20 51.98 9.12 62.82
CA ILE B 20 53.11 8.40 63.50
C ILE B 20 54.23 9.41 63.75
N GLU B 21 54.80 9.40 64.95
CA GLU B 21 55.93 10.32 65.26
C GLU B 21 57.20 9.76 64.62
N TRP B 22 57.22 8.45 64.36
CA TRP B 22 58.46 7.82 63.82
C TRP B 22 58.48 7.98 62.30
N ARG B 23 57.35 7.72 61.64
CA ARG B 23 57.28 7.85 60.16
C ARG B 23 57.52 9.33 59.78
N SER B 24 57.00 10.25 60.60
CA SER B 24 57.21 11.70 60.35
C SER B 24 58.71 12.01 60.43
N ILE B 25 59.40 11.43 61.42
CA ILE B 25 60.87 11.63 61.56
C ILE B 25 61.56 11.05 60.32
N GLY B 26 61.10 9.87 59.86
CA GLY B 26 61.69 9.25 58.66
C GLY B 26 61.52 10.16 57.45
N SER B 27 60.38 10.85 57.36
CA SER B 27 60.13 11.79 56.24
C SER B 27 61.07 13.00 56.38
N ALA B 28 61.22 13.51 57.61
CA ALA B 28 62.12 14.66 57.84
C ALA B 28 63.54 14.28 57.42
N PHE B 29 63.96 13.06 57.75
CA PHE B 29 65.33 12.59 57.36
C PHE B 29 65.43 12.54 55.84
N GLY B 30 64.44 11.94 55.17
CA GLY B 30 64.44 11.89 53.70
C GLY B 30 64.62 13.28 53.13
N LEU B 31 64.11 14.29 53.83
CA LEU B 31 64.27 15.71 53.38
C LEU B 31 65.72 16.13 53.59
N GLN B 66 46.57 21.90 70.42
CA GLN B 66 46.12 20.52 70.72
C GLN B 66 46.97 19.52 69.92
N ALA B 67 47.84 20.02 69.04
CA ALA B 67 48.70 19.14 68.22
C ALA B 67 50.17 19.38 68.59
N ASP B 68 50.89 18.30 68.90
CA ASP B 68 52.34 18.42 69.23
C ASP B 68 53.14 17.63 68.19
N VAL B 69 54.19 18.25 67.63
CA VAL B 69 54.99 17.58 66.56
C VAL B 69 55.81 16.43 67.16
N GLY B 70 56.15 15.43 66.34
CA GLY B 70 56.98 14.30 66.81
C GLY B 70 58.41 14.73 67.05
N ALA B 71 59.01 14.30 68.17
CA ALA B 71 60.41 14.67 68.48
C ALA B 71 61.34 13.64 67.83
N SER B 72 61.67 13.82 66.55
CA SER B 72 62.49 12.81 65.84
C SER B 72 63.78 13.40 65.29
N LEU B 73 64.92 12.75 65.57
CA LEU B 73 66.23 13.19 65.00
C LEU B 73 66.79 12.03 64.18
N LYS B 74 67.15 12.27 62.90
CA LYS B 74 67.59 11.14 62.05
C LYS B 74 68.69 11.58 61.07
N LEU B 75 69.49 10.63 60.59
CA LEU B 75 70.57 10.94 59.60
C LEU B 75 70.97 9.65 58.88
N ASN B 76 71.52 9.75 57.66
CA ASN B 76 71.97 8.58 56.88
C ASN B 76 70.89 7.48 56.94
CA ALA B 79 69.02 7.77 63.14
C ALA B 79 67.53 7.67 63.47
N ILE B 80 67.18 7.59 64.75
CA ILE B 80 65.75 7.51 65.19
C ILE B 80 65.55 8.43 66.39
N GLY B 81 64.31 8.88 66.62
CA GLY B 81 64.03 9.77 67.77
C GLY B 81 63.12 9.12 68.79
N VAL B 82 62.26 9.90 69.44
CA VAL B 82 61.34 9.36 70.50
C VAL B 82 59.87 9.62 70.14
N SER B 83 58.97 8.75 70.60
CA SER B 83 57.51 8.92 70.37
C SER B 83 56.99 10.12 71.18
N ALA B 84 56.92 11.31 70.56
CA ALA B 84 56.34 12.48 71.26
C ALA B 84 54.83 12.52 70.98
N SER B 85 54.06 11.65 71.64
CA SER B 85 52.61 11.59 71.37
C SER B 85 51.95 12.92 71.72
N ASN B 86 51.08 13.42 70.83
CA ASN B 86 50.37 14.71 71.08
C ASN B 86 49.30 14.49 72.15
N ILE B 87 49.17 15.42 73.10
CA ILE B 87 48.08 15.32 74.10
C ILE B 87 47.28 16.63 74.05
N THR B 88 45.95 16.53 73.97
CA THR B 88 45.08 17.74 73.88
C THR B 88 44.61 18.13 75.29
N ARG B 103 45.35 17.56 81.28
CA ARG B 103 44.85 18.53 82.29
C ARG B 103 45.86 19.68 82.40
N SER B 104 46.37 19.93 83.62
CA SER B 104 47.35 21.03 83.83
C SER B 104 48.55 20.83 82.90
N SER B 105 48.95 19.57 82.66
CA SER B 105 50.10 19.26 81.78
C SER B 105 49.71 18.18 80.77
N LEU B 106 50.69 17.66 80.01
CA LEU B 106 50.41 16.63 78.97
C LEU B 106 51.45 15.50 79.08
N ILE B 107 51.08 14.27 78.72
CA ILE B 107 52.01 13.11 78.86
C ILE B 107 52.21 12.41 77.50
N PRO B 108 53.47 12.25 77.01
CA PRO B 108 53.73 11.51 75.77
C PRO B 108 53.85 9.99 75.98
N SER B 109 53.80 9.21 74.89
CA SER B 109 53.98 7.74 75.01
C SER B 109 55.47 7.37 74.87
N LEU B 110 55.80 6.08 74.90
CA LEU B 110 57.22 5.66 74.72
C LEU B 110 57.29 4.22 74.20
N LYS B 111 57.70 4.04 72.94
CA LYS B 111 57.88 2.68 72.37
C LYS B 111 59.39 2.46 72.18
N LEU B 112 59.98 1.50 72.92
CA LEU B 112 61.45 1.30 72.88
C LEU B 112 61.88 0.90 71.46
N THR B 113 61.11 0.04 70.78
CA THR B 113 61.48 -0.44 69.43
C THR B 113 61.04 0.58 68.38
N ALA B 114 61.73 1.72 68.31
CA ALA B 114 61.41 2.76 67.29
C ALA B 114 62.46 2.70 66.17
N ALA B 115 63.36 1.72 66.22
CA ALA B 115 64.45 1.60 65.21
C ALA B 115 63.85 1.33 63.83
N LYS B 116 64.01 2.26 62.89
CA LYS B 116 63.52 2.06 61.51
C LYS B 116 64.68 2.22 60.51
N GLN B 117 64.87 1.24 59.62
CA GLN B 117 65.97 1.29 58.62
C GLN B 117 65.42 0.92 57.24
N PHE B 118 65.34 1.89 56.32
CA PHE B 118 64.84 1.63 54.95
C PHE B 118 65.80 2.23 53.93
N LYS B 119 66.98 1.61 53.76
CA LYS B 119 67.99 2.11 52.80
C LYS B 119 67.42 2.05 51.39
N ARG B 120 66.72 0.97 51.06
CA ARG B 120 66.09 0.82 49.71
C ARG B 120 64.71 1.47 49.73
N ASP B 121 64.26 1.94 50.89
CA ASP B 121 62.91 2.56 51.03
C ASP B 121 61.87 1.58 50.49
N GLN B 133 58.43 -5.77 73.72
CA GLN B 133 57.23 -5.62 72.91
C GLN B 133 57.32 -6.45 71.64
N LYS B 134 56.57 -6.04 70.61
CA LYS B 134 56.53 -6.78 69.36
C LYS B 134 57.47 -6.15 68.36
N PRO B 135 58.49 -6.85 67.79
CA PRO B 135 59.34 -6.25 66.75
C PRO B 135 58.55 -5.80 65.52
N GLU B 136 59.08 -4.83 64.75
CA GLU B 136 58.31 -4.28 63.60
C GLU B 136 59.19 -4.19 62.35
N LEU B 137 58.58 -4.24 61.16
CA LEU B 137 59.34 -4.08 59.89
C LEU B 137 58.63 -2.99 59.07
N SER B 138 59.15 -1.77 59.10
CA SER B 138 58.48 -0.63 58.40
C SER B 138 59.13 -0.38 57.04
N ALA B 139 58.40 -0.65 55.95
CA ALA B 139 58.92 -0.38 54.59
C ALA B 139 58.00 0.62 53.90
N CYS B 140 58.56 1.69 53.33
CA CYS B 140 57.73 2.75 52.69
C CYS B 140 57.97 2.74 51.17
N TRP B 141 56.91 2.61 50.38
CA TRP B 141 57.06 2.66 48.90
C TRP B 141 56.52 4.00 48.40
N THR B 142 57.35 4.78 47.69
CA THR B 142 56.92 6.13 47.26
C THR B 142 57.15 6.30 45.75
N GLY B 143 56.08 6.21 44.94
CA GLY B 143 56.22 6.46 43.49
C GLY B 143 55.25 7.54 43.03
N GLU B 144 55.76 8.57 42.35
CA GLU B 144 54.91 9.69 41.87
C GLU B 144 55.11 9.86 40.36
N ALA B 145 54.05 9.67 39.57
CA ALA B 145 54.14 9.83 38.10
C ALA B 145 53.22 10.96 37.65
N GLY B 146 53.77 11.94 36.91
CA GLY B 146 52.96 13.07 36.41
C GLY B 146 52.30 13.83 37.55
N ALA B 147 50.98 14.04 37.47
CA ALA B 147 50.26 14.81 38.51
C ALA B 147 49.77 13.86 39.62
N ASP B 148 50.05 12.56 39.49
CA ASP B 148 49.57 11.57 40.48
C ASP B 148 50.70 11.17 41.43
N ARG B 149 50.46 11.24 42.74
CA ARG B 149 51.49 10.86 43.75
C ARG B 149 50.97 9.70 44.59
N ALA B 150 51.79 8.67 44.80
CA ALA B 150 51.32 7.46 45.54
C ALA B 150 52.33 7.07 46.64
N THR B 151 51.89 7.09 47.90
CA THR B 151 52.75 6.67 49.00
C THR B 151 52.11 5.46 49.68
N LEU B 152 52.95 4.51 50.07
CA LEU B 152 52.51 3.32 50.77
C LEU B 152 53.37 3.12 52.00
N LEU B 153 52.74 3.14 53.18
CA LEU B 153 53.47 2.90 54.45
C LEU B 153 53.05 1.53 55.00
N VAL B 154 53.98 0.56 55.00
CA VAL B 154 53.65 -0.82 55.47
C VAL B 154 54.44 -1.12 56.74
N ASN B 155 53.74 -1.51 57.81
CA ASN B 155 54.40 -1.99 59.06
C ASN B 155 53.99 -3.44 59.30
N VAL B 156 54.94 -4.31 59.66
CA VAL B 156 54.63 -5.75 59.84
C VAL B 156 55.19 -6.24 61.18
N ASP B 157 54.31 -6.66 62.10
CA ASP B 157 54.76 -7.22 63.40
C ASP B 157 54.56 -8.74 63.35
N PRO B 158 55.62 -9.56 63.38
CA PRO B 158 55.47 -11.01 63.29
C PRO B 158 54.74 -11.63 64.48
N VAL B 159 55.10 -11.20 65.71
CA VAL B 159 54.47 -11.77 66.93
C VAL B 159 52.98 -11.38 66.93
N MET B 160 52.68 -10.12 66.62
CA MET B 160 51.28 -9.64 66.57
C MET B 160 50.54 -10.33 65.41
N ARG B 161 51.22 -10.60 64.30
CA ARG B 161 50.57 -11.16 63.09
C ARG B 161 49.57 -10.12 62.58
N SER B 162 49.86 -8.83 62.83
CA SER B 162 48.97 -7.73 62.41
C SER B 162 49.76 -6.76 61.51
N VAL B 163 49.21 -6.38 60.37
CA VAL B 163 49.94 -5.50 59.41
C VAL B 163 49.17 -4.19 59.23
N LYS B 164 49.89 -3.05 59.32
CA LYS B 164 49.25 -1.72 59.13
C LYS B 164 49.73 -1.14 57.79
N LEU B 165 48.85 -1.08 56.80
CA LEU B 165 49.23 -0.56 55.46
C LEU B 165 48.40 0.69 55.14
N ALA B 166 49.04 1.78 54.72
CA ALA B 166 48.32 3.03 54.38
C ALA B 166 48.73 3.50 52.97
N ALA B 167 47.77 3.56 52.04
CA ALA B 167 48.06 3.97 50.67
C ALA B 167 47.25 5.22 50.35
N ALA B 168 47.94 6.27 49.89
CA ALA B 168 47.26 7.53 49.55
C ALA B 168 47.44 7.82 48.05
N VAL B 169 46.40 8.32 47.39
CA VAL B 169 46.50 8.69 45.95
C VAL B 169 46.27 10.21 45.82
N ARG B 170 47.03 10.88 44.96
CA ARG B 170 46.89 12.35 44.80
C ARG B 170 46.78 12.68 43.30
N THR B 171 45.63 12.41 42.69
CA THR B 171 45.47 12.63 41.23
C THR B 171 44.25 13.51 40.96
N PRO B 172 44.25 14.36 39.91
CA PRO B 172 43.08 15.17 39.57
C PRO B 172 41.90 14.27 39.20
N GLY B 173 42.15 13.19 38.47
CA GLY B 173 41.08 12.24 38.12
C GLY B 173 40.37 12.62 36.82
N PRO B 174 39.03 12.43 36.63
CA PRO B 174 38.42 12.74 35.34
C PRO B 174 38.35 14.24 35.03
N GLU B 175 38.52 14.61 33.75
CA GLU B 175 38.53 16.05 33.38
C GLU B 175 37.41 16.35 32.36
N TRP B 176 36.57 17.35 32.66
CA TRP B 176 35.50 17.78 31.72
C TRP B 176 36.14 18.44 30.49
N ARG B 177 37.29 19.10 30.68
CA ARG B 177 37.95 19.86 29.58
C ARG B 177 38.30 18.94 28.41
N LYS B 178 38.23 19.46 27.19
CA LYS B 178 38.47 18.62 25.97
C LYS B 178 39.56 19.29 25.12
N VAL B 179 40.39 18.49 24.46
CA VAL B 179 41.44 19.05 23.55
C VAL B 179 40.74 19.80 22.41
N LEU B 180 41.27 20.96 22.01
CA LEU B 180 40.65 21.76 20.93
C LEU B 180 41.67 21.94 19.81
N TYR B 181 41.20 22.06 18.55
CA TYR B 181 42.12 22.32 17.42
C TYR B 181 41.87 23.73 16.89
N ASN B 182 42.92 24.56 16.82
CA ASN B 182 42.75 25.90 16.22
C ASN B 182 43.25 25.82 14.77
N ASP B 183 42.37 26.07 13.80
CA ASP B 183 42.74 25.93 12.37
C ASP B 183 43.84 26.94 12.02
N GLU B 184 43.71 28.19 12.47
CA GLU B 184 44.69 29.24 12.08
C GLU B 184 46.07 28.86 12.61
N THR B 185 46.15 28.41 13.87
CA THR B 185 47.44 27.97 14.44
C THR B 185 47.89 26.69 13.73
N ASP B 186 46.95 25.89 13.25
CA ASP B 186 47.26 24.59 12.58
C ASP B 186 47.92 23.66 13.60
N LEU B 187 47.63 23.86 14.89
CA LEU B 187 48.19 23.01 15.97
C LEU B 187 47.08 22.74 16.98
N LEU B 188 47.19 21.64 17.73
CA LEU B 188 46.18 21.35 18.79
C LEU B 188 46.42 22.28 19.98
N GLU B 189 45.35 22.80 20.58
CA GLU B 189 45.51 23.62 21.81
C GLU B 189 45.15 22.71 22.98
N TYR B 190 46.12 22.40 23.85
CA TYR B 190 45.84 21.44 24.95
C TYR B 190 45.30 22.21 26.16
N PRO B 191 44.35 21.67 26.98
CA PRO B 191 43.94 22.38 28.19
C PRO B 191 45.09 22.27 29.20
N ALA B 192 46.22 22.93 28.93
CA ALA B 192 47.40 22.81 29.77
C ALA B 192 47.12 23.31 31.19
N ASP B 193 46.22 24.28 31.31
CA ASP B 193 45.84 24.81 32.64
C ASP B 193 45.61 23.62 33.58
N ASP B 194 46.20 23.65 34.78
CA ASP B 194 46.08 22.51 35.73
C ASP B 194 45.34 22.98 36.99
N GLY B 195 44.26 22.28 37.35
CA GLY B 195 43.56 22.61 38.61
C GLY B 195 44.56 22.68 39.75
N ALA B 196 44.33 23.55 40.73
CA ALA B 196 45.34 23.71 41.77
C ALA B 196 45.43 22.48 42.66
N ARG B 197 44.26 21.95 43.04
CA ARG B 197 44.24 20.72 43.87
C ARG B 197 44.93 19.61 43.10
N HIS B 198 44.32 19.14 42.01
CA HIS B 198 44.87 18.01 41.21
C HIS B 198 45.14 16.87 42.20
N THR B 199 44.24 16.71 43.18
CA THR B 199 44.47 15.69 44.23
C THR B 199 43.13 15.06 44.62
N LEU B 200 43.06 13.74 44.64
CA LEU B 200 41.83 13.01 45.05
C LEU B 200 42.29 12.06 46.17
N TYR B 201 42.51 12.60 47.36
CA TYR B 201 43.08 11.78 48.46
C TYR B 201 42.21 10.56 48.77
N VAL B 202 42.83 9.39 48.86
CA VAL B 202 42.09 8.16 49.25
C VAL B 202 42.79 7.61 50.49
N GLN B 203 42.06 7.39 51.58
CA GLN B 203 42.70 6.93 52.84
C GLN B 203 42.11 5.57 53.22
N HIS B 204 42.97 4.60 53.52
CA HIS B 204 42.50 3.23 53.88
C HIS B 204 43.61 2.53 54.68
N GLU B 205 43.41 2.38 56.00
CA GLU B 205 44.43 1.67 56.83
C GLU B 205 43.85 0.30 57.21
N VAL B 206 44.71 -0.68 57.47
CA VAL B 206 44.24 -2.03 57.89
C VAL B 206 44.76 -2.29 59.32
N ARG B 207 43.87 -2.70 60.23
CA ARG B 207 44.30 -3.01 61.62
C ARG B 207 45.26 -4.21 61.60
N GLY B 208 44.96 -5.22 60.79
CA GLY B 208 45.86 -6.38 60.67
C GLY B 208 45.19 -7.69 61.05
N ARG B 209 44.00 -7.62 61.65
CA ARG B 209 43.25 -8.85 62.02
C ARG B 209 42.46 -9.28 60.78
N ASP B 210 41.62 -10.31 60.91
CA ASP B 210 40.87 -10.83 59.73
C ASP B 210 39.99 -9.73 59.15
N LEU B 211 39.35 -8.91 60.00
CA LEU B 211 38.40 -7.90 59.47
C LEU B 211 38.53 -6.57 60.25
N LEU B 212 39.72 -5.96 60.26
CA LEU B 212 39.89 -4.64 60.90
C LEU B 212 40.42 -3.65 59.86
N HIS B 213 39.61 -2.67 59.46
CA HIS B 213 40.08 -1.63 58.50
C HIS B 213 39.44 -0.27 58.80
N ALA B 214 40.18 0.82 58.60
CA ALA B 214 39.65 2.18 58.85
C ALA B 214 39.90 3.05 57.62
N THR B 215 38.85 3.33 56.85
CA THR B 215 39.02 4.11 55.59
C THR B 215 38.47 5.53 55.79
N ARG B 216 39.26 6.55 55.49
CA ARG B 216 38.82 7.96 55.71
C ARG B 216 39.05 8.78 54.45
N LEU B 217 38.71 8.21 53.29
CA LEU B 217 38.93 8.93 52.00
C LEU B 217 38.08 10.19 51.97
N GLY B 218 38.65 11.30 51.48
CA GLY B 218 37.90 12.57 51.40
C GLY B 218 37.99 13.15 50.00
N CYS B 219 36.95 13.89 49.58
CA CYS B 219 36.94 14.49 48.22
C CYS B 219 37.90 15.68 48.22
N ARG B 220 39.20 15.41 48.14
CA ARG B 220 40.21 16.50 48.08
C ARG B 220 39.96 17.31 46.80
N LEU B 221 39.60 16.64 45.71
CA LEU B 221 39.25 17.35 44.46
C LEU B 221 38.27 18.48 44.81
N ASP B 222 38.55 19.70 44.36
CA ASP B 222 37.70 20.88 44.70
C ASP B 222 36.24 20.54 44.43
N LEU B 223 35.34 21.04 45.26
CA LEU B 223 33.89 20.82 45.02
C LEU B 223 33.58 21.45 43.66
N GLY B 224 34.18 22.60 43.36
CA GLY B 224 33.97 23.26 42.07
C GLY B 224 34.42 22.38 40.91
N ARG B 225 35.56 21.69 41.07
CA ARG B 225 36.05 20.77 40.00
C ARG B 225 35.01 19.66 39.78
N LEU B 226 34.43 19.14 40.87
CA LEU B 226 33.39 18.09 40.75
C LEU B 226 32.16 18.69 40.09
N VAL B 227 31.72 19.87 40.53
CA VAL B 227 30.47 20.48 39.99
C VAL B 227 30.63 20.66 38.48
N ASN B 228 31.81 21.11 38.04
CA ASN B 228 32.01 21.38 36.60
C ASN B 228 31.85 20.08 35.81
N TYR B 229 32.39 18.98 36.32
CA TYR B 229 32.33 17.70 35.57
C TYR B 229 30.86 17.29 35.42
N VAL B 230 30.09 17.40 36.51
CA VAL B 230 28.64 17.04 36.47
C VAL B 230 27.89 17.98 35.51
N VAL B 231 28.16 19.29 35.60
CA VAL B 231 27.42 20.29 34.75
C VAL B 231 27.73 20.01 33.28
N ASP B 232 28.99 19.71 32.96
CA ASP B 232 29.39 19.40 31.57
C ASP B 232 28.66 18.14 31.11
N PHE B 233 28.56 17.15 32.00
CA PHE B 233 27.82 15.91 31.65
C PHE B 233 26.36 16.25 31.39
N VAL B 234 25.72 17.00 32.30
CA VAL B 234 24.31 17.29 32.09
C VAL B 234 24.09 18.04 30.78
N ASP B 235 25.05 18.88 30.40
CA ASP B 235 24.87 19.71 29.17
C ASP B 235 24.98 18.87 27.90
N TYR B 236 26.18 18.42 27.55
CA TYR B 236 26.40 17.72 26.24
C TYR B 236 25.65 16.39 26.09
N ARG B 237 25.60 15.55 27.12
CA ARG B 237 25.02 14.18 26.94
C ARG B 237 23.54 14.11 27.31
N ILE B 238 23.15 14.69 28.44
CA ILE B 238 21.74 14.53 28.94
C ILE B 238 20.72 15.42 28.22
N GLU B 239 20.94 16.73 28.13
CA GLU B 239 19.94 17.67 27.57
C GLU B 239 19.30 17.11 26.29
N GLU B 240 20.09 16.52 25.39
CA GLU B 240 19.53 16.05 24.10
C GLU B 240 18.49 14.96 24.39
N ASN B 241 18.78 14.06 25.33
CA ASN B 241 17.85 12.97 25.72
C ASN B 241 16.56 13.55 26.35
N ILE B 242 16.68 14.63 27.14
CA ILE B 242 15.49 15.15 27.88
C ILE B 242 14.36 15.49 26.91
N PRO B 243 13.10 15.09 27.18
CA PRO B 243 11.96 15.41 26.32
C PRO B 243 11.55 16.89 26.36
N SER B 244 10.69 17.32 25.44
CA SER B 244 10.30 18.72 25.36
C SER B 244 9.14 19.08 26.28
N PHE B 245 8.25 18.12 26.56
CA PHE B 245 7.12 18.39 27.44
C PHE B 245 7.58 18.83 28.82
N VAL B 246 8.77 18.40 29.24
CA VAL B 246 9.34 18.91 30.48
C VAL B 246 9.71 20.38 30.32
N TRP B 247 10.31 20.75 29.19
CA TRP B 247 10.63 22.15 28.94
C TRP B 247 9.40 23.02 28.82
N ASN B 248 8.24 22.41 28.54
CA ASN B 248 6.99 23.17 28.51
C ASN B 248 6.67 23.83 29.85
N VAL B 249 7.24 23.33 30.94
CA VAL B 249 6.95 23.88 32.27
C VAL B 249 7.43 25.33 32.34
N PRO B 250 6.63 26.26 32.84
CA PRO B 250 7.08 27.66 32.89
C PRO B 250 8.21 27.88 33.88
N LEU B 251 9.15 28.75 33.49
CA LEU B 251 10.23 29.23 34.34
C LEU B 251 11.29 28.16 34.58
N LEU B 252 11.01 26.93 34.15
CA LEU B 252 12.02 25.88 34.23
C LEU B 252 13.24 26.15 33.36
N PRO B 253 13.11 26.56 32.09
CA PRO B 253 14.31 26.83 31.30
C PRO B 253 15.22 27.89 31.88
N GLN B 254 14.66 28.93 32.52
CA GLN B 254 15.51 29.95 33.13
C GLN B 254 16.33 29.38 34.28
N LEU B 255 15.69 28.57 35.12
CA LEU B 255 16.41 27.92 36.21
C LEU B 255 17.48 26.97 35.67
N TYR B 256 17.16 26.26 34.58
CA TYR B 256 18.14 25.38 33.97
C TYR B 256 19.33 26.17 33.43
N SER B 257 19.07 27.32 32.81
CA SER B 257 20.14 28.16 32.30
C SER B 257 21.02 28.65 33.44
N LEU B 258 20.41 29.04 34.55
CA LEU B 258 21.20 29.43 35.72
C LEU B 258 22.02 28.25 36.23
N LEU B 259 21.42 27.07 36.30
CA LEU B 259 22.14 25.89 36.77
C LEU B 259 23.27 25.49 35.84
N VAL B 260 23.04 25.53 34.54
CA VAL B 260 24.03 25.07 33.57
C VAL B 260 24.44 26.23 32.67
N PRO B 261 25.53 26.93 32.97
CA PRO B 261 26.00 27.99 32.08
C PRO B 261 26.64 27.42 30.82
N ALA B 262 26.68 28.23 29.77
CA ALA B 262 27.30 27.79 28.49
C ALA B 262 28.82 27.83 28.63
N ASP B 263 29.50 26.81 28.12
CA ASP B 263 30.98 26.75 28.23
C ASP B 263 31.60 27.92 27.47
N ASN B 264 32.61 28.57 28.05
CA ASN B 264 33.33 29.66 27.33
C ASN B 264 34.76 29.17 27.09
N ASP B 265 35.19 29.12 25.83
CA ASP B 265 36.54 28.57 25.50
C ASP B 265 36.62 27.16 26.10
N GLU B 266 37.72 26.85 26.79
CA GLU B 266 37.80 25.54 27.50
C GLU B 266 37.65 25.82 29.00
N GLN B 267 37.33 27.07 29.35
CA GLN B 267 37.23 27.47 30.78
C GLN B 267 36.04 26.78 31.45
N VAL B 268 36.03 26.74 32.78
CA VAL B 268 34.92 26.09 33.55
C VAL B 268 33.67 26.96 33.48
N ARG B 269 32.49 26.35 33.58
CA ARG B 269 31.22 27.12 33.58
C ARG B 269 31.07 27.79 34.95
N HIS B 270 31.48 27.11 36.03
CA HIS B 270 31.43 27.67 37.36
C HIS B 270 32.83 27.79 37.93
N ARG B 271 33.19 28.99 38.39
CA ARG B 271 34.53 29.26 38.92
C ARG B 271 34.50 29.18 40.45
N ILE B 272 34.36 27.96 40.95
CA ILE B 272 34.38 27.69 42.38
C ILE B 272 35.72 27.05 42.72
N THR B 273 36.44 27.64 43.67
CA THR B 273 37.75 27.16 44.08
C THR B 273 37.92 27.36 45.57
N GLY B 274 38.85 26.59 46.17
CA GLY B 274 39.15 26.78 47.61
C GLY B 274 38.19 26.01 48.49
N TRP B 275 37.20 25.36 47.90
CA TRP B 275 36.20 24.61 48.70
C TRP B 275 36.51 23.11 48.60
N GLU B 276 36.66 22.43 49.73
CA GLU B 276 36.99 20.99 49.74
C GLU B 276 35.95 20.23 50.57
N LEU B 277 35.86 18.91 50.38
CA LEU B 277 34.87 18.10 51.13
C LEU B 277 35.59 16.88 51.74
N ASP B 278 35.66 16.81 53.07
CA ASP B 278 36.29 15.64 53.73
C ASP B 278 35.20 14.86 54.47
N VAL B 279 35.09 13.55 54.21
CA VAL B 279 34.10 12.71 54.94
C VAL B 279 34.87 11.64 55.72
N SER B 280 34.61 11.52 57.02
CA SER B 280 35.27 10.45 57.81
C SER B 280 34.22 9.41 58.21
N HIS B 281 34.35 8.18 57.73
CA HIS B 281 33.40 7.10 58.07
C HIS B 281 34.08 5.74 57.87
N ASP B 282 34.39 5.05 58.97
CA ASP B 282 35.08 3.74 58.88
C ASP B 282 34.08 2.66 59.29
N PHE B 283 33.95 1.59 58.50
CA PHE B 283 32.91 0.56 58.78
C PHE B 283 33.18 -0.08 60.15
N ALA B 284 34.45 -0.38 60.45
CA ALA B 284 34.79 -0.95 61.78
C ALA B 284 34.49 0.08 62.89
N ARG B 285 34.86 1.34 62.68
CA ARG B 285 34.67 2.37 63.74
C ARG B 285 33.18 2.60 64.03
N SER B 286 32.35 2.70 62.98
CA SER B 286 30.91 3.00 63.18
C SER B 286 30.06 2.31 62.10
N GLY B 287 28.81 1.97 62.41
CA GLY B 287 27.92 1.37 61.40
C GLY B 287 27.51 2.41 60.37
N LEU B 288 27.00 3.56 60.82
CA LEU B 288 26.59 4.65 59.89
C LEU B 288 26.74 6.02 60.58
N LEU B 289 27.96 6.46 60.87
CA LEU B 289 28.15 7.83 61.44
C LEU B 289 29.26 8.57 60.70
N PRO B 290 29.08 9.08 59.45
CA PRO B 290 30.11 9.87 58.77
C PRO B 290 30.22 11.30 59.34
N VAL B 291 31.45 11.81 59.46
CA VAL B 291 31.65 13.22 59.93
C VAL B 291 31.84 14.09 58.69
N VAL B 292 30.93 15.04 58.45
CA VAL B 292 31.00 15.85 57.24
C VAL B 292 31.82 17.09 57.54
N ALA B 293 32.87 17.33 56.76
CA ALA B 293 33.79 18.43 57.01
C ALA B 293 33.98 19.22 55.71
N ILE B 294 33.43 20.44 55.67
CA ILE B 294 33.65 21.33 54.54
C ILE B 294 34.79 22.28 54.91
N SER B 295 35.74 22.45 54.00
CA SER B 295 36.91 23.28 54.24
C SER B 295 36.97 24.40 53.21
N LYS B 296 37.09 25.62 53.68
CA LYS B 296 37.28 26.79 52.83
C LYS B 296 38.70 27.31 53.05
N THR B 297 39.48 27.36 51.97
CA THR B 297 40.87 27.79 52.00
C THR B 297 40.98 29.03 51.11
N SER B 298 40.83 30.20 51.73
CA SER B 298 40.84 31.47 51.01
C SER B 298 42.00 32.32 51.51
N LYS B 299 42.81 32.82 50.57
CA LYS B 299 43.94 33.67 50.94
C LYS B 299 43.46 35.05 51.40
N LYS B 300 42.38 35.55 50.81
CA LYS B 300 41.91 36.89 51.12
C LYS B 300 41.47 37.03 52.58
N LEU B 301 40.88 35.98 53.15
CA LEU B 301 40.36 36.04 54.52
C LEU B 301 41.51 36.16 55.50
N LEU B 302 41.72 37.35 56.03
CA LEU B 302 42.75 37.61 57.05
C LEU B 302 44.12 37.15 56.59
N GLY B 303 44.43 37.36 55.31
CA GLY B 303 45.69 36.91 54.77
C GLY B 303 45.88 35.41 54.80
N GLY B 304 44.84 34.67 54.45
CA GLY B 304 44.89 33.22 54.45
C GLY B 304 44.31 32.63 55.72
N GLY B 305 44.10 31.31 55.67
CA GLY B 305 43.52 30.60 56.80
C GLY B 305 42.41 29.66 56.37
N THR B 306 42.44 28.43 56.87
CA THR B 306 41.47 27.41 56.52
C THR B 306 40.35 27.38 57.55
N LEU B 307 39.12 27.60 57.10
CA LEU B 307 37.94 27.57 58.00
C LEU B 307 37.19 26.27 57.74
N THR B 308 37.34 25.29 58.63
CA THR B 308 36.72 23.97 58.40
C THR B 308 35.53 23.80 59.36
N ALA B 309 34.36 23.45 58.83
CA ALA B 309 33.19 23.20 59.69
C ALA B 309 32.93 21.68 59.71
N SER B 310 32.90 21.08 60.90
CA SER B 310 32.74 19.61 60.98
C SER B 310 31.44 19.27 61.72
N TYR B 311 30.65 18.34 61.18
CA TYR B 311 29.41 17.90 61.85
C TYR B 311 29.51 16.41 62.16
N ASP B 312 29.76 16.07 63.43
CA ASP B 312 29.81 14.63 63.84
C ASP B 312 28.42 14.23 64.30
N ALA B 313 27.75 13.34 63.57
CA ALA B 313 26.39 12.88 63.93
C ALA B 313 26.42 12.13 65.27
N ALA B 314 27.43 11.27 65.47
CA ALA B 314 27.49 10.44 66.69
C ALA B 314 27.64 11.31 67.94
N ALA B 315 28.52 12.32 67.89
CA ALA B 315 28.79 13.14 69.10
C ALA B 315 27.91 14.40 69.13
N ARG B 316 27.11 14.64 68.08
CA ARG B 316 26.31 15.88 67.99
C ARG B 316 27.27 17.06 68.18
N GLU B 317 28.44 17.02 67.52
CA GLU B 317 29.47 18.07 67.74
C GLU B 317 29.70 18.90 66.49
N ALA B 318 29.70 20.23 66.63
CA ALA B 318 30.04 21.10 65.47
C ALA B 318 31.47 21.59 65.68
N GLY B 319 32.37 21.29 64.73
CA GLY B 319 33.78 21.65 64.92
C GLY B 319 34.21 22.82 64.07
N VAL B 320 33.72 24.03 64.39
CA VAL B 320 34.18 25.24 63.66
C VAL B 320 35.69 25.37 63.93
N SER B 321 36.49 25.56 62.88
CA SER B 321 37.97 25.62 63.06
C SER B 321 38.55 26.77 62.25
N LEU B 322 39.63 27.40 62.75
CA LEU B 322 40.30 28.49 62.00
C LEU B 322 41.81 28.18 62.00
N SER B 323 42.24 27.20 61.20
CA SER B 323 43.66 26.79 61.21
C SER B 323 44.46 27.62 60.19
N ARG B 324 45.45 28.38 60.67
CA ARG B 324 46.31 29.17 59.74
C ARG B 324 47.78 28.81 60.00
N LYS B 325 48.53 28.44 58.95
CA LYS B 325 49.97 28.12 59.10
C LYS B 325 50.17 27.01 60.15
N GLY B 326 49.30 25.99 60.15
CA GLY B 326 49.46 24.85 61.08
C GLY B 326 48.95 25.15 62.47
N VAL B 327 48.22 26.25 62.66
CA VAL B 327 47.62 26.56 64.00
C VAL B 327 46.57 25.50 64.33
N SER B 328 46.43 25.15 65.62
CA SER B 328 45.39 24.16 66.02
C SER B 328 44.22 24.89 66.68
N VAL B 329 43.02 24.75 66.12
CA VAL B 329 41.81 25.42 66.69
C VAL B 329 40.66 24.40 66.71
N GLY B 330 39.74 24.53 67.67
CA GLY B 330 38.61 23.60 67.78
C GLY B 330 37.51 24.13 68.68
N ALA B 331 36.52 24.82 68.09
CA ALA B 331 35.38 25.34 68.88
C ALA B 331 34.40 24.20 69.11
N ARG B 332 34.80 23.17 69.86
CA ARG B 332 33.94 21.97 70.09
C ARG B 332 32.53 22.39 70.53
N VAL B 333 31.51 21.94 69.80
CA VAL B 333 30.09 22.25 70.16
C VAL B 333 29.39 20.93 70.52
N ALA B 334 30.12 19.96 71.06
CA ALA B 334 29.54 18.63 71.35
C ALA B 334 28.37 18.76 72.33
N ARG B 335 27.28 18.02 72.07
CA ARG B 335 26.10 18.07 72.97
C ARG B 335 25.94 16.71 73.67
N ASP C 149 -2.11 33.85 -9.10
CA ASP C 149 -1.43 32.98 -8.11
C ASP C 149 -0.86 33.84 -6.98
N LEU C 150 -1.41 33.72 -5.77
CA LEU C 150 -0.93 34.50 -4.60
C LEU C 150 0.51 34.11 -4.27
N GLU C 151 0.84 32.83 -4.36
CA GLU C 151 2.21 32.34 -4.02
C GLU C 151 3.24 32.98 -4.96
N GLU C 152 2.93 33.07 -6.25
CA GLU C 152 3.89 33.62 -7.24
C GLU C 152 3.60 35.10 -7.47
N LYS C 153 2.69 35.68 -6.68
CA LYS C 153 2.26 37.09 -6.89
C LYS C 153 3.45 38.04 -6.69
N PRO C 154 3.50 39.17 -7.43
CA PRO C 154 4.57 40.16 -7.26
C PRO C 154 4.43 40.89 -5.92
N GLY C 155 3.32 40.67 -5.22
CA GLY C 155 3.10 41.31 -3.90
C GLY C 155 4.21 40.93 -2.94
N GLU C 156 4.69 39.69 -3.00
CA GLU C 156 5.86 39.30 -2.15
C GLU C 156 7.07 40.15 -2.55
N ARG C 157 7.76 40.73 -1.57
CA ARG C 157 8.96 41.56 -1.84
C ARG C 157 10.01 41.24 -0.77
N SER C 158 11.27 41.04 -1.16
CA SER C 158 12.29 40.59 -0.18
C SER C 158 13.63 41.29 -0.44
N GLY C 159 14.48 41.39 0.58
CA GLY C 159 15.82 42.00 0.40
C GLY C 159 16.83 40.98 -0.07
N THR C 160 16.41 39.73 -0.23
CA THR C 160 17.31 38.63 -0.68
C THR C 160 17.43 38.64 -2.20
N ASN C 161 18.09 37.63 -2.77
CA ASN C 161 18.25 37.54 -4.24
C ASN C 161 16.94 37.00 -4.83
N ARG C 162 15.94 37.88 -4.99
CA ARG C 162 14.61 37.42 -5.46
C ARG C 162 14.42 37.81 -6.92
N CYS C 163 14.08 36.84 -7.77
CA CYS C 163 13.87 37.10 -9.22
C CYS C 163 12.73 38.09 -9.42
N VAL C 164 12.96 39.13 -10.23
CA VAL C 164 11.92 40.11 -10.52
C VAL C 164 11.22 39.83 -11.85
N GLU C 165 11.97 39.44 -12.88
CA GLU C 165 11.39 39.19 -14.19
C GLU C 165 12.23 38.15 -14.91
N ILE C 166 11.60 37.49 -15.88
CA ILE C 166 12.23 36.47 -16.70
C ILE C 166 12.09 36.86 -18.16
N VAL C 167 13.22 36.82 -18.90
CA VAL C 167 13.20 37.18 -20.35
C VAL C 167 13.70 35.97 -21.14
N ILE C 168 12.93 35.51 -22.13
CA ILE C 168 13.39 34.39 -22.99
C ILE C 168 13.76 34.97 -24.36
N GLU C 169 14.98 34.71 -24.84
CA GLU C 169 15.44 35.28 -26.13
C GLU C 169 16.00 34.16 -27.01
N GLY C 170 15.88 34.30 -28.32
CA GLY C 170 16.46 33.29 -29.24
C GLY C 170 15.61 32.04 -29.32
N TRP C 171 14.40 32.08 -28.76
CA TRP C 171 13.52 30.88 -28.75
C TRP C 171 13.11 30.58 -30.20
N PRO C 172 13.24 29.32 -30.68
CA PRO C 172 12.76 28.99 -32.03
C PRO C 172 11.23 29.03 -32.02
N ASP C 173 10.64 29.78 -32.97
CA ASP C 173 9.15 29.91 -33.03
C ASP C 173 8.61 29.10 -34.21
N VAL C 174 9.41 28.94 -35.27
CA VAL C 174 9.01 28.14 -36.46
C VAL C 174 8.82 26.68 -36.02
N GLY C 175 9.64 26.20 -35.08
CA GLY C 175 9.59 24.79 -34.64
C GLY C 175 8.36 24.47 -33.82
N ASN C 176 8.12 23.18 -33.55
CA ASN C 176 6.90 22.74 -32.82
C ASN C 176 7.14 22.84 -31.31
N LEU C 177 8.24 23.49 -30.91
CA LEU C 177 8.57 23.66 -29.46
C LEU C 177 7.43 24.38 -28.75
N PRO C 178 7.13 24.06 -27.48
CA PRO C 178 6.06 24.72 -26.74
C PRO C 178 6.31 26.23 -26.66
N THR C 179 5.25 27.04 -26.72
CA THR C 179 5.41 28.52 -26.73
C THR C 179 6.34 28.99 -25.62
N ALA C 180 7.04 30.10 -25.82
CA ALA C 180 8.01 30.62 -24.83
C ALA C 180 7.30 30.83 -23.49
N ASP C 181 6.05 31.31 -23.51
CA ASP C 181 5.29 31.50 -22.24
C ASP C 181 5.11 30.15 -21.55
N GLU C 182 4.82 29.09 -22.31
CA GLU C 182 4.69 27.72 -21.73
C GLU C 182 6.05 27.29 -21.15
N LEU C 183 7.14 27.61 -21.84
CA LEU C 183 8.49 27.26 -21.34
C LEU C 183 8.74 28.00 -20.01
N LYS C 184 8.34 29.27 -19.94
CA LYS C 184 8.53 30.05 -18.70
C LYS C 184 7.86 29.31 -17.55
N ASP C 185 6.68 28.74 -17.81
CA ASP C 185 5.95 28.02 -16.76
C ASP C 185 6.76 26.82 -16.26
N LEU C 186 7.49 26.17 -17.17
CA LEU C 186 8.24 24.93 -16.78
C LEU C 186 9.47 25.28 -15.94
N LEU C 187 9.98 26.50 -16.06
CA LEU C 187 11.22 26.88 -15.35
C LEU C 187 11.07 26.79 -13.84
N THR C 188 12.12 26.28 -13.20
CA THR C 188 12.13 26.20 -11.71
C THR C 188 12.08 27.61 -11.15
N VAL C 189 12.90 28.51 -11.70
CA VAL C 189 12.90 29.89 -11.23
C VAL C 189 11.53 30.50 -11.44
N GLN C 190 11.04 31.23 -10.43
CA GLN C 190 9.73 31.92 -10.58
C GLN C 190 9.85 33.38 -10.12
N GLU C 191 9.06 34.26 -10.72
CA GLU C 191 9.07 35.69 -10.32
C GLU C 191 8.56 35.80 -8.89
N GLY C 192 9.14 36.70 -8.09
CA GLY C 192 8.73 36.87 -6.68
C GLY C 192 9.25 35.75 -5.81
N HIS C 193 10.21 34.98 -6.31
CA HIS C 193 10.78 33.85 -5.53
C HIS C 193 12.31 33.91 -5.55
N ILE C 194 12.96 33.44 -4.48
CA ILE C 194 14.45 33.54 -4.40
C ILE C 194 15.09 32.37 -5.14
N PHE C 195 16.35 32.55 -5.50
CA PHE C 195 17.06 31.51 -6.28
C PHE C 195 18.53 31.48 -5.89
N GLU C 196 19.24 30.45 -6.34
CA GLU C 196 20.67 30.30 -6.10
C GLU C 196 21.33 29.86 -7.39
N LYS C 197 22.67 29.81 -7.37
CA LYS C 197 23.41 29.35 -8.54
C LYS C 197 22.99 27.95 -8.96
N GLN C 198 22.63 27.10 -7.99
CA GLN C 198 22.22 25.74 -8.30
C GLN C 198 20.98 25.71 -9.17
N ASP C 199 20.05 26.63 -8.90
CA ASP C 199 18.80 26.68 -9.68
C ASP C 199 19.15 26.86 -11.16
N LEU C 200 19.87 27.94 -11.47
CA LEU C 200 20.24 28.24 -12.87
C LEU C 200 20.97 27.04 -13.47
N LEU C 201 21.89 26.44 -12.71
CA LEU C 201 22.69 25.32 -13.29
C LEU C 201 21.74 24.20 -13.68
N ASP C 202 20.77 23.87 -12.80
CA ASP C 202 19.84 22.75 -13.09
C ASP C 202 18.97 23.08 -14.29
N ASP C 203 18.52 24.33 -14.39
CA ASP C 203 17.62 24.71 -15.51
C ASP C 203 18.37 24.49 -16.82
N ARG C 204 19.64 24.88 -16.86
CA ARG C 204 20.40 24.76 -18.13
C ARG C 204 20.45 23.29 -18.53
N ARG C 205 20.71 22.39 -17.57
CA ARG C 205 20.87 20.96 -17.93
C ARG C 205 19.50 20.37 -18.28
N LYS C 206 18.44 20.88 -17.65
CA LYS C 206 17.07 20.39 -17.94
C LYS C 206 16.67 20.79 -19.36
N LEU C 207 16.49 22.09 -19.60
CA LEU C 207 16.04 22.59 -20.93
C LEU C 207 16.85 21.89 -22.04
N GLU C 208 18.15 21.67 -21.81
CA GLU C 208 18.99 21.09 -22.88
C GLU C 208 18.42 19.74 -23.30
N ILE C 209 18.30 18.79 -22.38
CA ILE C 209 17.84 17.42 -22.75
C ILE C 209 16.39 17.50 -23.26
N GLN C 210 15.56 18.30 -22.58
CA GLN C 210 14.14 18.44 -22.99
C GLN C 210 14.07 18.64 -24.50
N TYR C 211 14.94 19.49 -25.04
CA TYR C 211 14.91 19.78 -26.50
C TYR C 211 16.14 19.14 -27.16
N GLU C 212 17.32 19.76 -27.04
CA GLU C 212 18.58 19.22 -27.60
C GLU C 212 18.58 19.31 -29.13
N ASP C 213 17.52 18.81 -29.77
CA ASP C 213 17.47 18.78 -31.26
C ASP C 213 17.41 20.22 -31.80
N TYR C 214 16.31 20.93 -31.52
CA TYR C 214 16.10 22.28 -32.10
C TYR C 214 17.09 23.29 -31.52
N ILE C 215 17.44 23.16 -30.25
CA ILE C 215 18.32 24.20 -29.62
C ILE C 215 19.74 23.68 -29.48
N ALA C 216 20.71 24.39 -30.05
CA ALA C 216 22.13 23.99 -29.96
C ALA C 216 22.67 24.33 -28.57
N GLU C 217 22.34 25.52 -28.05
CA GLU C 217 22.98 25.89 -26.75
C GLU C 217 22.07 26.83 -25.95
N VAL C 218 22.16 26.76 -24.62
CA VAL C 218 21.39 27.64 -23.74
C VAL C 218 22.36 28.44 -22.89
N GLU C 219 22.15 29.75 -22.83
CA GLU C 219 22.94 30.64 -22.00
C GLU C 219 22.01 31.32 -21.00
N ILE C 220 22.34 31.20 -19.72
CA ILE C 220 21.55 31.82 -18.65
C ILE C 220 22.41 32.89 -18.01
N ARG C 221 21.86 34.12 -17.92
CA ARG C 221 22.60 35.22 -17.24
C ARG C 221 21.67 35.87 -16.20
N THR C 222 22.24 36.53 -15.18
CA THR C 222 21.42 37.14 -14.10
C THR C 222 21.84 38.59 -13.85
N GLU C 223 21.45 39.51 -14.75
CA GLU C 223 21.81 40.94 -14.59
C GLU C 223 21.13 41.51 -13.34
N TYR C 224 21.80 42.43 -12.64
CA TYR C 224 21.21 43.05 -11.41
C TYR C 224 20.36 44.25 -11.82
N VAL C 225 19.05 44.22 -11.51
CA VAL C 225 18.19 45.36 -11.79
C VAL C 225 18.78 46.62 -11.16
N ASP C 226 19.11 46.54 -9.88
CA ASP C 226 19.86 47.56 -9.18
C ASP C 226 20.87 46.86 -8.27
N GLY C 227 22.00 47.53 -8.03
CA GLY C 227 23.01 46.94 -7.19
C GLY C 227 22.56 46.77 -5.74
N LYS C 228 21.90 47.79 -5.20
CA LYS C 228 21.56 47.79 -3.79
C LYS C 228 20.45 46.79 -3.45
N SER C 229 19.49 46.60 -4.36
CA SER C 229 18.32 45.79 -4.04
C SER C 229 18.66 44.31 -3.89
N ASN C 230 19.61 43.83 -4.70
CA ASN C 230 19.94 42.38 -4.74
C ASN C 230 18.85 41.70 -5.59
N HIS C 231 17.78 42.42 -5.94
CA HIS C 231 16.76 41.87 -6.87
C HIS C 231 17.42 41.68 -8.24
N GLN C 232 17.19 40.56 -8.91
CA GLN C 232 17.89 40.28 -10.19
C GLN C 232 16.89 39.88 -11.28
N ARG C 233 17.33 39.88 -12.54
CA ARG C 233 16.45 39.44 -13.67
C ARG C 233 17.13 38.27 -14.38
N VAL C 234 16.38 37.20 -14.65
CA VAL C 234 16.99 35.98 -15.28
C VAL C 234 16.72 35.98 -16.78
N VAL C 235 17.77 36.03 -17.60
CA VAL C 235 17.65 36.05 -19.05
C VAL C 235 18.14 34.72 -19.59
N TYR C 236 17.26 34.03 -20.30
CA TYR C 236 17.60 32.80 -21.01
C TYR C 236 17.70 33.11 -22.50
N LYS C 237 18.89 32.90 -23.05
CA LYS C 237 19.11 33.13 -24.51
C LYS C 237 19.38 31.77 -25.15
N PHE C 238 18.62 31.42 -26.18
CA PHE C 238 18.76 30.06 -26.78
C PHE C 238 19.41 30.15 -28.16
N THR C 239 20.40 29.33 -28.45
CA THR C 239 20.97 29.36 -29.82
C THR C 239 20.39 28.18 -30.62
N PRO C 240 19.39 28.38 -31.50
CA PRO C 240 18.77 27.26 -32.21
C PRO C 240 19.78 26.60 -33.15
N HIS C 241 19.83 25.27 -33.16
CA HIS C 241 20.75 24.54 -34.06
C HIS C 241 20.26 24.68 -35.50
N GLN C 242 20.92 25.52 -36.30
CA GLN C 242 20.52 25.72 -37.72
C GLN C 242 21.70 25.34 -38.62
N PHE C 243 21.45 24.50 -39.64
CA PHE C 243 22.58 24.01 -40.48
C PHE C 243 22.19 24.06 -41.96
N ARG C 244 22.61 25.10 -42.68
CA ARG C 244 22.36 25.26 -44.16
C ARG C 244 20.99 25.88 -44.39
N GLY C 245 20.79 26.51 -45.56
CA GLY C 245 19.52 27.21 -45.84
C GLY C 245 18.73 26.56 -46.96
N ILE C 246 17.45 26.27 -46.72
CA ILE C 246 16.59 25.71 -47.79
C ILE C 246 15.58 26.78 -48.21
N ASN C 247 15.42 27.01 -49.51
CA ASN C 247 14.40 27.97 -50.00
C ASN C 247 13.15 27.24 -50.51
N ALA C 248 13.20 25.92 -50.66
CA ALA C 248 12.05 25.18 -51.25
C ALA C 248 11.84 23.84 -50.54
N ILE C 249 10.60 23.32 -50.55
CA ILE C 249 10.30 21.99 -49.95
C ILE C 249 9.60 21.14 -51.01
N ASP C 250 10.02 19.88 -51.20
CA ASP C 250 9.35 18.97 -52.17
C ASP C 250 9.22 17.56 -51.58
N ILE C 251 8.16 16.84 -51.95
CA ILE C 251 7.91 15.47 -51.41
C ILE C 251 7.82 14.50 -52.58
N LYS C 252 8.38 13.29 -52.45
CA LYS C 252 8.41 12.32 -53.58
C LYS C 252 8.14 10.90 -53.05
N GLY C 253 7.47 10.06 -53.85
CA GLY C 253 7.19 8.70 -53.46
C GLY C 253 5.91 8.49 -52.69
N ALA C 254 5.22 9.56 -52.30
CA ALA C 254 3.95 9.44 -51.59
C ALA C 254 2.82 9.26 -52.61
N ALA C 255 2.75 8.05 -53.16
CA ALA C 255 1.76 7.73 -54.18
C ALA C 255 0.34 7.88 -53.65
N LEU C 256 0.06 7.31 -52.47
CA LEU C 256 -1.30 7.30 -51.95
C LEU C 256 -1.76 8.67 -51.44
N MET C 257 -0.83 9.56 -51.14
CA MET C 257 -1.21 10.89 -50.69
C MET C 257 -1.82 11.68 -51.85
N PRO C 258 -2.94 12.36 -51.64
CA PRO C 258 -3.52 13.17 -52.71
C PRO C 258 -2.63 14.34 -53.07
N ALA C 259 -2.67 14.71 -54.36
CA ALA C 259 -1.84 15.80 -54.86
C ALA C 259 -2.16 17.11 -54.16
N SER C 260 -3.43 17.32 -53.81
CA SER C 260 -3.83 18.58 -53.20
C SER C 260 -3.17 18.79 -51.83
N GLU C 261 -3.09 17.71 -51.04
CA GLU C 261 -2.57 17.84 -49.68
C GLU C 261 -1.10 18.26 -49.67
N VAL C 262 -0.31 17.74 -50.62
CA VAL C 262 1.11 18.05 -50.66
C VAL C 262 1.34 19.53 -50.90
N GLU C 263 0.51 20.15 -51.74
CA GLU C 263 0.72 21.53 -52.14
C GLU C 263 0.66 22.47 -50.94
N ARG C 264 -0.19 22.15 -49.97
CA ARG C 264 -0.38 23.05 -48.80
C ARG C 264 0.81 22.96 -47.85
N ILE C 265 1.62 21.90 -47.93
CA ILE C 265 2.75 21.70 -46.97
C ILE C 265 3.74 22.86 -47.08
N CYS C 266 4.23 23.15 -48.29
CA CYS C 266 5.23 24.24 -48.47
C CYS C 266 4.61 25.59 -48.08
N ASN C 267 3.34 25.79 -48.44
CA ASN C 267 2.63 27.05 -48.08
C ASN C 267 2.53 27.14 -46.55
N GLU C 268 2.28 26.02 -45.88
CA GLU C 268 2.18 26.01 -44.39
C GLU C 268 3.51 26.43 -43.78
N CYS C 269 4.63 26.00 -44.37
CA CYS C 269 5.97 26.35 -43.81
C CYS C 269 6.18 27.86 -43.85
N LEU C 270 5.83 28.52 -44.97
CA LEU C 270 5.93 30.01 -45.09
C LEU C 270 7.24 30.56 -44.50
N PRO C 271 8.44 30.16 -44.96
CA PRO C 271 9.69 30.61 -44.32
C PRO C 271 9.79 32.14 -44.33
N LYS C 272 10.12 32.73 -43.17
CA LYS C 272 10.17 34.21 -43.05
C LYS C 272 11.26 34.81 -43.94
N GLN C 273 12.44 34.19 -44.01
CA GLN C 273 13.57 34.78 -44.78
C GLN C 273 14.31 33.67 -45.55
N PRO C 274 14.55 33.74 -46.88
CA PRO C 274 15.33 32.69 -47.53
C PRO C 274 16.82 32.96 -47.32
N TYR C 275 17.26 32.99 -46.05
CA TYR C 275 18.69 33.22 -45.73
C TYR C 275 19.06 32.49 -44.44
N MET C 276 20.26 32.75 -43.89
CA MET C 276 20.72 32.08 -42.65
C MET C 276 20.62 30.56 -42.79
N VAL C 277 20.07 29.87 -41.78
CA VAL C 277 20.03 28.38 -41.83
C VAL C 277 18.72 27.87 -41.22
N ASP C 278 18.18 26.76 -41.75
CA ASP C 278 16.85 26.26 -41.28
C ASP C 278 16.89 24.74 -41.05
N ILE C 279 16.85 24.29 -39.79
CA ILE C 279 16.78 22.82 -39.50
C ILE C 279 15.42 22.48 -38.87
N ALA C 280 14.77 23.45 -38.23
CA ALA C 280 13.48 23.22 -37.54
C ALA C 280 12.39 22.82 -38.54
N VAL C 281 12.38 23.41 -39.73
CA VAL C 281 11.30 23.16 -40.73
C VAL C 281 11.28 21.68 -41.12
N MET C 282 12.44 21.03 -41.18
CA MET C 282 12.49 19.62 -41.65
C MET C 282 11.64 18.74 -40.71
N ASP C 283 11.74 18.96 -39.40
CA ASP C 283 10.94 18.18 -38.43
C ASP C 283 9.45 18.45 -38.62
N LYS C 284 9.07 19.70 -38.89
CA LYS C 284 7.64 20.06 -39.06
C LYS C 284 7.07 19.32 -40.28
N VAL C 285 7.83 19.26 -41.38
CA VAL C 285 7.37 18.53 -42.59
C VAL C 285 7.23 17.05 -42.25
N ARG C 286 8.28 16.47 -41.65
CA ARG C 286 8.27 15.03 -41.28
C ARG C 286 6.99 14.72 -40.50
N ASN C 287 6.63 15.55 -39.52
CA ASN C 287 5.45 15.28 -38.65
C ASN C 287 4.15 15.27 -39.46
N ARG C 288 3.96 16.22 -40.38
CA ARG C 288 2.66 16.35 -41.09
C ARG C 288 2.32 15.07 -41.86
N ILE C 289 3.17 14.68 -42.82
CA ILE C 289 2.92 13.47 -43.66
C ILE C 289 2.65 12.25 -42.78
N GLU C 290 3.53 12.01 -41.80
CA GLU C 290 3.37 10.82 -40.93
C GLU C 290 2.03 10.90 -40.22
N GLN C 291 1.67 12.08 -39.72
CA GLN C 291 0.38 12.26 -39.02
C GLN C 291 -0.76 11.83 -39.95
N TRP C 292 -0.78 12.34 -41.18
CA TRP C 292 -1.85 11.98 -42.16
C TRP C 292 -1.89 10.46 -42.35
N TYR C 293 -0.72 9.86 -42.63
CA TYR C 293 -0.72 8.41 -42.89
C TYR C 293 -1.33 7.68 -41.70
N GLN C 294 -0.94 8.05 -40.47
CA GLN C 294 -1.44 7.36 -39.26
C GLN C 294 -2.96 7.54 -39.13
N SER C 295 -3.44 8.77 -39.29
CA SER C 295 -4.90 9.05 -39.19
C SER C 295 -5.65 8.19 -40.19
N ARG C 296 -5.09 7.99 -41.40
CA ARG C 296 -5.75 7.07 -42.35
C ARG C 296 -5.72 5.65 -41.76
N GLY C 297 -4.72 5.35 -40.91
CA GLY C 297 -4.62 4.06 -40.27
C GLY C 297 -3.49 3.18 -40.74
N LEU C 298 -2.61 3.67 -41.61
CA LEU C 298 -1.48 2.87 -42.06
C LEU C 298 -0.26 3.23 -41.22
N PRO C 299 0.28 2.33 -40.35
CA PRO C 299 1.40 2.69 -39.48
C PRO C 299 2.78 2.29 -40.04
N PHE C 300 2.81 1.59 -41.17
CA PHE C 300 4.10 1.09 -41.71
C PHE C 300 4.62 2.03 -42.81
N CYS C 301 3.96 3.18 -43.00
CA CYS C 301 4.42 4.16 -44.02
C CYS C 301 5.13 5.32 -43.32
N TYR C 302 6.37 5.60 -43.69
CA TYR C 302 7.17 6.65 -42.99
C TYR C 302 8.11 7.33 -44.00
N VAL C 303 8.68 8.48 -43.64
CA VAL C 303 9.66 9.13 -44.55
C VAL C 303 10.97 8.33 -44.47
N GLY C 304 11.38 7.74 -45.59
CA GLY C 304 12.61 6.92 -45.59
C GLY C 304 13.85 7.75 -45.31
N PHE C 305 13.95 8.94 -45.91
CA PHE C 305 15.15 9.79 -45.73
C PHE C 305 14.95 11.14 -46.43
N PHE C 306 15.67 12.16 -45.97
CA PHE C 306 15.62 13.47 -46.61
C PHE C 306 16.83 13.63 -47.53
N ASP C 307 16.64 14.37 -48.62
CA ASP C 307 17.68 14.52 -49.62
C ASP C 307 17.56 15.89 -50.26
N GLY C 308 18.45 16.18 -51.21
CA GLY C 308 18.39 17.46 -51.95
C GLY C 308 18.79 18.64 -51.09
N MET C 309 19.27 18.38 -49.87
CA MET C 309 19.61 19.48 -48.92
C MET C 309 20.72 20.35 -49.53
N ASP C 310 21.69 19.74 -50.21
CA ASP C 310 22.81 20.50 -50.83
C ASP C 310 22.26 21.45 -51.88
N ASP C 311 21.26 21.00 -52.66
CA ASP C 311 20.69 21.84 -53.74
C ASP C 311 19.82 22.95 -53.14
N GLY C 312 19.65 22.93 -51.81
CA GLY C 312 18.81 23.95 -51.14
C GLY C 312 17.32 23.64 -51.23
N ILE C 313 16.97 22.42 -51.65
CA ILE C 313 15.53 22.01 -51.72
C ILE C 313 15.29 20.87 -50.73
N LEU C 314 14.23 20.95 -49.92
CA LEU C 314 13.98 19.91 -48.89
C LEU C 314 13.28 18.71 -49.53
N ARG C 315 14.00 17.94 -50.36
CA ARG C 315 13.42 16.74 -51.01
C ARG C 315 13.25 15.63 -49.97
N ALA C 316 12.19 14.83 -50.09
CA ALA C 316 11.94 13.76 -49.10
C ALA C 316 11.43 12.52 -49.84
N ASN C 317 11.86 11.33 -49.42
CA ASN C 317 11.33 10.10 -50.04
C ASN C 317 10.42 9.43 -49.01
N VAL C 318 9.16 9.18 -49.38
CA VAL C 318 8.19 8.53 -48.45
C VAL C 318 8.11 7.06 -48.84
N THR C 319 8.33 6.17 -47.87
CA THR C 319 8.35 4.71 -48.19
C THR C 319 7.01 4.10 -47.81
N GLU C 320 6.33 3.46 -48.76
CA GLU C 320 5.05 2.76 -48.45
C GLU C 320 5.33 1.26 -48.45
N ALA C 321 5.19 0.61 -47.31
CA ALA C 321 5.51 -0.84 -47.20
C ALA C 321 4.32 -1.69 -47.66
N LYS C 322 4.57 -2.91 -48.14
CA LYS C 322 3.49 -3.82 -48.59
C LYS C 322 3.66 -5.19 -47.92
N ILE C 323 2.57 -5.94 -47.74
CA ILE C 323 2.61 -7.27 -47.04
C ILE C 323 3.28 -8.32 -47.93
N ASP C 324 4.09 -9.21 -47.35
CA ASP C 324 4.67 -10.35 -48.12
C ASP C 324 5.04 -11.47 -47.16
N ASN C 325 5.18 -12.72 -47.64
CA ASN C 325 5.66 -13.83 -46.79
C ASN C 325 4.85 -13.98 -45.50
N VAL C 326 3.52 -14.00 -45.57
CA VAL C 326 2.70 -14.26 -44.35
C VAL C 326 3.00 -15.69 -43.87
N SER C 327 3.14 -15.90 -42.55
CA SER C 327 3.51 -17.23 -42.02
C SER C 327 2.73 -17.55 -40.74
N VAL C 328 2.72 -18.82 -40.32
CA VAL C 328 1.92 -19.24 -39.12
C VAL C 328 2.70 -20.32 -38.35
N ARG C 329 2.56 -20.33 -37.02
CA ARG C 329 3.24 -21.34 -36.16
C ARG C 329 2.25 -21.81 -35.08
N PHE C 330 2.46 -23.01 -34.54
CA PHE C 330 1.57 -23.52 -33.45
C PHE C 330 2.39 -23.71 -32.17
N VAL C 331 1.90 -23.19 -31.05
CA VAL C 331 2.64 -23.28 -29.75
C VAL C 331 1.76 -23.92 -28.69
N ARG C 332 2.29 -24.87 -27.93
CA ARG C 332 1.51 -25.49 -26.81
C ARG C 332 2.08 -24.97 -25.49
N PRO C 333 1.28 -24.26 -24.66
CA PRO C 333 1.76 -23.74 -23.38
C PRO C 333 1.77 -24.83 -22.31
N LYS C 334 2.95 -25.20 -21.79
CA LYS C 334 3.04 -26.29 -20.79
C LYS C 334 2.51 -25.74 -19.46
N LEU C 335 2.03 -26.63 -18.58
CA LEU C 335 1.45 -26.17 -17.32
C LEU C 335 2.29 -26.66 -16.16
N THR C 336 2.78 -25.72 -15.35
CA THR C 336 3.58 -26.00 -14.15
C THR C 336 3.62 -24.72 -13.33
N GLY C 337 3.60 -24.87 -12.01
CA GLY C 337 3.61 -23.71 -11.13
C GLY C 337 5.00 -23.16 -10.90
N ASP C 338 5.56 -22.50 -11.91
CA ASP C 338 6.91 -21.94 -11.81
C ASP C 338 6.95 -20.43 -12.01
N SER C 339 5.81 -19.77 -12.15
CA SER C 339 5.75 -18.33 -12.46
C SER C 339 6.48 -18.02 -13.77
N GLU C 340 6.57 -19.02 -14.64
CA GLU C 340 7.18 -18.90 -15.96
C GLU C 340 6.74 -20.12 -16.76
N LEU C 341 6.81 -20.00 -18.09
CA LEU C 341 6.23 -20.99 -18.97
C LEU C 341 7.23 -21.41 -20.04
N GLU C 342 7.06 -22.65 -20.50
CA GLU C 342 7.90 -23.16 -21.62
C GLU C 342 6.90 -23.59 -22.70
N TYR C 343 7.13 -23.22 -23.96
CA TYR C 343 6.12 -23.51 -25.00
C TYR C 343 6.62 -24.58 -25.96
N SER C 344 5.94 -25.73 -26.02
CA SER C 344 6.32 -26.75 -27.03
C SER C 344 5.95 -26.18 -28.40
N VAL C 345 6.81 -26.34 -29.41
CA VAL C 345 6.54 -25.68 -30.72
C VAL C 345 6.26 -26.75 -31.79
N TYR C 346 5.15 -26.60 -32.53
CA TYR C 346 4.85 -27.54 -33.64
C TYR C 346 4.49 -26.72 -34.88
N ASP C 347 5.42 -25.91 -35.38
CA ASP C 347 5.16 -25.07 -36.59
C ASP C 347 5.00 -25.98 -37.80
N GLU C 348 5.82 -27.03 -37.90
CA GLU C 348 5.75 -27.98 -39.05
C GLU C 348 4.39 -28.68 -39.05
N GLY C 349 3.88 -29.03 -37.86
CA GLY C 349 2.61 -29.76 -37.75
C GLY C 349 1.43 -28.95 -38.24
N LYS C 350 0.37 -29.61 -38.73
CA LYS C 350 -0.84 -28.91 -39.22
C LYS C 350 -0.46 -27.92 -40.31
N VAL C 351 0.43 -28.32 -41.24
CA VAL C 351 0.83 -27.43 -42.36
C VAL C 351 -0.41 -27.13 -43.23
N VAL C 352 -1.25 -28.14 -43.46
CA VAL C 352 -2.50 -27.94 -44.24
C VAL C 352 -3.41 -26.98 -43.48
N LYS C 353 -3.49 -27.14 -42.15
CA LYS C 353 -4.32 -26.23 -41.31
C LYS C 353 -3.75 -24.81 -41.40
N ALA C 354 -2.42 -24.68 -41.42
CA ALA C 354 -1.78 -23.35 -41.53
C ALA C 354 -2.18 -22.70 -42.86
N ASP C 355 -2.25 -23.49 -43.94
CA ASP C 355 -2.69 -22.96 -45.26
C ASP C 355 -4.14 -22.48 -45.12
N LYS C 356 -4.98 -23.25 -44.41
CA LYS C 356 -6.39 -22.84 -44.19
C LYS C 356 -6.42 -21.54 -43.37
N ILE C 357 -5.52 -21.42 -42.37
CA ILE C 357 -5.44 -20.17 -41.55
C ILE C 357 -5.16 -19.00 -42.50
N ILE C 358 -4.21 -19.17 -43.43
CA ILE C 358 -3.86 -18.08 -44.39
C ILE C 358 -5.11 -17.74 -45.22
N GLU C 359 -5.87 -18.77 -45.61
CA GLU C 359 -7.10 -18.54 -46.41
C GLU C 359 -8.10 -17.71 -45.59
N ALA C 360 -8.22 -18.00 -44.29
CA ALA C 360 -9.23 -17.31 -43.45
C ALA C 360 -8.70 -15.94 -42.98
N SER C 361 -7.39 -15.75 -43.00
CA SER C 361 -6.82 -14.46 -42.61
C SER C 361 -7.20 -13.37 -43.61
N GLY C 362 -7.22 -13.69 -44.89
CA GLY C 362 -7.42 -12.69 -45.92
C GLY C 362 -6.25 -11.72 -46.06
N PHE C 363 -5.03 -12.24 -45.97
CA PHE C 363 -3.83 -11.38 -46.16
C PHE C 363 -3.25 -11.60 -47.56
N GLN C 364 -3.23 -10.56 -48.39
CA GLN C 364 -2.77 -10.72 -49.79
C GLN C 364 -1.44 -9.98 -50.00
N ARG C 365 -0.50 -10.60 -50.71
CA ARG C 365 0.81 -9.96 -50.99
C ARG C 365 0.59 -8.76 -51.92
N GLY C 366 1.35 -7.68 -51.71
CA GLY C 366 1.23 -6.50 -52.59
C GLY C 366 0.12 -5.58 -52.14
N HIS C 367 -0.46 -5.85 -50.97
CA HIS C 367 -1.53 -4.97 -50.42
C HIS C 367 -0.99 -4.23 -49.19
N HIS C 368 -1.21 -2.92 -49.13
CA HIS C 368 -0.65 -2.12 -48.01
C HIS C 368 -1.28 -2.57 -46.68
N TYR C 369 -0.46 -2.71 -45.63
CA TYR C 369 -0.98 -3.23 -44.33
C TYR C 369 -1.92 -2.22 -43.68
N HIS C 370 -2.98 -2.71 -43.04
CA HIS C 370 -3.92 -1.82 -42.31
C HIS C 370 -4.29 -2.56 -41.02
N VAL C 371 -4.42 -1.83 -39.90
CA VAL C 371 -4.72 -2.46 -38.59
C VAL C 371 -6.13 -3.04 -38.66
N GLU C 372 -7.11 -2.24 -39.08
CA GLU C 372 -8.51 -2.71 -39.17
C GLU C 372 -8.53 -4.06 -39.88
N ASP C 373 -7.60 -4.30 -40.81
CA ASP C 373 -7.51 -5.61 -41.51
C ASP C 373 -7.21 -6.70 -40.49
N GLY C 374 -6.27 -6.43 -39.57
CA GLY C 374 -5.87 -7.41 -38.55
C GLY C 374 -7.00 -7.67 -37.56
N TYR C 375 -7.78 -6.64 -37.21
CA TYR C 375 -8.96 -6.86 -36.33
C TYR C 375 -9.95 -7.78 -37.04
N ASP C 376 -10.16 -7.55 -38.35
CA ASP C 376 -11.06 -8.44 -39.14
C ASP C 376 -10.42 -9.83 -39.22
N ALA C 377 -9.11 -9.88 -39.43
CA ALA C 377 -8.40 -11.18 -39.53
C ALA C 377 -8.55 -11.94 -38.22
N MET C 378 -8.45 -11.23 -37.09
CA MET C 378 -8.60 -11.88 -35.76
C MET C 378 -10.02 -12.45 -35.62
N ASN C 379 -11.03 -11.68 -36.04
CA ASN C 379 -12.43 -12.15 -35.86
C ASN C 379 -12.66 -13.44 -36.65
N SER C 380 -12.19 -13.48 -37.90
CA SER C 380 -12.42 -14.67 -38.76
C SER C 380 -11.67 -15.89 -38.21
N ILE C 381 -10.41 -15.71 -37.81
CA ILE C 381 -9.59 -16.86 -37.32
C ILE C 381 -10.18 -17.36 -36.00
N PHE C 382 -10.58 -16.45 -35.12
CA PHE C 382 -11.11 -16.84 -33.78
C PHE C 382 -12.40 -17.66 -33.93
N ALA C 383 -13.24 -17.32 -34.91
CA ALA C 383 -14.54 -18.02 -35.11
C ALA C 383 -14.37 -19.54 -35.02
N CYS C 384 -13.20 -20.09 -35.34
CA CYS C 384 -12.97 -21.55 -35.17
C CYS C 384 -13.32 -21.97 -33.74
N GLY C 385 -13.17 -21.10 -32.75
CA GLY C 385 -13.60 -21.40 -31.36
C GLY C 385 -12.74 -22.43 -30.64
N LEU C 386 -11.79 -23.06 -31.33
CA LEU C 386 -10.99 -24.14 -30.70
C LEU C 386 -9.62 -23.63 -30.24
N LEU C 387 -9.36 -22.33 -30.39
CA LEU C 387 -8.01 -21.80 -30.06
C LEU C 387 -8.03 -20.94 -28.79
N GLU C 388 -7.15 -21.26 -27.83
CA GLU C 388 -7.06 -20.48 -26.57
C GLU C 388 -6.60 -19.05 -26.86
N ASP C 389 -5.62 -18.87 -27.76
CA ASP C 389 -5.08 -17.51 -28.02
C ASP C 389 -4.38 -17.44 -29.38
N ILE C 390 -4.65 -16.38 -30.16
CA ILE C 390 -4.00 -16.18 -31.45
C ILE C 390 -3.30 -14.83 -31.44
N ASN C 391 -2.02 -14.82 -31.81
CA ASN C 391 -1.23 -13.59 -31.86
C ASN C 391 -0.74 -13.39 -33.29
N ILE C 392 -1.03 -12.21 -33.85
CA ILE C 392 -0.61 -11.84 -35.20
C ILE C 392 0.24 -10.58 -35.10
N GLU C 393 1.43 -10.62 -35.71
CA GLU C 393 2.36 -9.50 -35.61
C GLU C 393 3.04 -9.23 -36.94
N PRO C 394 2.86 -8.04 -37.50
CA PRO C 394 3.64 -7.65 -38.69
C PRO C 394 4.99 -7.09 -38.28
N GLU C 395 6.05 -7.59 -38.91
CA GLU C 395 7.41 -7.13 -38.68
C GLU C 395 8.00 -6.62 -39.98
N GLN C 396 8.56 -5.41 -39.95
CA GLN C 396 9.22 -4.86 -41.12
C GLN C 396 10.49 -5.65 -41.43
N ASP C 397 10.70 -5.96 -42.70
CA ASP C 397 11.89 -6.70 -43.09
C ASP C 397 13.13 -5.87 -42.79
N PRO C 398 14.15 -6.45 -42.16
CA PRO C 398 15.34 -5.65 -41.81
C PRO C 398 16.07 -5.09 -43.02
N SER C 399 16.12 -5.85 -44.12
CA SER C 399 16.86 -5.41 -45.30
C SER C 399 16.01 -4.53 -46.21
N ASP C 400 14.74 -4.89 -46.41
CA ASP C 400 13.86 -4.18 -47.34
C ASP C 400 12.91 -3.30 -46.55
N VAL C 401 12.90 -2.00 -46.86
CA VAL C 401 12.05 -1.04 -46.10
C VAL C 401 10.60 -1.17 -46.57
N ASN C 402 10.38 -1.81 -47.73
CA ASN C 402 9.00 -1.89 -48.29
C ASN C 402 8.43 -3.30 -48.16
N LYS C 403 9.06 -4.17 -47.35
CA LYS C 403 8.50 -5.53 -47.14
C LYS C 403 8.04 -5.72 -45.70
N ILE C 404 6.81 -6.20 -45.49
CA ILE C 404 6.30 -6.50 -44.13
C ILE C 404 6.03 -8.00 -44.06
N ASN C 405 6.60 -8.70 -43.08
CA ASN C 405 6.34 -10.15 -42.91
C ASN C 405 5.37 -10.33 -41.74
N VAL C 406 4.24 -11.00 -41.96
CA VAL C 406 3.23 -11.14 -40.89
C VAL C 406 3.39 -12.51 -40.24
N LYS C 407 3.58 -12.55 -38.92
CA LYS C 407 3.79 -13.84 -38.20
C LYS C 407 2.57 -14.15 -37.35
N ILE C 408 2.05 -15.38 -37.45
CA ILE C 408 0.88 -15.78 -36.67
C ILE C 408 1.25 -16.98 -35.80
N ARG C 409 0.86 -16.92 -34.52
CA ARG C 409 1.10 -18.06 -33.59
C ARG C 409 -0.22 -18.39 -32.90
N CYS C 410 -0.71 -19.63 -33.04
CA CYS C 410 -2.02 -20.01 -32.46
C CYS C 410 -1.85 -21.10 -31.40
N GLU C 411 -2.51 -20.93 -30.24
CA GLU C 411 -2.44 -21.96 -29.17
C GLU C 411 -3.81 -22.62 -29.04
N GLU C 412 -3.87 -23.95 -29.02
CA GLU C 412 -5.16 -24.69 -28.86
C GLU C 412 -5.54 -24.79 -27.38
N VAL C 413 -6.81 -25.05 -27.07
CA VAL C 413 -7.27 -25.21 -25.67
C VAL C 413 -6.89 -26.62 -25.18
N GLN C 414 -6.94 -26.86 -23.86
CA GLN C 414 -6.65 -28.21 -23.32
C GLN C 414 -7.86 -28.66 -22.48
N PRO C 415 -8.76 -29.52 -23.02
CA PRO C 415 -9.99 -29.88 -22.31
C PRO C 415 -9.88 -30.65 -20.98
N LYS C 416 -8.97 -31.62 -20.89
CA LYS C 416 -8.88 -32.49 -19.68
C LYS C 416 -8.86 -31.65 -18.40
N SER C 417 -9.54 -32.10 -17.33
CA SER C 417 -9.55 -31.40 -16.02
C SER C 417 -10.20 -32.26 -14.93
N MET C 418 -9.42 -32.74 -13.96
CA MET C 418 -9.98 -33.51 -12.84
C MET C 418 -9.50 -32.94 -11.50
N GLU C 419 -10.42 -32.73 -10.55
CA GLU C 419 -10.01 -32.26 -9.20
C GLU C 419 -10.46 -33.30 -8.17
N LEU C 420 -9.55 -33.77 -7.32
CA LEU C 420 -9.89 -34.80 -6.31
C LEU C 420 -9.65 -34.24 -4.91
N ASP C 421 -10.66 -34.30 -4.02
CA ASP C 421 -10.46 -33.87 -2.61
C ASP C 421 -10.57 -35.09 -1.71
N LEU C 422 -9.78 -35.15 -0.63
CA LEU C 422 -9.78 -36.33 0.28
C LEU C 422 -9.83 -35.83 1.73
N ASP C 423 -10.37 -36.65 2.64
CA ASP C 423 -10.40 -36.27 4.09
C ASP C 423 -10.08 -37.51 4.95
N TRP C 424 -9.52 -37.31 6.14
CA TRP C 424 -9.24 -38.44 7.06
C TRP C 424 -9.47 -38.02 8.51
N SER C 425 -9.78 -38.97 9.39
CA SER C 425 -9.97 -38.67 10.83
C SER C 425 -9.36 -39.83 11.64
N PHE C 426 -8.06 -39.78 11.92
CA PHE C 426 -7.39 -40.91 12.60
C PHE C 426 -7.39 -40.70 14.11
N GLN C 427 -7.78 -41.74 14.87
CA GLN C 427 -7.79 -41.67 16.35
C GLN C 427 -6.90 -42.80 16.89
N LEU C 428 -5.82 -42.46 17.62
CA LEU C 428 -4.88 -43.49 18.10
C LEU C 428 -4.84 -43.48 19.63
N LYS C 429 -5.10 -44.63 20.27
CA LYS C 429 -4.96 -44.70 21.75
C LYS C 429 -3.51 -44.41 22.11
N ASN C 430 -2.57 -45.00 21.35
CA ASN C 430 -1.13 -44.72 21.57
C ASN C 430 -0.45 -44.64 20.20
N GLY C 431 0.56 -43.79 20.04
CA GLY C 431 1.30 -43.74 18.76
C GLY C 431 0.39 -43.44 17.59
N ILE C 432 0.39 -44.30 16.57
CA ILE C 432 -0.48 -44.11 15.38
C ILE C 432 -1.51 -45.24 15.38
N PRO C 433 -2.71 -45.09 14.76
CA PRO C 433 -3.67 -46.18 14.67
C PRO C 433 -3.12 -47.31 13.79
N SER C 434 -3.46 -48.56 14.12
CA SER C 434 -2.94 -49.71 13.33
C SER C 434 -3.43 -49.57 11.89
N ILE C 435 -2.56 -49.86 10.91
CA ILE C 435 -2.96 -49.64 9.49
C ILE C 435 -4.16 -50.54 9.18
N ASN C 436 -5.23 -49.96 8.63
CA ASN C 436 -6.44 -50.74 8.28
C ASN C 436 -7.04 -50.18 6.99
N ARG C 437 -7.69 -51.01 6.19
CA ARG C 437 -8.37 -50.52 4.97
C ARG C 437 -9.50 -49.57 5.40
N GLN C 438 -10.20 -49.91 6.48
CA GLN C 438 -11.32 -49.07 6.97
C GLN C 438 -10.78 -47.69 7.40
N SER C 439 -9.60 -47.65 8.04
CA SER C 439 -9.07 -46.35 8.53
C SER C 439 -8.53 -45.54 7.36
N LEU C 440 -8.30 -46.19 6.20
CA LEU C 440 -7.66 -45.49 5.06
C LEU C 440 -8.72 -44.96 4.07
N ILE C 441 -10.01 -45.01 4.42
CA ILE C 441 -11.06 -44.59 3.44
C ILE C 441 -11.16 -43.06 3.40
N PRO C 442 -10.88 -42.41 2.26
CA PRO C 442 -10.96 -40.94 2.12
C PRO C 442 -12.33 -40.26 2.24
N GLY C 443 -13.39 -40.86 1.70
CA GLY C 443 -14.71 -40.17 1.71
C GLY C 443 -14.63 -38.80 1.05
N GLY C 444 -14.06 -38.72 -0.16
CA GLY C 444 -13.87 -37.42 -0.83
C GLY C 444 -14.54 -37.33 -2.19
N SER C 445 -14.74 -36.11 -2.70
CA SER C 445 -15.46 -35.89 -3.99
C SER C 445 -14.53 -35.99 -5.21
N VAL C 446 -15.10 -36.14 -6.42
CA VAL C 446 -14.30 -36.20 -7.68
C VAL C 446 -15.04 -35.34 -8.70
N GLU C 447 -14.34 -34.46 -9.41
CA GLU C 447 -15.05 -33.53 -10.33
C GLU C 447 -14.45 -33.63 -11.73
N VAL C 448 -14.69 -34.74 -12.42
CA VAL C 448 -14.19 -34.87 -13.79
C VAL C 448 -14.97 -33.98 -14.74
N SER C 449 -14.23 -33.23 -15.57
CA SER C 449 -14.87 -32.30 -16.55
C SER C 449 -14.08 -32.28 -17.87
N HIS C 450 -14.77 -32.18 -19.01
CA HIS C 450 -14.11 -32.09 -20.35
C HIS C 450 -14.69 -30.90 -21.12
N GLU C 451 -13.85 -30.10 -21.77
CA GLU C 451 -14.36 -28.86 -22.43
C GLU C 451 -14.52 -28.98 -23.96
N ASN C 452 -14.14 -30.11 -24.56
CA ASN C 452 -14.36 -30.30 -26.02
C ASN C 452 -14.94 -31.69 -26.26
N LEU C 453 -16.18 -31.93 -25.84
CA LEU C 453 -16.74 -33.31 -25.92
C LEU C 453 -16.88 -33.81 -27.37
N PHE C 454 -17.42 -32.99 -28.28
CA PHE C 454 -17.67 -33.49 -29.66
C PHE C 454 -16.97 -32.66 -30.74
N GLY C 455 -16.07 -31.76 -30.34
CA GLY C 455 -15.34 -30.93 -31.33
C GLY C 455 -16.11 -29.68 -31.73
N ASN C 456 -17.28 -29.45 -31.13
CA ASN C 456 -18.05 -28.21 -31.40
C ASN C 456 -18.00 -27.33 -30.14
N SER C 457 -17.02 -27.58 -29.26
CA SER C 457 -16.86 -26.81 -28.00
C SER C 457 -17.94 -27.18 -26.96
N GLU C 458 -18.52 -28.39 -27.08
CA GLU C 458 -19.50 -28.85 -26.05
C GLU C 458 -18.77 -29.01 -24.72
N SER C 459 -19.40 -28.58 -23.62
CA SER C 459 -18.76 -28.66 -22.28
C SER C 459 -19.57 -29.58 -21.37
N ALA C 460 -18.91 -30.51 -20.67
CA ALA C 460 -19.61 -31.43 -19.74
C ALA C 460 -18.87 -31.49 -18.41
N THR C 461 -19.61 -31.65 -17.30
CA THR C 461 -18.99 -31.69 -15.95
C THR C 461 -19.72 -32.75 -15.10
N LEU C 462 -18.98 -33.66 -14.48
CA LEU C 462 -19.62 -34.68 -13.59
C LEU C 462 -19.05 -34.51 -12.18
N SER C 463 -19.92 -34.34 -11.19
CA SER C 463 -19.49 -34.17 -9.80
C SER C 463 -20.08 -35.28 -8.95
N LEU C 464 -19.23 -35.99 -8.19
CA LEU C 464 -19.72 -37.13 -7.37
C LEU C 464 -19.13 -37.03 -5.96
N SER C 465 -19.96 -36.74 -4.95
CA SER C 465 -19.47 -36.56 -3.56
C SER C 465 -19.98 -37.69 -2.66
N ALA C 466 -19.09 -38.53 -2.15
CA ALA C 466 -19.50 -39.58 -1.20
C ALA C 466 -18.99 -39.23 0.19
N SER C 467 -19.88 -39.12 1.17
CA SER C 467 -19.47 -38.70 2.55
C SER C 467 -18.53 -39.74 3.15
N ASP C 468 -18.83 -41.03 2.94
CA ASP C 468 -17.98 -42.11 3.50
C ASP C 468 -17.72 -43.17 2.42
N TRP C 469 -16.45 -43.46 2.13
CA TRP C 469 -16.12 -44.54 1.16
C TRP C 469 -16.29 -45.90 1.85
N ARG C 470 -16.34 -47.00 1.09
CA ARG C 470 -16.61 -48.36 1.66
C ARG C 470 -18.08 -48.39 2.08
N ASN C 471 -18.80 -47.29 1.88
CA ASN C 471 -20.26 -47.21 2.19
C ASN C 471 -20.79 -46.05 1.33
N PRO C 472 -20.53 -45.97 0.00
CA PRO C 472 -20.94 -44.78 -0.78
C PRO C 472 -22.45 -44.57 -0.80
N SER C 473 -23.23 -45.65 -0.72
CA SER C 473 -24.68 -45.57 -0.75
C SER C 473 -25.21 -44.58 0.28
N ALA C 474 -24.52 -44.47 1.41
CA ALA C 474 -24.88 -43.49 2.41
C ALA C 474 -24.55 -42.08 1.91
N ASP C 475 -25.59 -41.27 1.71
CA ASP C 475 -25.45 -39.85 1.39
C ASP C 475 -24.60 -39.61 0.15
N LEU C 476 -24.80 -40.44 -0.87
CA LEU C 476 -24.13 -40.22 -2.15
C LEU C 476 -24.77 -39.03 -2.86
N GLY C 477 -23.94 -38.14 -3.40
CA GLY C 477 -24.45 -36.98 -4.13
C GLY C 477 -23.89 -36.88 -5.53
N PHE C 478 -24.76 -36.81 -6.53
CA PHE C 478 -24.37 -36.82 -7.94
C PHE C 478 -24.95 -35.61 -8.64
N SER C 479 -24.11 -34.90 -9.41
CA SER C 479 -24.55 -33.77 -10.21
C SER C 479 -23.91 -33.84 -11.59
N VAL C 480 -24.66 -33.46 -12.62
CA VAL C 480 -24.16 -33.47 -13.98
C VAL C 480 -24.61 -32.20 -14.70
N ALA C 481 -23.74 -31.65 -15.55
CA ALA C 481 -24.08 -30.40 -16.28
C ALA C 481 -23.50 -30.45 -17.70
N TYR C 482 -24.34 -30.26 -18.72
CA TYR C 482 -23.88 -30.28 -20.13
C TYR C 482 -24.41 -29.03 -20.84
N SER C 483 -23.59 -28.43 -21.69
CA SER C 483 -24.04 -27.24 -22.46
C SER C 483 -23.41 -27.26 -23.86
N GLU C 484 -24.09 -26.67 -24.85
CA GLU C 484 -23.56 -26.62 -26.24
C GLU C 484 -23.72 -25.20 -26.75
N PRO C 485 -22.63 -24.43 -26.92
CA PRO C 485 -22.73 -23.02 -27.32
C PRO C 485 -23.17 -22.77 -28.77
N PHE C 486 -22.69 -23.59 -29.71
CA PHE C 486 -23.00 -23.34 -31.13
C PHE C 486 -23.90 -24.43 -31.70
N TYR C 487 -24.97 -24.77 -30.99
CA TYR C 487 -25.89 -25.80 -31.43
C TYR C 487 -26.69 -25.34 -32.64
N LYS C 488 -27.20 -24.12 -32.60
CA LYS C 488 -28.00 -23.53 -33.66
C LYS C 488 -27.60 -22.08 -33.80
N PRO C 489 -27.90 -21.44 -34.96
CA PRO C 489 -27.46 -20.06 -35.21
C PRO C 489 -27.58 -19.11 -34.02
N HIS C 490 -28.76 -19.04 -33.40
CA HIS C 490 -28.97 -18.16 -32.25
C HIS C 490 -29.40 -18.92 -31.01
N THR C 491 -29.35 -20.25 -31.03
CA THR C 491 -29.87 -21.07 -29.95
C THR C 491 -28.73 -21.78 -29.22
N THR C 492 -28.76 -21.72 -27.90
CA THR C 492 -27.83 -22.46 -27.05
C THR C 492 -28.61 -23.56 -26.34
N ARG C 493 -28.03 -24.76 -26.29
CA ARG C 493 -28.70 -25.93 -25.72
C ARG C 493 -28.06 -26.30 -24.40
N ASN C 494 -28.87 -26.71 -23.42
CA ASN C 494 -28.35 -27.02 -22.09
C ASN C 494 -29.13 -28.19 -21.49
N ALA C 495 -28.45 -28.92 -20.60
CA ALA C 495 -29.06 -30.05 -19.88
C ALA C 495 -28.31 -30.19 -18.56
N GLN C 496 -28.98 -29.86 -17.46
CA GLN C 496 -28.36 -29.87 -16.13
C GLN C 496 -29.25 -30.55 -15.11
N LEU C 497 -28.63 -31.27 -14.17
CA LEU C 497 -29.37 -31.91 -13.04
C LEU C 497 -28.98 -31.16 -11.76
N PHE C 498 -29.93 -30.53 -11.08
CA PHE C 498 -29.58 -29.69 -9.90
C PHE C 498 -30.64 -29.78 -8.79
N ASN C 499 -30.28 -29.38 -7.57
CA ASN C 499 -31.23 -29.40 -6.43
C ASN C 499 -31.40 -27.99 -5.87
N THR C 500 -32.65 -27.51 -5.77
CA THR C 500 -32.92 -26.13 -5.27
C THR C 500 -33.97 -26.20 -4.15
N ARG C 501 -33.71 -25.53 -3.02
CA ARG C 501 -34.69 -25.49 -1.90
C ARG C 501 -35.11 -24.05 -1.63
N LYS C 502 -36.42 -23.77 -1.61
CA LYS C 502 -36.93 -22.39 -1.39
C LYS C 502 -38.16 -22.45 -0.46
N THR C 503 -38.53 -21.32 0.14
CA THR C 503 -39.74 -21.27 1.02
C THR C 503 -41.00 -21.21 0.16
N SER C 504 -42.18 -21.38 0.77
CA SER C 504 -43.46 -21.38 0.01
C SER C 504 -44.29 -20.14 0.37
N THR C 505 -44.54 -19.26 -0.60
CA THR C 505 -45.38 -18.06 -0.34
C THR C 505 -46.86 -18.50 -0.30
N ILE C 506 -47.14 -19.72 -0.76
CA ILE C 506 -48.54 -20.23 -0.79
C ILE C 506 -49.07 -20.31 0.65
N PHE C 507 -48.24 -20.80 1.57
CA PHE C 507 -48.65 -20.84 3.01
C PHE C 507 -47.96 -19.68 3.73
N THR C 508 -48.72 -18.66 4.12
CA THR C 508 -48.14 -17.47 4.79
C THR C 508 -49.13 -16.99 5.85
N PRO C 509 -48.71 -16.28 6.93
CA PRO C 509 -49.68 -15.76 7.89
C PRO C 509 -50.58 -14.72 7.22
N GLY C 510 -51.90 -14.86 7.39
CA GLY C 510 -52.84 -13.87 6.85
C GLY C 510 -53.69 -13.36 7.98
N GLY C 511 -54.99 -13.69 7.99
CA GLY C 511 -55.78 -13.35 9.19
C GLY C 511 -55.21 -14.04 10.40
N GLU C 512 -54.77 -15.29 10.25
CA GLU C 512 -54.14 -16.03 11.38
C GLU C 512 -52.83 -15.33 11.76
N SER C 513 -52.52 -15.28 13.06
CA SER C 513 -51.31 -14.55 13.52
C SER C 513 -50.02 -15.21 13.01
N GLU C 514 -49.86 -16.52 13.23
CA GLU C 514 -48.58 -17.19 12.83
C GLU C 514 -48.86 -18.56 12.20
N VAL C 515 -48.06 -18.92 11.20
CA VAL C 515 -48.20 -20.26 10.54
C VAL C 515 -46.80 -20.87 10.32
N PRO C 516 -46.54 -22.18 10.57
CA PRO C 516 -45.23 -22.78 10.24
C PRO C 516 -45.01 -22.76 8.72
N PRO C 517 -43.80 -22.47 8.19
CA PRO C 517 -43.60 -22.42 6.74
C PRO C 517 -43.27 -23.79 6.12
N VAL C 518 -43.30 -23.87 4.78
CA VAL C 518 -42.94 -25.14 4.07
C VAL C 518 -41.80 -24.85 3.09
N PHE C 519 -40.78 -25.73 3.05
CA PHE C 519 -39.64 -25.54 2.11
C PHE C 519 -39.75 -26.55 0.97
N VAL C 520 -39.99 -26.07 -0.26
CA VAL C 520 -40.12 -26.97 -1.43
C VAL C 520 -38.72 -27.28 -1.94
N ASP C 521 -38.32 -28.56 -1.88
CA ASP C 521 -36.98 -28.97 -2.38
C ASP C 521 -37.17 -29.76 -3.68
N ARG C 522 -36.63 -29.26 -4.79
CA ARG C 522 -36.86 -29.92 -6.10
C ARG C 522 -35.52 -30.44 -6.63
N PHE C 523 -35.38 -31.77 -6.73
CA PHE C 523 -34.14 -32.34 -7.32
C PHE C 523 -34.54 -32.79 -8.72
N GLY C 524 -34.07 -32.09 -9.76
CA GLY C 524 -34.58 -32.45 -11.09
C GLY C 524 -33.66 -32.15 -12.25
N LEU C 525 -33.89 -32.82 -13.38
CA LEU C 525 -33.13 -32.65 -14.61
C LEU C 525 -33.89 -31.74 -15.55
N LYS C 526 -33.25 -30.67 -15.99
CA LYS C 526 -33.84 -29.68 -16.88
C LYS C 526 -33.03 -29.62 -18.17
N GLY C 527 -33.69 -29.81 -19.30
CA GLY C 527 -33.05 -29.60 -20.58
C GLY C 527 -33.75 -28.52 -21.36
N TRP C 528 -33.04 -27.47 -21.75
CA TRP C 528 -33.72 -26.34 -22.37
C TRP C 528 -32.84 -25.71 -23.43
N THR C 529 -33.51 -25.05 -24.38
CA THR C 529 -32.86 -24.28 -25.42
C THR C 529 -33.28 -22.83 -25.32
N SER C 530 -32.30 -21.92 -25.42
CA SER C 530 -32.55 -20.49 -25.31
C SER C 530 -32.08 -19.81 -26.58
N GLN C 531 -32.89 -18.86 -27.05
CA GLN C 531 -32.63 -18.17 -28.32
C GLN C 531 -32.85 -16.68 -28.14
N ILE C 532 -31.86 -15.89 -28.55
CA ILE C 532 -31.93 -14.45 -28.54
C ILE C 532 -31.88 -13.96 -29.98
N THR C 533 -32.92 -13.28 -30.42
CA THR C 533 -33.03 -12.78 -31.78
C THR C 533 -33.33 -11.29 -31.75
N GLY C 534 -32.97 -10.60 -32.82
CA GLY C 534 -33.14 -9.16 -32.86
C GLY C 534 -32.37 -8.52 -31.74
N GLN C 535 -33.05 -7.66 -30.98
CA GLN C 535 -32.49 -7.07 -29.78
C GLN C 535 -33.43 -7.32 -28.62
N ASP C 536 -32.92 -7.99 -27.58
CA ASP C 536 -33.67 -8.23 -26.33
C ASP C 536 -34.98 -8.99 -26.59
N ASN C 537 -34.93 -10.00 -27.46
CA ASN C 537 -36.03 -10.92 -27.64
C ASN C 537 -35.58 -12.31 -27.22
N LYS C 538 -36.39 -12.97 -26.38
CA LYS C 538 -35.99 -14.21 -25.76
C LYS C 538 -37.03 -15.29 -26.00
N VAL C 539 -36.56 -16.47 -26.41
CA VAL C 539 -37.40 -17.65 -26.59
C VAL C 539 -36.74 -18.81 -25.86
N GLU C 540 -37.44 -19.38 -24.87
CA GLU C 540 -36.90 -20.45 -24.04
C GLU C 540 -37.85 -21.64 -24.03
N HIS C 541 -37.34 -22.79 -24.48
CA HIS C 541 -38.08 -24.06 -24.50
C HIS C 541 -37.41 -25.01 -23.51
N ALA C 542 -38.10 -25.31 -22.40
CA ALA C 542 -37.57 -26.17 -21.35
C ALA C 542 -38.42 -27.41 -21.20
N LEU C 543 -37.77 -28.57 -21.03
CA LEU C 543 -38.42 -29.81 -20.67
C LEU C 543 -37.75 -30.32 -19.41
N MET C 544 -38.51 -30.45 -18.32
CA MET C 544 -37.94 -30.75 -17.01
C MET C 544 -38.67 -31.90 -16.33
N LEU C 545 -37.89 -32.78 -15.72
CA LEU C 545 -38.40 -33.86 -14.86
C LEU C 545 -37.89 -33.62 -13.45
N GLN C 546 -38.79 -33.38 -12.50
CA GLN C 546 -38.31 -33.01 -11.14
C GLN C 546 -39.12 -33.71 -10.05
N LEU C 547 -38.45 -34.06 -8.94
CA LEU C 547 -39.18 -34.64 -7.78
C LEU C 547 -39.31 -33.52 -6.75
N VAL C 548 -40.55 -33.08 -6.49
CA VAL C 548 -40.79 -31.96 -5.53
C VAL C 548 -41.12 -32.53 -4.15
N SER C 549 -40.23 -32.31 -3.18
CA SER C 549 -40.48 -32.79 -1.80
C SER C 549 -40.82 -31.58 -0.92
N THR C 550 -41.74 -31.75 0.03
CA THR C 550 -42.08 -30.64 0.96
C THR C 550 -41.41 -30.91 2.31
N LEU C 551 -40.59 -29.97 2.80
CA LEU C 551 -39.87 -30.16 4.08
C LEU C 551 -40.26 -29.06 5.07
N ASP C 552 -40.57 -29.42 6.31
CA ASP C 552 -40.86 -28.39 7.35
C ASP C 552 -39.66 -28.33 8.30
N GLU C 553 -38.82 -27.30 8.19
CA GLU C 553 -37.58 -27.21 9.02
C GLU C 553 -36.84 -28.56 9.00
N ASN C 554 -36.74 -29.22 10.16
CA ASN C 554 -36.02 -30.53 10.27
C ASN C 554 -36.88 -31.66 9.71
N GLY C 555 -38.20 -31.62 9.93
CA GLY C 555 -39.12 -32.67 9.46
C GLY C 555 -38.87 -33.06 8.01
N GLN C 556 -38.71 -34.35 7.74
CA GLN C 556 -38.39 -34.82 6.36
C GLN C 556 -39.54 -34.47 5.40
N VAL C 557 -40.79 -34.70 5.80
CA VAL C 557 -41.94 -34.48 4.86
C VAL C 557 -43.15 -33.94 5.61
N VAL C 558 -43.93 -33.07 4.97
CA VAL C 558 -45.20 -32.58 5.59
C VAL C 558 -46.35 -33.04 4.70
N ALA C 559 -47.33 -33.75 5.28
CA ALA C 559 -48.51 -34.19 4.50
C ALA C 559 -49.32 -32.97 4.04
N LYS C 560 -49.46 -31.96 4.91
CA LYS C 560 -50.28 -30.77 4.57
C LYS C 560 -49.86 -29.56 5.42
N GLY C 561 -50.49 -28.41 5.21
CA GLY C 561 -50.18 -27.20 6.01
C GLY C 561 -51.08 -27.07 7.22
N THR C 562 -50.63 -26.35 8.26
CA THR C 562 -51.40 -26.18 9.51
C THR C 562 -51.19 -24.78 10.10
N LYS C 563 -52.15 -24.31 10.90
CA LYS C 563 -52.01 -22.99 11.57
C LYS C 563 -52.04 -23.24 13.09
N VAL C 564 -51.12 -22.65 13.85
CA VAL C 564 -51.08 -22.96 15.30
C VAL C 564 -52.40 -22.52 15.92
N GLN C 565 -52.90 -21.33 15.56
CA GLN C 565 -54.24 -20.87 16.03
C GLN C 565 -54.31 -20.96 17.55
N ARG C 566 -55.37 -21.60 18.08
CA ARG C 566 -55.51 -21.79 19.55
C ARG C 566 -55.18 -23.25 19.85
N GLY C 567 -54.36 -23.50 20.86
CA GLY C 567 -53.92 -24.89 21.13
C GLY C 567 -52.76 -25.26 20.22
N TYR C 568 -52.44 -26.55 20.10
CA TYR C 568 -51.25 -26.95 19.30
C TYR C 568 -51.67 -27.30 17.87
N TYR C 569 -51.33 -26.45 16.90
CA TYR C 569 -51.59 -26.75 15.46
C TYR C 569 -53.09 -26.79 15.14
N ALA C 570 -53.46 -27.42 14.03
CA ALA C 570 -54.87 -27.51 13.60
C ALA C 570 -55.05 -28.72 12.68
N ASP C 571 -56.29 -29.11 12.40
CA ASP C 571 -56.57 -30.29 11.54
C ASP C 571 -56.07 -30.05 10.10
N ASN C 572 -55.93 -31.13 9.32
CA ASN C 572 -55.43 -31.03 7.92
C ASN C 572 -56.18 -29.92 7.16
N GLY C 573 -55.44 -28.99 6.54
CA GLY C 573 -56.07 -27.94 5.72
C GLY C 573 -55.73 -28.08 4.25
N PRO C 574 -54.93 -27.16 3.67
CA PRO C 574 -54.52 -27.29 2.28
C PRO C 574 -53.63 -28.51 2.13
N PRO C 575 -53.85 -29.44 1.15
CA PRO C 575 -52.92 -30.54 0.91
C PRO C 575 -51.72 -29.97 0.14
N THR C 576 -50.52 -29.98 0.73
CA THR C 576 -49.34 -29.34 0.08
C THR C 576 -48.99 -30.01 -1.26
N THR C 577 -49.10 -31.35 -1.35
CA THR C 577 -48.86 -32.05 -2.64
C THR C 577 -50.10 -32.85 -3.04
N ASN C 578 -50.31 -33.07 -4.34
CA ASN C 578 -51.46 -33.88 -4.81
C ASN C 578 -51.29 -35.34 -4.39
N SER C 579 -50.06 -35.86 -4.45
CA SER C 579 -49.80 -37.29 -4.10
C SER C 579 -50.22 -37.56 -2.65
N GLY C 580 -50.30 -36.51 -1.81
CA GLY C 580 -50.68 -36.70 -0.43
C GLY C 580 -49.64 -37.35 0.44
N ASN C 581 -48.50 -37.72 -0.15
CA ASN C 581 -47.39 -38.34 0.62
C ASN C 581 -46.37 -37.27 0.99
N GLY C 582 -46.61 -36.03 0.57
CA GLY C 582 -45.66 -34.93 0.86
C GLY C 582 -44.61 -34.80 -0.23
N ARG C 583 -44.58 -35.74 -1.18
CA ARG C 583 -43.57 -35.72 -2.28
C ARG C 583 -44.30 -35.94 -3.60
N ASP C 584 -43.66 -35.62 -4.73
CA ASP C 584 -44.33 -35.74 -6.04
C ASP C 584 -43.31 -35.77 -7.18
N LEU C 585 -43.46 -36.72 -8.12
CA LEU C 585 -42.58 -36.80 -9.29
C LEU C 585 -43.36 -36.34 -10.51
N SER C 586 -42.84 -35.32 -11.20
CA SER C 586 -43.56 -34.70 -12.30
C SER C 586 -42.65 -34.53 -13.51
N LEU C 587 -43.22 -34.67 -14.70
CA LEU C 587 -42.58 -34.37 -15.96
C LEU C 587 -43.38 -33.29 -16.66
N SER C 588 -42.71 -32.22 -17.12
CA SER C 588 -43.44 -31.08 -17.65
C SER C 588 -42.60 -30.32 -18.66
N TYR C 589 -43.25 -29.40 -19.36
CA TYR C 589 -42.64 -28.51 -20.35
C TYR C 589 -43.01 -27.07 -20.02
N GLN C 590 -42.06 -26.17 -20.20
CA GLN C 590 -42.26 -24.75 -19.93
C GLN C 590 -41.73 -23.93 -21.09
N GLY C 591 -42.43 -22.86 -21.42
CA GLY C 591 -42.02 -21.96 -22.48
C GLY C 591 -42.11 -20.53 -22.04
N PHE C 592 -41.06 -19.77 -22.37
CA PHE C 592 -40.97 -18.37 -21.99
C PHE C 592 -40.68 -17.55 -23.24
N PHE C 593 -41.52 -16.54 -23.50
CA PHE C 593 -41.36 -15.65 -24.64
C PHE C 593 -41.36 -14.21 -24.16
N ALA C 594 -40.29 -13.49 -24.46
CA ALA C 594 -40.12 -12.10 -24.01
C ALA C 594 -39.83 -11.22 -25.21
N LEU C 595 -40.69 -10.23 -25.45
CA LEU C 595 -40.47 -9.22 -26.47
C LEU C 595 -40.16 -7.90 -25.76
N ASP C 596 -38.98 -7.34 -26.02
CA ASP C 596 -38.56 -6.12 -25.35
C ASP C 596 -38.20 -5.06 -26.38
N ASN C 597 -38.81 -3.89 -26.25
CA ASN C 597 -38.52 -2.72 -27.05
C ASN C 597 -38.54 -1.49 -26.13
N VAL C 598 -37.72 -1.55 -25.08
CA VAL C 598 -37.60 -0.47 -24.11
C VAL C 598 -36.18 0.07 -24.18
N ARG C 599 -36.05 1.39 -24.26
CA ARG C 599 -34.75 2.05 -24.27
C ARG C 599 -34.68 3.09 -23.16
N PHE C 600 -33.50 3.19 -22.54
CA PHE C 600 -33.22 4.22 -21.55
C PHE C 600 -32.81 5.51 -22.24
N ILE C 601 -33.73 6.48 -22.25
CA ILE C 601 -33.41 7.81 -22.85
C ILE C 601 -33.05 8.76 -21.71
N ASN C 602 -31.77 9.08 -21.56
CA ASN C 602 -31.31 9.99 -20.47
C ASN C 602 -31.68 9.42 -19.09
N GLY C 603 -31.58 8.09 -18.92
CA GLY C 603 -31.83 7.48 -17.60
C GLY C 603 -33.30 7.24 -17.30
N ASN C 604 -34.18 7.37 -18.30
CA ASN C 604 -35.60 7.08 -18.09
C ASN C 604 -36.08 6.10 -19.14
N GLN C 605 -36.78 5.05 -18.70
CA GLN C 605 -37.26 4.03 -19.62
C GLN C 605 -38.39 4.55 -20.49
N LEU C 606 -38.38 4.11 -21.75
CA LEU C 606 -39.50 4.37 -22.67
C LEU C 606 -39.60 3.21 -23.64
N GLY C 607 -40.80 2.70 -23.87
CA GLY C 607 -40.98 1.62 -24.81
C GLY C 607 -42.05 0.65 -24.35
N GLU C 608 -41.97 -0.58 -24.87
CA GLU C 608 -42.96 -1.61 -24.59
C GLU C 608 -42.28 -2.94 -24.29
N ARG C 609 -42.73 -3.62 -23.24
CA ARG C 609 -42.26 -4.97 -22.93
C ARG C 609 -43.45 -5.91 -22.75
N MET C 610 -43.34 -7.10 -23.35
CA MET C 610 -44.35 -8.14 -23.27
C MET C 610 -43.71 -9.44 -22.81
N LEU C 611 -44.35 -10.12 -21.86
CA LEU C 611 -43.85 -11.36 -21.29
C LEU C 611 -44.96 -12.40 -21.35
N PHE C 612 -44.63 -13.63 -21.76
CA PHE C 612 -45.60 -14.71 -21.88
C PHE C 612 -44.99 -15.99 -21.35
N GLN C 613 -45.61 -16.56 -20.32
CA GLN C 613 -45.14 -17.79 -19.68
C GLN C 613 -46.22 -18.85 -19.77
N VAL C 614 -45.85 -20.04 -20.26
CA VAL C 614 -46.80 -21.14 -20.40
C VAL C 614 -46.14 -22.43 -19.93
N ASP C 615 -46.79 -23.15 -19.02
CA ASP C 615 -46.27 -24.42 -18.53
C ASP C 615 -47.35 -25.49 -18.59
N GLN C 616 -47.00 -26.64 -19.16
CA GLN C 616 -47.90 -27.78 -19.27
C GLN C 616 -47.25 -29.01 -18.65
N GLY C 617 -47.97 -29.65 -17.73
CA GLY C 617 -47.47 -30.87 -17.13
C GLY C 617 -47.93 -32.11 -17.86
N LEU C 618 -47.09 -32.64 -18.73
CA LEU C 618 -47.40 -33.86 -19.48
C LEU C 618 -47.11 -35.08 -18.61
N ASN C 619 -47.99 -35.31 -17.64
CA ASN C 619 -47.79 -36.36 -16.67
C ASN C 619 -48.74 -37.53 -16.95
N PRO C 620 -48.22 -38.72 -17.22
CA PRO C 620 -49.10 -39.86 -17.52
C PRO C 620 -49.91 -40.26 -16.29
N SER C 621 -51.07 -40.85 -16.56
CA SER C 621 -51.94 -41.34 -15.50
C SER C 621 -51.29 -42.49 -14.73
N LYS C 629 -53.37 -44.05 -12.75
CA LYS C 629 -53.21 -45.35 -12.06
C LYS C 629 -51.81 -45.92 -12.36
N LEU C 630 -51.04 -46.22 -11.32
CA LEU C 630 -49.69 -46.81 -11.50
C LEU C 630 -48.87 -45.91 -12.44
N GLY C 631 -48.99 -44.58 -12.28
CA GLY C 631 -48.24 -43.63 -13.13
C GLY C 631 -47.75 -42.45 -12.33
N LEU C 632 -46.86 -41.63 -12.91
CA LEU C 632 -46.37 -40.41 -12.22
C LEU C 632 -47.56 -39.68 -11.60
N SER C 633 -47.35 -39.04 -10.43
CA SER C 633 -48.43 -38.36 -9.75
C SER C 633 -48.44 -36.85 -10.01
N GLY C 634 -47.68 -36.37 -10.99
CA GLY C 634 -47.62 -34.95 -11.24
C GLY C 634 -48.95 -34.35 -11.65
N GLY C 635 -49.68 -35.05 -12.51
CA GLY C 635 -50.98 -34.55 -12.96
C GLY C 635 -50.87 -33.71 -14.21
N ILE C 636 -51.97 -33.67 -14.96
CA ILE C 636 -52.04 -32.91 -16.20
C ILE C 636 -52.67 -31.55 -15.91
N TYR C 637 -51.90 -30.49 -16.16
CA TYR C 637 -52.36 -29.13 -15.89
C TYR C 637 -51.67 -28.19 -16.86
N ASN C 638 -52.34 -27.08 -17.16
CA ASN C 638 -51.77 -26.02 -17.99
C ASN C 638 -51.94 -24.69 -17.26
N ARG C 639 -50.83 -24.01 -17.02
CA ARG C 639 -50.83 -22.69 -16.39
C ARG C 639 -50.23 -21.68 -17.34
N ALA C 640 -50.92 -20.56 -17.53
CA ALA C 640 -50.47 -19.55 -18.49
C ALA C 640 -50.65 -18.16 -17.91
N THR C 641 -49.60 -17.35 -18.01
CA THR C 641 -49.66 -15.97 -17.54
C THR C 641 -49.03 -15.06 -18.59
N ALA C 642 -49.57 -13.84 -18.66
CA ALA C 642 -49.12 -12.85 -19.64
C ALA C 642 -49.06 -11.49 -18.98
N SER C 643 -48.03 -10.72 -19.33
CA SER C 643 -47.81 -9.40 -18.75
C SER C 643 -47.43 -8.42 -19.86
N TYR C 644 -47.94 -7.20 -19.74
CA TYR C 644 -47.72 -6.14 -20.72
C TYR C 644 -47.45 -4.84 -19.98
N THR C 645 -46.32 -4.20 -20.29
CA THR C 645 -45.96 -2.92 -19.68
C THR C 645 -45.56 -1.92 -20.75
N LYS C 646 -46.07 -0.70 -20.64
CA LYS C 646 -45.80 0.37 -21.58
C LYS C 646 -45.31 1.60 -20.82
N PHE C 647 -44.13 2.08 -21.18
CA PHE C 647 -43.59 3.35 -20.68
C PHE C 647 -43.73 4.39 -21.79
N LEU C 648 -44.54 5.42 -21.54
CA LEU C 648 -44.82 6.41 -22.56
C LEU C 648 -44.69 7.81 -21.99
N GLU C 649 -44.36 8.78 -22.85
CA GLU C 649 -44.15 10.18 -22.38
C GLU C 649 -45.45 10.68 -21.74
N ALA C 650 -45.35 11.36 -20.59
CA ALA C 650 -46.54 11.90 -19.93
C ALA C 650 -47.37 12.69 -20.95
N PRO C 651 -48.60 12.25 -21.30
CA PRO C 651 -49.39 12.94 -22.32
C PRO C 651 -49.84 14.30 -21.80
N PHE C 652 -50.13 14.41 -20.51
CA PHE C 652 -50.63 15.68 -19.92
C PHE C 652 -49.61 16.79 -20.19
N LEU C 653 -48.33 16.51 -19.94
CA LEU C 653 -47.26 17.53 -20.10
C LEU C 653 -46.85 17.62 -21.57
N PRO C 654 -46.10 18.64 -22.07
CA PRO C 654 -45.65 18.65 -23.47
C PRO C 654 -44.68 17.51 -23.80
N LYS C 655 -44.33 17.36 -25.08
CA LYS C 655 -43.45 16.22 -25.48
C LYS C 655 -42.11 16.32 -24.78
N LEU C 656 -41.53 17.53 -24.69
CA LEU C 656 -40.25 17.73 -23.95
C LEU C 656 -39.20 16.77 -24.49
N THR C 657 -38.53 16.01 -23.60
CA THR C 657 -37.54 14.98 -24.01
C THR C 657 -36.28 15.65 -24.56
N THR C 658 -35.48 14.90 -25.32
CA THR C 658 -34.22 15.45 -25.89
C THR C 658 -34.41 15.78 -27.37
N GLU C 659 -35.66 15.76 -27.87
CA GLU C 659 -35.88 15.99 -29.32
C GLU C 659 -35.38 17.40 -29.68
N GLN C 660 -35.72 18.40 -28.86
CA GLN C 660 -35.19 19.77 -29.10
C GLN C 660 -34.17 20.09 -28.00
N LEU C 661 -33.99 19.17 -27.05
CA LEU C 661 -33.07 19.41 -25.90
C LEU C 661 -31.89 18.44 -25.94
N TRP C 662 -31.55 17.92 -27.12
CA TRP C 662 -30.40 16.98 -27.26
C TRP C 662 -29.20 17.52 -26.46
N LYS C 663 -28.90 18.81 -26.58
CA LYS C 663 -27.73 19.40 -25.88
C LYS C 663 -28.00 19.44 -24.38
N GLU C 664 -29.21 19.84 -23.97
CA GLU C 664 -29.54 19.96 -22.53
C GLU C 664 -29.61 18.57 -21.88
N ARG C 665 -29.82 17.52 -22.69
CA ARG C 665 -29.89 16.13 -22.17
C ARG C 665 -30.95 16.00 -21.07
N LYS C 666 -32.09 16.67 -21.23
CA LYS C 666 -33.20 16.58 -20.24
C LYS C 666 -33.84 15.19 -20.34
N ALA C 667 -34.32 14.66 -19.21
CA ALA C 667 -34.96 13.33 -19.20
C ALA C 667 -36.48 13.49 -19.28
N PRO C 668 -37.19 12.76 -20.17
CA PRO C 668 -38.64 12.95 -20.34
C PRO C 668 -39.47 12.44 -19.16
N ASN C 669 -40.53 13.17 -18.79
CA ASN C 669 -41.45 12.67 -17.73
C ASN C 669 -42.16 11.43 -18.29
N THR C 670 -42.32 10.38 -17.48
CA THR C 670 -42.88 9.12 -18.04
C THR C 670 -44.04 8.54 -17.24
N VAL C 671 -45.02 7.95 -17.92
CA VAL C 671 -46.12 7.22 -17.30
C VAL C 671 -45.97 5.76 -17.68
N VAL C 672 -46.03 4.88 -16.68
CA VAL C 672 -45.87 3.44 -16.84
C VAL C 672 -47.22 2.80 -16.57
N LEU C 673 -47.71 2.03 -17.54
CA LEU C 673 -48.90 1.21 -17.37
C LEU C 673 -48.50 -0.26 -17.39
N HIS C 674 -49.10 -1.04 -16.50
CA HIS C 674 -48.73 -2.45 -16.40
C HIS C 674 -49.98 -3.29 -16.14
N ALA C 675 -50.08 -4.41 -16.83
CA ALA C 675 -51.16 -5.36 -16.63
C ALA C 675 -50.61 -6.78 -16.67
N LYS C 676 -51.23 -7.66 -15.88
CA LYS C 676 -50.84 -9.06 -15.87
C LYS C 676 -52.06 -9.92 -15.60
N ALA C 677 -52.11 -11.09 -16.24
CA ALA C 677 -53.23 -12.01 -16.06
C ALA C 677 -52.73 -13.44 -16.08
N GLY C 678 -53.32 -14.28 -15.24
CA GLY C 678 -52.91 -15.67 -15.17
C GLY C 678 -54.03 -16.65 -14.91
N ASN C 679 -54.13 -17.68 -15.76
CA ASN C 679 -55.16 -18.70 -15.66
C ASN C 679 -54.54 -20.09 -15.67
N ALA C 680 -55.07 -20.98 -14.84
CA ALA C 680 -54.63 -22.37 -14.75
C ALA C 680 -55.82 -23.30 -14.85
N LEU C 681 -55.71 -24.33 -15.68
CA LEU C 681 -56.72 -25.37 -15.79
C LEU C 681 -56.05 -26.73 -15.72
N GLY C 682 -56.53 -27.58 -14.81
CA GLY C 682 -56.05 -28.94 -14.72
C GLY C 682 -55.71 -29.30 -13.29
N ASP C 683 -54.93 -30.37 -13.15
CA ASP C 683 -54.53 -30.86 -11.83
C ASP C 683 -53.33 -30.05 -11.32
N VAL C 684 -53.62 -28.79 -10.99
CA VAL C 684 -52.59 -27.89 -10.49
C VAL C 684 -52.35 -28.16 -9.02
N ALA C 685 -51.09 -28.42 -8.64
CA ALA C 685 -50.76 -28.75 -7.24
C ALA C 685 -50.57 -27.47 -6.40
N ALA C 686 -50.55 -27.59 -5.07
CA ALA C 686 -50.45 -26.41 -4.20
C ALA C 686 -49.14 -25.65 -4.40
N TYR C 687 -48.03 -26.36 -4.64
CA TYR C 687 -46.71 -25.69 -4.78
C TYR C 687 -46.68 -24.82 -6.04
N ASP C 688 -47.57 -25.10 -7.01
CA ASP C 688 -47.64 -24.29 -8.24
C ASP C 688 -48.84 -23.33 -8.22
N TYR C 689 -49.53 -23.20 -7.08
CA TYR C 689 -50.64 -22.20 -7.02
C TYR C 689 -50.04 -20.81 -7.16
N PHE C 690 -50.74 -19.92 -7.88
CA PHE C 690 -50.26 -18.52 -8.00
C PHE C 690 -50.45 -17.83 -6.64
N SER C 691 -49.40 -17.15 -6.15
CA SER C 691 -49.49 -16.44 -4.85
C SER C 691 -49.63 -14.94 -5.09
N LEU C 692 -50.64 -14.30 -4.49
CA LEU C 692 -50.84 -12.83 -4.69
C LEU C 692 -50.25 -12.06 -3.51
N GLY C 693 -49.59 -10.93 -3.79
CA GLY C 693 -48.98 -10.09 -2.73
C GLY C 693 -47.47 -10.26 -2.68
N GLY C 694 -46.76 -9.21 -2.23
CA GLY C 694 -45.28 -9.26 -2.15
C GLY C 694 -44.69 -7.90 -2.43
N PRO C 695 -43.35 -7.72 -2.43
CA PRO C 695 -42.75 -6.44 -2.83
C PRO C 695 -43.13 -6.21 -4.30
N TYR C 696 -43.05 -7.27 -5.12
CA TYR C 696 -43.49 -7.19 -6.54
C TYR C 696 -45.00 -7.41 -6.57
N SER C 697 -45.65 -7.26 -7.73
CA SER C 697 -47.13 -7.33 -7.77
C SER C 697 -47.68 -6.19 -6.91
N VAL C 698 -48.58 -6.46 -5.97
CA VAL C 698 -49.16 -5.31 -5.21
C VAL C 698 -48.25 -5.01 -4.01
N ARG C 699 -47.69 -3.79 -3.96
CA ARG C 699 -46.74 -3.40 -2.87
C ARG C 699 -47.52 -3.09 -1.58
N GLY C 700 -46.82 -3.10 -0.44
CA GLY C 700 -47.47 -2.81 0.86
C GLY C 700 -47.91 -4.09 1.53
N TYR C 701 -47.95 -5.19 0.79
CA TYR C 701 -48.34 -6.49 1.34
C TYR C 701 -47.15 -7.43 1.30
N SER C 702 -47.03 -8.25 2.35
CA SER C 702 -45.99 -9.27 2.36
C SER C 702 -46.32 -10.38 1.36
N HIS C 703 -45.37 -11.30 1.18
CA HIS C 703 -45.54 -12.40 0.19
C HIS C 703 -46.75 -13.27 0.53
N GLY C 704 -47.73 -13.36 -0.38
CA GLY C 704 -48.88 -14.26 -0.18
C GLY C 704 -49.94 -13.67 0.74
N GLU C 705 -49.75 -12.41 1.16
CA GLU C 705 -50.71 -11.80 2.12
C GLU C 705 -52.08 -11.65 1.45
N ILE C 706 -52.10 -11.19 0.19
CA ILE C 706 -53.40 -10.93 -0.50
C ILE C 706 -54.15 -12.27 -0.59
N GLY C 707 -53.45 -13.35 -0.94
CA GLY C 707 -54.11 -14.67 -0.96
C GLY C 707 -53.71 -15.51 -2.15
N ALA C 708 -54.46 -16.57 -2.44
CA ALA C 708 -54.13 -17.46 -3.57
C ALA C 708 -55.30 -17.46 -4.57
N ALA C 709 -55.00 -17.32 -5.87
CA ALA C 709 -56.06 -17.27 -6.91
C ALA C 709 -55.69 -18.14 -8.12
N ARG C 710 -56.56 -19.09 -8.49
CA ARG C 710 -56.31 -19.92 -9.70
C ARG C 710 -56.31 -19.02 -10.93
N ARG C 711 -57.25 -18.07 -10.98
CA ARG C 711 -57.28 -17.09 -12.10
C ARG C 711 -57.02 -15.71 -11.47
N PHE C 712 -55.94 -15.03 -11.86
CA PHE C 712 -55.62 -13.76 -11.17
C PHE C 712 -55.50 -12.60 -12.16
N LEU C 713 -55.70 -11.36 -11.68
CA LEU C 713 -55.54 -10.17 -12.56
C LEU C 713 -54.82 -9.07 -11.78
N GLU C 714 -53.73 -8.53 -12.33
CA GLU C 714 -52.95 -7.47 -11.65
C GLU C 714 -52.94 -6.21 -12.53
N LEU C 715 -53.26 -5.05 -11.96
CA LEU C 715 -53.25 -3.77 -12.72
C LEU C 715 -52.39 -2.76 -11.96
N ALA C 716 -51.61 -1.94 -12.66
CA ALA C 716 -50.73 -0.99 -11.98
C ALA C 716 -50.49 0.22 -12.88
N THR C 717 -50.46 1.40 -12.28
CA THR C 717 -50.10 2.62 -12.97
C THR C 717 -49.08 3.39 -12.13
N GLU C 718 -48.23 4.15 -12.80
CA GLU C 718 -47.15 4.84 -12.07
C GLU C 718 -46.71 6.06 -12.86
N VAL C 719 -46.70 7.22 -12.22
CA VAL C 719 -46.19 8.44 -12.84
C VAL C 719 -44.79 8.70 -12.29
N ARG C 720 -43.79 8.72 -13.16
CA ARG C 720 -42.40 8.93 -12.79
C ARG C 720 -41.92 10.27 -13.33
N VAL C 721 -41.46 11.14 -12.43
CA VAL C 721 -40.91 12.46 -12.87
C VAL C 721 -39.43 12.49 -12.44
N PRO C 722 -38.46 12.43 -13.39
CA PRO C 722 -37.05 12.51 -13.04
C PRO C 722 -36.75 13.88 -12.41
N LEU C 723 -35.97 13.89 -11.33
CA LEU C 723 -35.62 15.16 -10.65
C LEU C 723 -34.27 15.67 -11.17
N LYS C 724 -33.64 14.91 -12.07
CA LYS C 724 -32.30 15.30 -12.60
C LYS C 724 -32.43 16.63 -13.36
N ASN C 725 -33.55 16.82 -14.07
CA ASN C 725 -33.79 18.10 -14.79
C ASN C 725 -33.85 19.24 -13.77
N TYR C 726 -34.45 19.00 -12.60
CA TYR C 726 -34.52 20.03 -11.53
C TYR C 726 -33.14 20.20 -10.88
N GLY C 727 -32.21 19.28 -11.15
CA GLY C 727 -30.85 19.37 -10.59
C GLY C 727 -30.69 18.60 -9.30
N LEU C 728 -31.71 17.83 -8.89
CA LEU C 728 -31.61 16.97 -7.68
C LEU C 728 -31.53 15.51 -8.10
N PRO C 729 -30.53 14.72 -7.65
CA PRO C 729 -30.39 13.33 -8.09
C PRO C 729 -31.55 12.43 -7.63
N GLY C 730 -32.09 11.60 -8.52
CA GLY C 730 -33.16 10.66 -8.14
C GLY C 730 -34.42 10.83 -8.98
N THR C 731 -35.38 9.92 -8.82
CA THR C 731 -36.66 9.99 -9.59
C THR C 731 -37.84 9.85 -8.63
N ALA C 732 -38.80 10.78 -8.70
CA ALA C 732 -39.96 10.75 -7.81
C ALA C 732 -41.10 10.05 -8.54
N TYR C 733 -41.55 8.91 -8.02
CA TYR C 733 -42.60 8.14 -8.66
C TYR C 733 -43.78 7.96 -7.72
N GLY C 734 -44.98 8.18 -8.25
CA GLY C 734 -46.20 7.89 -7.53
C GLY C 734 -46.97 6.77 -8.20
N PHE C 735 -47.23 5.67 -7.49
CA PHE C 735 -47.84 4.50 -8.09
C PHE C 735 -49.13 4.10 -7.37
N VAL C 736 -50.08 3.55 -8.13
CA VAL C 736 -51.33 3.01 -7.54
C VAL C 736 -51.50 1.59 -8.09
N GLU C 737 -51.42 0.56 -7.25
CA GLU C 737 -51.45 -0.84 -7.76
C GLU C 737 -52.69 -1.58 -7.24
N TYR C 738 -53.35 -2.35 -8.11
CA TYR C 738 -54.56 -3.11 -7.70
C TYR C 738 -54.39 -4.59 -8.10
N ALA C 739 -54.98 -5.51 -7.33
CA ALA C 739 -54.91 -6.92 -7.66
C ALA C 739 -56.21 -7.59 -7.23
N THR C 740 -56.68 -8.55 -8.02
CA THR C 740 -57.99 -9.19 -7.72
C THR C 740 -57.92 -10.71 -7.89
N ASP C 741 -58.82 -11.45 -7.23
CA ASP C 741 -58.81 -12.93 -7.29
C ASP C 741 -59.65 -13.42 -8.48
N LEU C 742 -60.35 -12.52 -9.17
CA LEU C 742 -61.23 -12.93 -10.29
C LEU C 742 -62.21 -14.02 -9.80
N GLY C 743 -62.85 -13.81 -8.65
CA GLY C 743 -63.79 -14.81 -8.10
C GLY C 743 -63.16 -16.17 -7.91
N SER C 744 -61.98 -16.22 -7.27
CA SER C 744 -61.25 -17.50 -7.05
C SER C 744 -61.61 -18.08 -5.68
N GLY C 745 -62.73 -17.65 -5.08
CA GLY C 745 -63.17 -18.28 -3.81
C GLY C 745 -63.35 -19.77 -4.03
N ARG C 746 -62.99 -20.61 -3.05
CA ARG C 746 -63.03 -22.08 -3.25
C ARG C 746 -62.19 -22.44 -4.48
N GLU C 747 -61.00 -21.83 -4.60
CA GLU C 747 -60.13 -22.04 -5.78
C GLU C 747 -59.72 -23.50 -5.88
N LEU C 748 -59.38 -24.13 -4.75
CA LEU C 748 -58.86 -25.52 -4.81
C LEU C 748 -59.13 -26.23 -3.48
N ASN C 749 -58.81 -27.52 -3.40
CA ASN C 749 -59.12 -28.31 -2.18
C ASN C 749 -58.42 -27.68 -0.96
N GLY C 750 -59.13 -27.58 0.17
CA GLY C 750 -58.56 -27.01 1.39
C GLY C 750 -58.77 -25.50 1.46
N ASN C 751 -59.22 -24.89 0.35
CA ASN C 751 -59.52 -23.43 0.34
C ASN C 751 -58.38 -22.65 1.00
N PRO C 752 -57.10 -22.70 0.54
CA PRO C 752 -55.99 -22.04 1.25
C PRO C 752 -56.31 -20.62 1.70
N THR C 753 -56.95 -19.83 0.82
CA THR C 753 -57.24 -18.41 1.16
C THR C 753 -58.17 -18.35 2.38
N GLU C 754 -59.22 -19.17 2.41
CA GLU C 754 -60.15 -19.21 3.57
C GLU C 754 -59.44 -19.76 4.81
N TYR C 755 -58.58 -20.78 4.64
CA TYR C 755 -57.93 -21.43 5.81
C TYR C 755 -57.07 -20.42 6.57
N TYR C 756 -56.35 -19.56 5.83
CA TYR C 756 -55.48 -18.53 6.47
C TYR C 756 -56.24 -17.20 6.55
N ARG C 757 -57.52 -17.18 6.19
CA ARG C 757 -58.38 -15.96 6.31
C ARG C 757 -57.77 -14.79 5.51
N LYS C 758 -57.22 -15.11 4.34
CA LYS C 758 -56.62 -14.07 3.47
C LYS C 758 -57.73 -13.31 2.72
N PRO C 759 -57.63 -11.98 2.47
CA PRO C 759 -58.71 -11.22 1.82
C PRO C 759 -59.06 -11.64 0.38
N GLY C 760 -58.05 -11.93 -0.45
CA GLY C 760 -58.31 -12.32 -1.86
C GLY C 760 -58.20 -11.14 -2.81
N ARG C 761 -58.46 -9.92 -2.32
CA ARG C 761 -58.44 -8.70 -3.19
C ARG C 761 -57.51 -7.67 -2.57
N GLY C 762 -57.00 -6.72 -3.36
CA GLY C 762 -56.02 -5.76 -2.80
C GLY C 762 -55.91 -4.44 -3.54
N MET C 763 -55.53 -3.37 -2.83
CA MET C 763 -55.33 -2.06 -3.43
C MET C 763 -54.31 -1.31 -2.59
N SER C 764 -53.32 -0.70 -3.25
CA SER C 764 -52.29 0.04 -2.53
C SER C 764 -51.89 1.26 -3.33
N TYR C 765 -51.49 2.33 -2.63
CA TYR C 765 -50.90 3.48 -3.30
C TYR C 765 -49.67 3.94 -2.56
N GLY C 766 -48.63 4.31 -3.30
CA GLY C 766 -47.34 4.61 -2.71
C GLY C 766 -46.64 5.75 -3.42
N LEU C 767 -45.79 6.43 -2.65
CA LEU C 767 -44.92 7.49 -3.15
C LEU C 767 -43.47 7.11 -2.87
N GLY C 768 -42.62 7.14 -3.88
CA GLY C 768 -41.27 6.62 -3.74
C GLY C 768 -40.24 7.46 -4.47
N LEU C 769 -38.99 7.30 -4.03
CA LEU C 769 -37.84 7.95 -4.63
C LEU C 769 -36.81 6.90 -5.03
N LYS C 770 -36.33 7.01 -6.27
CA LYS C 770 -35.24 6.19 -6.75
C LYS C 770 -33.90 6.72 -6.23
N ALA C 771 -32.88 5.88 -6.33
CA ALA C 771 -31.56 6.21 -5.80
C ALA C 771 -30.52 5.70 -6.78
N LEU C 772 -29.25 5.67 -6.35
CA LEU C 772 -28.18 5.19 -7.19
C LEU C 772 -28.40 3.74 -7.58
N GLY C 773 -28.08 3.40 -8.82
CA GLY C 773 -28.36 2.07 -9.32
C GLY C 773 -29.86 1.80 -9.34
N ALA C 774 -30.26 0.64 -8.82
CA ALA C 774 -31.68 0.25 -8.87
C ALA C 774 -32.30 0.40 -7.48
N CYS C 775 -31.56 0.92 -6.51
CA CYS C 775 -32.07 1.04 -5.12
C CYS C 775 -33.26 2.01 -5.13
N ARG C 776 -34.32 1.67 -4.38
CA ARG C 776 -35.53 2.53 -4.35
C ARG C 776 -36.14 2.50 -2.94
N PHE C 777 -36.62 3.65 -2.46
CA PHE C 777 -37.23 3.74 -1.13
C PHE C 777 -38.58 4.41 -1.27
N GLU C 778 -39.62 3.78 -0.71
CA GLU C 778 -40.98 4.24 -0.92
C GLU C 778 -41.76 4.19 0.39
N TYR C 779 -42.88 4.90 0.40
CA TYR C 779 -43.87 4.82 1.46
C TYR C 779 -45.17 4.35 0.83
N ALA C 780 -45.67 3.19 1.26
CA ALA C 780 -46.84 2.55 0.68
C ALA C 780 -47.95 2.41 1.70
N ARG C 781 -49.18 2.69 1.28
CA ARG C 781 -50.34 2.64 2.15
C ARG C 781 -51.37 1.68 1.56
N ASP C 782 -51.77 0.70 2.36
CA ASP C 782 -52.82 -0.23 1.97
C ASP C 782 -54.19 0.37 2.19
N CYS C 783 -55.10 0.13 1.24
CA CYS C 783 -56.46 0.64 1.37
C CYS C 783 -57.25 -0.15 2.42
N ASN C 784 -57.18 -1.48 2.36
CA ASN C 784 -57.97 -2.30 3.29
C ASN C 784 -57.46 -2.17 4.72
N ALA C 785 -56.14 -2.14 4.90
CA ALA C 785 -55.58 -2.06 6.25
C ALA C 785 -55.71 -0.65 6.82
N GLY C 786 -55.66 0.37 5.96
CA GLY C 786 -55.67 1.73 6.42
C GLY C 786 -54.34 2.22 6.98
N THR C 787 -53.27 1.46 6.78
CA THR C 787 -51.97 1.77 7.35
C THR C 787 -50.93 1.92 6.25
N GLY C 788 -49.88 2.66 6.56
CA GLY C 788 -48.79 2.88 5.63
C GLY C 788 -47.46 2.61 6.30
N THR C 789 -46.49 2.12 5.50
CA THR C 789 -45.17 1.74 6.07
C THR C 789 -44.05 2.09 5.09
N PHE C 790 -42.96 2.69 5.57
CA PHE C 790 -41.80 2.97 4.69
C PHE C 790 -41.17 1.63 4.29
N LEU C 791 -40.78 1.47 3.03
CA LEU C 791 -40.19 0.21 2.53
C LEU C 791 -38.94 0.53 1.70
N VAL C 792 -37.91 -0.33 1.77
CA VAL C 792 -36.70 -0.13 0.93
C VAL C 792 -36.49 -1.39 0.08
N ASN C 793 -36.02 -1.24 -1.16
CA ASN C 793 -35.90 -2.43 -2.05
C ASN C 793 -34.85 -2.18 -3.13
N PHE C 794 -34.19 -3.23 -3.61
CA PHE C 794 -33.22 -3.08 -4.72
C PHE C 794 -33.81 -3.73 -5.97
N GLY C 795 -33.86 -2.98 -7.08
CA GLY C 795 -34.37 -3.55 -8.34
C GLY C 795 -35.37 -2.64 -9.04
N GLU C 796 -35.82 -3.03 -10.23
CA GLU C 796 -36.82 -2.22 -10.97
C GLU C 796 -38.21 -2.86 -10.79
N ARG C 797 -39.19 -2.07 -10.34
CA ARG C 797 -40.56 -2.60 -10.11
C ARG C 797 -41.12 -3.10 -11.45
N PHE C 798 -40.90 -2.34 -12.53
CA PHE C 798 -41.40 -2.75 -13.87
C PHE C 798 -40.22 -2.94 -14.82
N ARG D 529 -27.90 -12.83 26.37
CA ARG D 529 -27.37 -11.45 26.43
C ARG D 529 -26.12 -11.34 25.55
N LEU D 530 -24.98 -10.96 26.13
CA LEU D 530 -23.71 -10.86 25.36
C LEU D 530 -23.31 -12.25 24.87
N PRO D 531 -22.78 -12.38 23.64
CA PRO D 531 -22.36 -13.68 23.10
C PRO D 531 -21.36 -14.46 23.96
N PRO D 532 -21.19 -15.81 23.85
CA PRO D 532 -20.16 -16.50 24.62
C PRO D 532 -18.78 -15.83 24.59
N MET D 533 -18.09 -15.78 25.72
CA MET D 533 -16.76 -15.13 25.80
C MET D 533 -15.84 -15.72 24.72
N THR D 534 -16.14 -16.94 24.27
CA THR D 534 -15.30 -17.61 23.23
C THR D 534 -15.34 -16.77 21.95
N PHE D 535 -16.51 -16.23 21.60
CA PHE D 535 -16.62 -15.36 20.41
C PHE D 535 -15.70 -14.16 20.58
N PHE D 536 -15.74 -13.50 21.74
CA PHE D 536 -14.94 -12.27 21.94
C PHE D 536 -13.45 -12.60 21.89
N VAL D 537 -13.03 -13.67 22.56
CA VAL D 537 -11.60 -14.08 22.57
C VAL D 537 -11.14 -14.32 21.13
N GLU D 538 -11.92 -15.08 20.36
CA GLU D 538 -11.49 -15.42 18.97
C GLU D 538 -11.39 -14.13 18.15
N GLN D 539 -12.36 -13.22 18.32
CA GLN D 539 -12.37 -11.95 17.54
C GLN D 539 -11.12 -11.13 17.89
N MET D 540 -10.74 -11.12 19.16
CA MET D 540 -9.58 -10.30 19.61
C MET D 540 -8.28 -10.84 19.00
N SER D 541 -8.02 -12.14 19.15
CA SER D 541 -6.74 -12.72 18.67
C SER D 541 -6.84 -13.13 17.20
N GLU D 542 -7.27 -12.22 16.33
CA GLU D 542 -7.33 -12.53 14.87
C GLU D 542 -5.93 -12.78 14.33
N GLY D 543 -4.96 -11.95 14.71
CA GLY D 543 -3.58 -12.08 14.21
C GLY D 543 -2.85 -10.75 14.19
N VAL D 544 -1.67 -10.70 13.57
CA VAL D 544 -0.97 -9.38 13.43
C VAL D 544 -1.84 -8.49 12.56
N LEU D 545 -2.06 -7.24 12.97
CA LEU D 545 -2.96 -6.33 12.21
C LEU D 545 -2.16 -5.12 11.73
N LYS D 546 -2.26 -4.79 10.44
CA LYS D 546 -1.59 -3.58 9.91
C LYS D 546 -2.67 -2.53 9.61
N PRO D 547 -2.61 -1.32 10.19
CA PRO D 547 -3.67 -0.32 10.00
C PRO D 547 -3.63 0.36 8.63
N GLU D 548 -4.70 1.09 8.28
CA GLU D 548 -4.76 1.80 6.98
C GLU D 548 -3.97 3.11 7.04
N GLY D 549 -3.39 3.55 5.91
CA GLY D 549 -2.60 4.79 5.88
C GLY D 549 -3.22 5.86 5.00
N TRP D 550 -2.45 6.88 4.58
CA TRP D 550 -2.97 7.96 3.78
C TRP D 550 -3.12 7.54 2.31
N ALA D 551 -3.76 8.40 1.52
CA ALA D 551 -3.89 8.14 0.06
C ALA D 551 -3.31 9.35 -0.68
N THR D 552 -2.61 9.12 -1.80
CA THR D 552 -1.92 10.25 -2.49
C THR D 552 -2.63 10.57 -3.81
N MET D 553 -2.88 11.86 -4.08
CA MET D 553 -3.56 12.27 -5.34
C MET D 553 -2.71 11.80 -6.53
N GLU D 554 -1.37 11.91 -6.44
CA GLU D 554 -0.42 11.40 -7.47
C GLU D 554 -0.16 12.47 -8.55
N THR D 555 -1.03 13.48 -8.66
CA THR D 555 -0.74 14.59 -9.61
C THR D 555 0.43 15.39 -9.04
N VAL D 556 0.44 15.62 -7.73
CA VAL D 556 1.51 16.44 -7.09
C VAL D 556 2.67 15.56 -6.60
N ALA D 557 2.49 14.24 -6.61
CA ALA D 557 3.54 13.33 -6.10
C ALA D 557 4.86 13.49 -6.86
N GLY D 558 4.79 13.58 -8.18
CA GLY D 558 6.00 13.81 -9.00
C GLY D 558 5.98 15.21 -9.58
N LEU D 559 5.04 16.05 -9.13
CA LEU D 559 4.89 17.42 -9.69
C LEU D 559 4.62 17.31 -11.20
N GLY D 560 3.85 16.29 -11.59
CA GLY D 560 3.56 16.07 -13.02
C GLY D 560 4.61 15.20 -13.69
N GLU D 561 4.94 14.04 -13.10
CA GLU D 561 5.91 13.11 -13.74
C GLU D 561 5.58 11.68 -13.31
N GLU D 562 6.08 10.68 -14.04
CA GLU D 562 5.83 9.25 -13.72
C GLU D 562 6.39 8.92 -12.34
N VAL D 563 5.62 8.23 -11.50
CA VAL D 563 6.07 7.93 -10.10
C VAL D 563 5.84 6.44 -9.79
N THR D 564 6.63 5.89 -8.86
CA THR D 564 6.43 4.47 -8.43
C THR D 564 5.68 4.49 -7.10
N GLU D 565 5.26 3.32 -6.59
CA GLU D 565 4.45 3.31 -5.35
C GLU D 565 5.33 3.00 -4.14
N ASP D 566 5.53 3.98 -3.25
CA ASP D 566 6.28 3.72 -1.99
C ASP D 566 5.49 4.30 -0.82
N GLU D 567 5.26 3.50 0.22
CA GLU D 567 4.50 3.97 1.41
C GLU D 567 5.27 5.12 2.07
N GLY D 568 6.60 4.99 2.17
CA GLY D 568 7.41 6.02 2.84
C GLY D 568 7.35 7.34 2.11
N ALA D 569 7.46 7.31 0.78
CA ALA D 569 7.49 8.58 0.00
C ALA D 569 6.15 9.29 0.18
N GLU D 570 5.05 8.54 0.07
CA GLU D 570 3.70 9.14 0.18
C GLU D 570 3.57 9.81 1.55
N SER D 571 3.79 9.04 2.63
CA SER D 571 3.68 9.59 4.00
C SER D 571 4.58 10.83 4.14
N PHE D 572 5.82 10.73 3.66
CA PHE D 572 6.77 11.87 3.82
C PHE D 572 6.19 13.09 3.11
N ASN D 573 5.65 12.88 1.90
CA ASN D 573 5.15 14.03 1.12
C ASN D 573 4.01 14.71 1.89
N HIS D 574 3.11 13.94 2.49
CA HIS D 574 1.96 14.59 3.16
C HIS D 574 2.49 15.48 4.30
N VAL D 575 3.38 14.93 5.12
CA VAL D 575 3.95 15.70 6.26
C VAL D 575 4.83 16.84 5.74
N TYR D 576 5.70 16.55 4.76
CA TYR D 576 6.65 17.57 4.23
C TYR D 576 5.86 18.79 3.73
N TYR D 577 4.88 18.58 2.85
CA TYR D 577 4.14 19.72 2.27
C TYR D 577 3.39 20.48 3.37
N ARG D 578 2.82 19.76 4.34
CA ARG D 578 2.14 20.41 5.48
C ARG D 578 3.17 21.21 6.28
N GLN D 579 4.36 20.66 6.49
CA GLN D 579 5.43 21.37 7.25
C GLN D 579 5.88 22.61 6.47
N MET D 580 6.07 22.45 5.15
CA MET D 580 6.54 23.59 4.33
C MET D 580 5.47 24.66 4.37
N TYR D 581 4.20 24.26 4.28
CA TYR D 581 3.11 25.26 4.39
C TYR D 581 3.24 25.95 5.75
N GLU D 582 3.36 25.16 6.81
CA GLU D 582 3.45 25.75 8.15
C GLU D 582 4.58 26.76 8.24
N LEU D 583 5.75 26.41 7.69
CA LEU D 583 6.87 27.33 7.68
C LEU D 583 6.61 28.53 6.77
N ALA D 584 5.98 28.30 5.62
CA ALA D 584 5.71 29.37 4.67
C ALA D 584 4.68 30.35 5.20
N VAL D 585 3.90 29.96 6.21
CA VAL D 585 3.06 30.93 6.90
C VAL D 585 3.92 32.06 7.46
N ALA D 586 5.04 31.72 8.05
CA ALA D 586 6.07 32.69 8.39
C ALA D 586 6.89 33.03 7.15
N GLY D 587 7.65 34.12 7.24
CA GLY D 587 8.37 34.62 6.09
C GLY D 587 9.65 33.88 5.76
N ASP D 588 9.54 32.60 5.42
CA ASP D 588 10.71 31.81 5.01
C ASP D 588 10.68 31.64 3.49
N PRO D 589 11.64 32.22 2.74
CA PRO D 589 11.59 32.18 1.28
C PRO D 589 11.58 30.76 0.70
N TRP D 590 12.61 29.97 1.01
CA TRP D 590 12.69 28.63 0.39
C TRP D 590 11.37 27.88 0.62
N ALA D 591 10.81 27.98 1.83
CA ALA D 591 9.51 27.32 2.12
C ALA D 591 8.45 27.90 1.20
N GLN D 592 8.35 29.23 1.13
CA GLN D 592 7.31 29.86 0.30
C GLN D 592 7.44 29.35 -1.13
N ARG D 593 8.67 29.24 -1.64
CA ARG D 593 8.86 28.80 -3.05
C ARG D 593 8.44 27.35 -3.21
N GLU D 594 8.81 26.46 -2.29
CA GLU D 594 8.49 25.02 -2.44
C GLU D 594 6.97 24.84 -2.44
N TYR D 595 6.27 25.56 -1.57
CA TYR D 595 4.79 25.47 -1.49
C TYR D 595 4.19 25.99 -2.81
N ALA D 596 4.76 27.06 -3.37
CA ALA D 596 4.24 27.65 -4.62
C ALA D 596 4.32 26.63 -5.76
N ALA D 597 5.43 25.89 -5.84
CA ALA D 597 5.60 24.88 -6.91
C ALA D 597 4.51 23.81 -6.77
N MET D 598 4.21 23.41 -5.54
CA MET D 598 3.17 22.38 -5.31
C MET D 598 1.83 22.91 -5.79
N LEU D 599 1.52 24.19 -5.50
CA LEU D 599 0.23 24.77 -5.91
C LEU D 599 0.12 24.78 -7.43
N ARG D 600 1.20 25.13 -8.13
CA ARG D 600 1.17 25.21 -9.61
C ARG D 600 0.88 23.82 -10.20
N ALA D 601 1.56 22.79 -9.68
CA ALA D 601 1.33 21.41 -10.16
C ALA D 601 -0.10 20.97 -9.82
N TYR D 602 -0.57 21.32 -8.62
CA TYR D 602 -1.94 20.94 -8.18
C TYR D 602 -2.97 21.57 -9.11
N ASP D 603 -2.78 22.85 -9.46
CA ASP D 603 -3.76 23.56 -10.31
C ASP D 603 -3.72 22.97 -11.72
N LYS D 604 -2.51 22.71 -12.24
CA LYS D 604 -2.37 22.14 -13.60
C LYS D 604 -3.07 20.78 -13.67
N GLY D 605 -2.72 19.88 -12.74
CA GLY D 605 -3.34 18.54 -12.72
C GLY D 605 -4.84 18.64 -12.68
N CYS D 606 -5.40 19.43 -11.75
CA CYS D 606 -6.87 19.51 -11.59
C CYS D 606 -7.52 19.93 -12.92
N GLU D 607 -6.99 20.99 -13.54
CA GLU D 607 -7.58 21.48 -14.81
C GLU D 607 -7.53 20.38 -15.87
N SER D 608 -6.43 19.62 -15.92
CA SER D 608 -6.29 18.54 -16.92
C SER D 608 -7.37 17.48 -16.70
N TYR D 609 -7.62 17.10 -15.44
CA TYR D 609 -8.69 16.11 -15.13
C TYR D 609 -10.05 16.68 -15.53
N ARG D 610 -10.27 17.98 -15.27
CA ARG D 610 -11.56 18.63 -15.62
C ARG D 610 -11.77 18.54 -17.13
N ALA D 611 -10.73 18.86 -17.92
CA ALA D 611 -10.84 18.82 -19.39
C ALA D 611 -11.10 17.38 -19.85
N SER D 612 -10.39 16.41 -19.28
CA SER D 612 -10.56 14.99 -19.68
C SER D 612 -12.01 14.56 -19.43
N TYR D 613 -12.55 14.90 -18.26
CA TYR D 613 -13.95 14.53 -17.93
C TYR D 613 -14.89 15.19 -18.95
N GLU D 614 -14.67 16.48 -19.23
CA GLU D 614 -15.55 17.21 -20.19
C GLU D 614 -15.51 16.50 -21.54
N GLU D 615 -14.34 16.04 -21.95
CA GLU D 615 -14.19 15.37 -23.27
C GLU D 615 -14.86 13.99 -23.22
N ALA D 616 -14.37 13.11 -22.34
CA ALA D 616 -14.94 11.77 -22.25
C ALA D 616 -16.46 11.81 -22.26
N ASP D 617 -17.05 12.82 -21.63
CA ASP D 617 -18.53 12.98 -21.63
C ASP D 617 -19.04 13.04 -23.08
N VAL D 618 -18.50 13.95 -23.89
CA VAL D 618 -18.97 14.13 -25.30
C VAL D 618 -18.73 12.84 -26.09
N ASP D 619 -17.57 12.20 -25.92
CA ASP D 619 -17.24 10.99 -26.70
C ASP D 619 -18.25 9.90 -26.39
N ALA D 620 -18.62 9.74 -25.12
CA ALA D 620 -19.62 8.72 -24.71
C ALA D 620 -20.97 9.03 -25.37
N ASN D 621 -21.33 10.31 -25.45
CA ASN D 621 -22.61 10.72 -26.09
C ASN D 621 -22.63 10.18 -27.52
N VAL D 622 -21.57 10.41 -28.29
CA VAL D 622 -21.49 9.94 -29.71
C VAL D 622 -21.54 8.41 -29.75
N GLU D 623 -20.81 7.73 -28.85
CA GLU D 623 -20.71 6.25 -28.92
C GLU D 623 -22.07 5.58 -28.66
N TYR D 624 -22.86 6.06 -27.70
CA TYR D 624 -24.12 5.36 -27.34
C TYR D 624 -25.36 6.13 -27.80
N GLY D 625 -25.19 7.34 -28.34
CA GLY D 625 -26.37 8.15 -28.70
C GLY D 625 -26.97 8.80 -27.46
N VAL D 626 -28.23 9.21 -27.55
CA VAL D 626 -28.93 9.83 -26.37
C VAL D 626 -29.27 8.71 -25.37
N GLU D 627 -29.35 7.46 -25.85
CA GLU D 627 -29.68 6.31 -24.95
C GLU D 627 -28.52 6.09 -23.96
N SER D 628 -28.85 5.90 -22.68
CA SER D 628 -27.82 5.67 -21.63
C SER D 628 -27.33 4.22 -21.68
N TYR D 629 -26.08 3.97 -21.25
CA TYR D 629 -25.55 2.59 -21.20
C TYR D 629 -26.32 1.79 -20.13
N VAL D 630 -26.57 0.51 -20.41
CA VAL D 630 -27.32 -0.35 -19.44
C VAL D 630 -26.35 -1.40 -18.85
N VAL D 631 -26.43 -1.63 -17.54
CA VAL D 631 -25.46 -2.56 -16.89
C VAL D 631 -25.92 -4.01 -17.07
N ASP D 632 -25.06 -4.98 -16.72
CA ASP D 632 -25.41 -6.38 -16.81
C ASP D 632 -26.23 -6.82 -15.61
N PRO D 633 -27.09 -7.84 -15.78
CA PRO D 633 -27.87 -8.36 -14.64
C PRO D 633 -27.03 -9.15 -13.65
N ILE D 634 -27.68 -9.73 -12.66
CA ILE D 634 -27.02 -10.48 -11.59
C ILE D 634 -27.34 -11.95 -11.77
N ASP D 635 -26.30 -12.78 -11.80
CA ASP D 635 -26.48 -14.22 -11.94
C ASP D 635 -26.89 -14.86 -10.61
N PHE D 636 -27.81 -15.81 -10.69
CA PHE D 636 -28.32 -16.50 -9.50
C PHE D 636 -28.21 -18.01 -9.55
N GLY D 637 -27.65 -18.58 -10.62
CA GLY D 637 -27.50 -20.01 -10.71
C GLY D 637 -28.72 -20.70 -11.29
N PRO D 638 -28.62 -22.01 -11.50
CA PRO D 638 -29.70 -22.74 -12.17
C PRO D 638 -30.96 -22.77 -11.31
N SER D 639 -32.11 -22.55 -11.95
CA SER D 639 -33.41 -22.69 -11.32
C SER D 639 -34.37 -23.36 -12.29
N PHE D 640 -35.35 -24.09 -11.74
CA PHE D 640 -36.36 -24.74 -12.62
C PHE D 640 -37.19 -23.64 -13.29
N ASP D 641 -37.30 -22.49 -12.63
CA ASP D 641 -38.01 -21.35 -13.27
C ASP D 641 -37.17 -20.90 -14.47
N PRO D 642 -37.78 -20.45 -15.59
CA PRO D 642 -37.02 -20.10 -16.81
C PRO D 642 -35.79 -19.23 -16.52
N GLU D 643 -34.68 -19.51 -17.21
CA GLU D 643 -33.47 -18.71 -17.05
C GLU D 643 -33.75 -17.25 -17.37
N ASP D 644 -33.11 -16.36 -16.60
CA ASP D 644 -33.24 -14.90 -16.75
C ASP D 644 -34.70 -14.48 -16.92
N MET D 645 -35.59 -15.12 -16.17
CA MET D 645 -37.00 -14.77 -16.22
C MET D 645 -37.23 -13.35 -15.72
N TYR D 646 -36.53 -12.95 -14.66
CA TYR D 646 -36.68 -11.63 -14.06
C TYR D 646 -35.49 -10.73 -14.36
N SER D 647 -34.71 -11.04 -15.39
CA SER D 647 -33.50 -10.28 -15.68
C SER D 647 -33.76 -8.81 -15.98
N HIS D 648 -34.99 -8.45 -16.35
CA HIS D 648 -35.26 -7.06 -16.71
C HIS D 648 -35.13 -6.13 -15.51
N ARG D 649 -35.49 -6.60 -14.32
CA ARG D 649 -35.42 -5.74 -13.13
C ARG D 649 -34.00 -5.56 -12.61
N HIS D 650 -33.06 -6.43 -12.98
CA HIS D 650 -31.68 -6.34 -12.53
C HIS D 650 -30.78 -5.60 -13.51
N ALA D 651 -31.33 -5.09 -14.62
CA ALA D 651 -30.59 -4.29 -15.58
C ALA D 651 -31.08 -2.85 -15.50
N TYR D 652 -30.15 -1.93 -15.29
CA TYR D 652 -30.51 -0.53 -15.06
C TYR D 652 -29.43 0.36 -15.65
N ALA D 653 -29.80 1.63 -15.86
CA ALA D 653 -28.83 2.60 -16.36
C ALA D 653 -27.73 2.83 -15.33
N GLU D 654 -26.50 2.93 -15.80
CA GLU D 654 -25.36 3.12 -14.91
C GLU D 654 -25.41 4.52 -14.30
N ALA D 655 -25.18 4.59 -12.99
CA ALA D 655 -25.16 5.87 -12.30
C ALA D 655 -23.90 6.64 -12.65
N ALA D 656 -23.88 7.93 -12.28
CA ALA D 656 -22.74 8.79 -12.61
C ALA D 656 -21.64 8.67 -11.58
N ASP D 657 -21.21 7.45 -11.30
CA ASP D 657 -20.06 7.15 -10.44
C ASP D 657 -20.06 7.98 -9.17
N ALA D 658 -21.12 7.83 -8.39
CA ALA D 658 -21.22 8.52 -7.12
C ALA D 658 -20.22 7.94 -6.13
N GLY D 659 -20.13 8.57 -4.96
CA GLY D 659 -19.18 8.12 -3.95
C GLY D 659 -19.50 6.75 -3.39
N VAL D 660 -20.78 6.49 -3.12
CA VAL D 660 -21.20 5.26 -2.46
C VAL D 660 -21.21 4.10 -3.45
N THR D 661 -21.02 2.89 -2.93
CA THR D 661 -21.07 1.67 -3.78
C THR D 661 -22.20 0.79 -3.24
N VAL D 662 -23.13 0.35 -4.10
CA VAL D 662 -24.31 -0.41 -3.59
C VAL D 662 -24.17 -1.89 -3.98
N ILE D 663 -24.28 -2.78 -2.99
CA ILE D 663 -24.21 -4.25 -3.25
C ILE D 663 -25.51 -4.88 -2.78
N PRO D 664 -26.22 -5.69 -3.61
CA PRO D 664 -27.44 -6.37 -3.16
C PRO D 664 -27.19 -7.46 -2.11
N SER D 665 -28.12 -7.64 -1.18
CA SER D 665 -27.99 -8.70 -0.13
C SER D 665 -29.03 -9.81 -0.38
N GLN D 666 -28.61 -11.07 -0.32
CA GLN D 666 -29.54 -12.19 -0.64
C GLN D 666 -29.69 -13.12 0.56
N ASP D 667 -30.59 -14.11 0.48
CA ASP D 667 -30.83 -15.06 1.55
C ASP D 667 -30.55 -16.46 1.07
N TYR D 668 -30.29 -17.37 2.01
CA TYR D 668 -30.06 -18.76 1.66
C TYR D 668 -31.31 -19.38 1.04
N TYR D 669 -32.48 -19.08 1.63
CA TYR D 669 -33.76 -19.65 1.14
C TYR D 669 -34.66 -18.53 0.62
N GLY D 670 -34.75 -18.38 -0.71
CA GLY D 670 -35.58 -17.33 -1.33
C GLY D 670 -37.04 -17.72 -1.43
N PRO D 671 -37.95 -16.81 -1.82
CA PRO D 671 -39.38 -17.15 -2.03
C PRO D 671 -39.51 -18.14 -3.20
N GLU D 672 -40.59 -18.93 -3.23
CA GLU D 672 -40.74 -19.98 -4.27
C GLU D 672 -40.74 -19.37 -5.68
N HIS D 673 -41.44 -18.24 -5.88
CA HIS D 673 -41.54 -17.65 -7.24
C HIS D 673 -41.23 -16.15 -7.19
N ASP D 674 -40.05 -15.79 -6.71
CA ASP D 674 -39.63 -14.36 -6.67
C ASP D 674 -38.11 -14.30 -6.52
N ASP D 675 -37.50 -13.13 -6.74
CA ASP D 675 -36.03 -12.97 -6.58
C ASP D 675 -35.67 -12.97 -5.07
N PRO D 676 -34.51 -13.53 -4.61
CA PRO D 676 -34.20 -13.55 -3.18
C PRO D 676 -33.40 -12.33 -2.69
N LEU D 677 -33.52 -11.20 -3.41
CA LEU D 677 -32.72 -10.00 -3.06
C LEU D 677 -33.52 -9.12 -2.10
N ASN D 678 -33.11 -9.07 -0.82
CA ASN D 678 -33.78 -8.16 0.15
C ASN D 678 -32.76 -7.17 0.70
N GLY D 679 -33.03 -5.86 0.58
CA GLY D 679 -32.14 -4.85 1.18
C GLY D 679 -30.90 -4.58 0.34
N ILE D 680 -30.08 -3.62 0.77
CA ILE D 680 -28.83 -3.26 0.03
C ILE D 680 -27.71 -3.01 1.03
N VAL D 681 -26.45 -3.16 0.60
CA VAL D 681 -25.30 -2.82 1.50
C VAL D 681 -24.61 -1.61 0.89
N PHE D 682 -24.41 -0.54 1.68
CA PHE D 682 -23.82 0.72 1.14
C PHE D 682 -22.43 0.91 1.74
N GLN D 683 -21.42 1.19 0.92
CA GLN D 683 -20.03 1.40 1.42
C GLN D 683 -19.51 2.77 0.98
N TYR D 684 -19.01 3.57 1.92
CA TYR D 684 -18.47 4.89 1.62
C TYR D 684 -17.07 5.02 2.20
N GLU D 685 -16.13 5.49 1.39
CA GLU D 685 -14.76 5.66 1.82
C GLU D 685 -14.26 7.05 1.41
N ALA D 686 -13.44 7.66 2.26
CA ALA D 686 -12.99 9.02 2.02
C ALA D 686 -11.80 9.36 2.91
N GLN D 687 -11.33 10.60 2.79
CA GLN D 687 -10.19 11.09 3.57
C GLN D 687 -10.38 12.58 3.81
N PRO D 688 -11.30 12.94 4.70
CA PRO D 688 -11.64 14.36 4.87
C PRO D 688 -10.54 15.12 5.60
N PHE D 689 -10.70 16.44 5.58
CA PHE D 689 -9.82 17.38 6.30
C PHE D 689 -8.41 17.42 5.70
N SER D 690 -8.27 17.17 4.41
CA SER D 690 -7.01 17.31 3.70
C SER D 690 -6.98 18.64 2.97
N ARG D 691 -5.94 19.43 3.21
CA ARG D 691 -5.86 20.78 2.66
C ARG D 691 -5.82 20.79 1.13
N HIS D 692 -4.77 20.23 0.55
CA HIS D 692 -4.59 20.18 -0.91
C HIS D 692 -4.28 18.76 -1.33
N GLY D 693 -5.06 17.81 -0.83
CA GLY D 693 -4.80 16.39 -1.14
C GLY D 693 -3.67 15.87 -0.26
N TRP D 694 -3.22 16.68 0.69
CA TRP D 694 -2.15 16.26 1.63
C TRP D 694 -2.72 16.21 3.05
N GLY D 695 -2.52 15.09 3.76
CA GLY D 695 -3.00 14.97 5.14
C GLY D 695 -4.41 14.39 5.20
N GLY D 696 -5.23 14.87 6.15
CA GLY D 696 -6.57 14.36 6.32
C GLY D 696 -6.60 13.11 7.19
N VAL D 697 -7.81 12.57 7.34
CA VAL D 697 -8.03 11.40 8.18
C VAL D 697 -8.66 10.28 7.35
N PRO D 698 -7.97 9.16 7.15
CA PRO D 698 -8.60 8.03 6.45
C PRO D 698 -9.86 7.58 7.18
N PHE D 699 -10.95 7.44 6.41
CA PHE D 699 -12.27 7.21 6.95
C PHE D 699 -12.95 6.08 6.19
N ASP D 700 -13.92 5.43 6.84
CA ASP D 700 -14.67 4.36 6.18
C ASP D 700 -15.97 4.03 6.90
N LEU D 701 -17.08 4.02 6.18
CA LEU D 701 -18.40 3.72 6.74
C LEU D 701 -19.08 2.66 5.89
N THR D 702 -19.71 1.67 6.55
CA THR D 702 -20.42 0.58 5.82
C THR D 702 -21.74 0.25 6.53
N VAL D 703 -22.88 0.49 5.89
CA VAL D 703 -24.21 0.28 6.53
C VAL D 703 -25.03 -0.72 5.70
N CYS D 704 -25.64 -1.71 6.34
CA CYS D 704 -26.55 -2.66 5.61
C CYS D 704 -27.97 -2.46 6.13
N CYS D 705 -28.91 -2.16 5.25
CA CYS D 705 -30.33 -1.92 5.67
C CYS D 705 -31.26 -2.89 4.94
N GLU D 706 -32.13 -3.58 5.68
CA GLU D 706 -33.10 -4.52 5.07
C GLU D 706 -34.49 -4.23 5.64
N LYS D 707 -35.07 -3.08 5.31
CA LYS D 707 -36.44 -2.76 5.79
C LYS D 707 -37.44 -3.65 5.05
N ASP D 708 -38.46 -4.15 5.77
CA ASP D 708 -39.48 -5.06 5.18
C ASP D 708 -40.74 -4.86 6.02
N LYS D 709 -41.86 -5.47 5.65
CA LYS D 709 -43.11 -5.21 6.40
C LYS D 709 -42.89 -5.64 7.85
N THR D 710 -42.19 -6.77 8.08
CA THR D 710 -42.00 -7.27 9.46
C THR D 710 -40.53 -7.25 9.93
N SER D 711 -39.59 -6.72 9.13
CA SER D 711 -38.16 -6.80 9.55
C SER D 711 -37.42 -5.47 9.41
N LEU D 712 -36.54 -5.14 10.37
CA LEU D 712 -35.70 -3.90 10.28
C LEU D 712 -34.26 -4.24 10.66
N CYS D 713 -33.50 -4.84 9.73
CA CYS D 713 -32.11 -5.28 10.03
C CYS D 713 -31.12 -4.18 9.65
N LEU D 714 -30.74 -3.34 10.62
CA LEU D 714 -29.71 -2.30 10.33
C LEU D 714 -28.41 -2.73 11.00
N GLN D 715 -27.36 -2.98 10.21
CA GLN D 715 -26.04 -3.34 10.78
C GLN D 715 -25.02 -2.34 10.25
N GLY D 716 -24.23 -1.73 11.13
CA GLY D 716 -23.29 -0.68 10.68
C GLY D 716 -21.88 -0.88 11.21
N GLU D 717 -20.88 -0.30 10.54
CA GLU D 717 -19.49 -0.40 10.96
C GLU D 717 -18.70 0.79 10.43
N THR D 718 -17.91 1.42 11.30
CA THR D 718 -17.15 2.61 10.94
C THR D 718 -15.70 2.46 11.40
N HIS D 719 -14.78 3.04 10.62
CA HIS D 719 -13.35 3.02 10.91
C HIS D 719 -12.76 4.39 10.65
N VAL D 720 -11.94 4.87 11.60
CA VAL D 720 -11.19 6.11 11.47
C VAL D 720 -9.73 5.84 11.79
N SER D 721 -8.83 6.44 11.01
CA SER D 721 -7.40 6.26 11.22
C SER D 721 -6.73 7.59 11.52
N LEU D 722 -5.95 7.64 12.60
CA LEU D 722 -5.17 8.80 12.99
C LEU D 722 -3.69 8.45 12.90
N VAL D 723 -2.93 9.26 12.17
CA VAL D 723 -1.49 9.07 12.03
C VAL D 723 -0.78 10.12 12.86
N HIS D 724 0.05 9.69 13.81
CA HIS D 724 0.71 10.64 14.70
C HIS D 724 2.08 11.06 14.19
N SER D 725 2.91 10.10 13.79
CA SER D 725 4.25 10.40 13.33
C SER D 725 4.63 9.44 12.19
N VAL D 726 5.61 9.85 11.41
CA VAL D 726 6.01 9.11 10.22
C VAL D 726 7.51 8.82 10.32
N PRO D 727 7.98 7.80 9.61
CA PRO D 727 9.38 7.36 9.75
C PRO D 727 10.40 8.47 9.50
N PRO D 728 10.30 9.38 8.49
CA PRO D 728 11.32 10.42 8.33
C PRO D 728 11.35 11.46 9.46
N PHE D 729 10.18 11.86 9.95
CA PHE D 729 10.12 12.90 11.02
C PHE D 729 10.11 12.25 12.41
N GLY D 730 10.15 10.92 12.46
CA GLY D 730 10.22 10.23 13.77
C GLY D 730 9.80 8.76 13.70
N PRO D 731 9.17 8.14 14.74
CA PRO D 731 8.67 6.77 14.62
C PRO D 731 7.37 6.74 13.83
N ARG D 732 6.96 5.54 13.42
CA ARG D 732 5.67 5.39 12.70
C ARG D 732 4.60 4.94 13.70
N HIS D 733 3.82 5.88 14.24
CA HIS D 733 2.76 5.53 15.23
C HIS D 733 1.39 5.78 14.60
N ILE D 734 0.52 4.76 14.59
CA ILE D 734 -0.83 4.89 13.98
C ILE D 734 -1.89 4.40 14.96
N THR D 735 -3.08 4.99 14.94
CA THR D 735 -4.17 4.62 15.85
C THR D 735 -5.43 4.42 15.04
N GLN D 736 -6.15 3.33 15.33
CA GLN D 736 -7.38 2.99 14.63
C GLN D 736 -8.55 2.94 15.61
N VAL D 737 -9.62 3.66 15.30
CA VAL D 737 -10.85 3.64 16.07
C VAL D 737 -11.93 2.97 15.23
N THR D 738 -12.56 1.94 15.79
CA THR D 738 -13.58 1.16 15.10
C THR D 738 -14.85 1.14 15.93
N GLY D 739 -16.00 1.37 15.29
CA GLY D 739 -17.30 1.36 16.00
C GLY D 739 -18.36 0.62 15.21
N SER D 740 -18.85 -0.51 15.73
CA SER D 740 -19.84 -1.34 14.98
C SER D 740 -21.15 -1.47 15.79
N TRP D 741 -22.29 -1.22 15.15
CA TRP D 741 -23.61 -1.38 15.83
C TRP D 741 -24.48 -2.35 15.04
N GLU D 742 -25.07 -3.34 15.71
CA GLU D 742 -25.97 -4.31 15.04
C GLU D 742 -27.37 -4.24 15.67
N VAL D 743 -28.41 -3.97 14.88
CA VAL D 743 -29.80 -4.01 15.43
C VAL D 743 -30.75 -4.86 14.58
N LEU D 744 -31.43 -5.84 15.18
CA LEU D 744 -32.47 -6.61 14.45
C LEU D 744 -33.76 -6.46 15.26
N ARG D 745 -34.80 -5.85 14.70
CA ARG D 745 -36.02 -5.54 15.50
C ARG D 745 -36.88 -6.80 15.77
N PRO D 746 -37.30 -7.63 14.79
CA PRO D 746 -38.21 -8.76 15.09
C PRO D 746 -37.66 -9.75 16.10
N ASN D 747 -36.33 -9.83 16.25
CA ASN D 747 -35.76 -10.89 17.12
C ASN D 747 -35.34 -10.29 18.47
N ILE D 748 -34.53 -9.23 18.46
CA ILE D 748 -34.01 -8.65 19.74
C ILE D 748 -34.54 -7.22 19.89
N LYS D 749 -35.09 -6.88 21.06
CA LYS D 749 -35.58 -5.50 21.31
C LYS D 749 -34.43 -4.66 21.85
N ASP D 750 -33.18 -5.05 21.53
CA ASP D 750 -31.99 -4.31 22.04
C ASP D 750 -30.99 -4.13 20.90
N VAL D 751 -30.03 -3.21 21.08
CA VAL D 751 -28.98 -2.97 20.04
C VAL D 751 -27.63 -3.35 20.63
N MET D 752 -26.82 -4.11 19.90
CA MET D 752 -25.45 -4.43 20.39
C MET D 752 -24.48 -3.36 19.89
N TYR D 753 -23.82 -2.66 20.81
CA TYR D 753 -22.84 -1.61 20.43
C TYR D 753 -21.44 -2.13 20.76
N GLN D 754 -20.46 -1.88 19.89
CA GLN D 754 -19.10 -2.32 20.16
C GLN D 754 -18.12 -1.25 19.68
N LEU D 755 -17.07 -1.04 20.48
CA LEU D 755 -16.01 -0.09 20.14
C LEU D 755 -14.66 -0.78 20.30
N GLU D 756 -13.68 -0.32 19.53
CA GLU D 756 -12.33 -0.84 19.64
C GLU D 756 -11.34 0.26 19.30
N VAL D 757 -10.29 0.37 20.10
CA VAL D 757 -9.25 1.37 19.90
C VAL D 757 -7.90 0.67 19.93
N ASP D 758 -7.14 0.78 18.84
CA ASP D 758 -5.85 0.12 18.73
C ASP D 758 -4.76 1.14 18.40
N THR D 759 -3.56 0.88 18.92
CA THR D 759 -2.39 1.72 18.66
C THR D 759 -1.23 0.83 18.25
N PHE D 760 -0.62 1.15 17.10
CA PHE D 760 0.49 0.31 16.58
C PHE D 760 1.73 1.18 16.35
N LYS D 761 2.86 0.81 16.96
CA LYS D 761 4.12 1.55 16.73
C LYS D 761 5.17 0.58 16.17
N ASP D 762 5.82 0.97 15.07
CA ASP D 762 6.81 0.06 14.42
C ASP D 762 8.13 0.09 15.19
N GLY D 763 8.57 -1.07 15.69
CA GLY D 763 9.86 -1.15 16.36
C GLY D 763 9.84 -0.75 17.83
N LEU D 764 8.88 -1.27 18.60
CA LEU D 764 8.82 -0.99 20.03
C LEU D 764 10.02 -1.58 20.76
N LEU D 765 10.34 -2.84 20.48
CA LEU D 765 11.43 -3.53 21.16
C LEU D 765 12.42 -4.11 20.17
N GLY D 766 12.54 -3.49 19.00
CA GLY D 766 13.44 -3.94 17.96
C GLY D 766 13.49 -2.92 16.84
N LYS D 767 14.28 -3.24 15.82
CA LYS D 767 14.34 -2.36 14.66
C LYS D 767 13.01 -2.32 13.92
N SER D 768 12.40 -3.49 13.69
CA SER D 768 11.15 -3.59 12.92
C SER D 768 10.18 -4.55 13.63
N ASP D 769 10.01 -4.36 14.94
CA ASP D 769 9.21 -5.30 15.72
C ASP D 769 7.75 -5.32 15.30
N HIS D 770 7.20 -4.16 14.93
CA HIS D 770 5.80 -4.04 14.52
C HIS D 770 4.83 -4.45 15.64
N ALA D 771 5.20 -4.18 16.89
CA ALA D 771 4.36 -4.55 18.02
C ALA D 771 3.21 -3.57 18.16
N GLY D 772 2.07 -4.06 18.64
CA GLY D 772 0.89 -3.21 18.79
C GLY D 772 0.04 -3.62 19.96
N CYS D 773 -0.77 -2.68 20.43
CA CYS D 773 -1.69 -2.92 21.54
C CYS D 773 -3.10 -2.48 21.16
N GLY D 774 -4.09 -2.98 21.89
CA GLY D 774 -5.47 -2.65 21.58
C GLY D 774 -6.41 -2.94 22.72
N LEU D 775 -7.52 -2.19 22.76
CA LEU D 775 -8.57 -2.31 23.76
C LEU D 775 -9.92 -2.45 23.06
N MET D 776 -10.80 -3.27 23.64
CA MET D 776 -12.11 -3.54 23.07
C MET D 776 -13.19 -3.44 24.14
N LEU D 777 -14.31 -2.82 23.80
CA LEU D 777 -15.44 -2.66 24.77
C LEU D 777 -16.76 -2.93 24.04
N ALA D 778 -17.48 -3.98 24.43
CA ALA D 778 -18.79 -4.30 23.80
C ALA D 778 -19.90 -4.25 24.85
N ARG D 779 -20.98 -3.52 24.59
CA ARG D 779 -22.11 -3.44 25.55
C ARG D 779 -23.42 -3.78 24.83
N LEU D 780 -24.21 -4.69 25.39
CA LEU D 780 -25.55 -5.00 24.80
C LEU D 780 -26.57 -4.04 25.41
N GLY D 781 -26.63 -2.80 24.90
CA GLY D 781 -27.56 -1.79 25.46
C GLY D 781 -28.99 -2.15 25.14
N GLU D 782 -29.92 -1.77 26.03
CA GLU D 782 -31.37 -2.04 25.81
C GLU D 782 -31.78 -1.53 24.41
N GLY D 784 -33.83 3.54 22.38
CA GLY D 784 -32.99 2.51 23.00
C GLY D 784 -32.02 3.12 24.01
N ASP D 785 -31.63 2.34 25.02
CA ASP D 785 -30.69 2.84 26.07
C ASP D 785 -29.30 2.28 25.79
N PRO D 786 -28.37 3.06 25.19
CA PRO D 786 -27.01 2.60 24.97
C PRO D 786 -26.21 2.70 26.28
N ARG D 787 -26.91 2.96 27.39
CA ARG D 787 -26.21 3.12 28.70
C ARG D 787 -26.36 1.83 29.51
N LYS D 788 -27.56 1.56 30.04
CA LYS D 788 -27.77 0.37 30.92
C LYS D 788 -27.68 -0.93 30.12
N GLY D 789 -26.51 -1.58 30.12
CA GLY D 789 -26.37 -2.88 29.43
C GLY D 789 -25.21 -3.69 29.99
N PRO D 790 -25.19 -5.03 29.82
CA PRO D 790 -24.04 -5.83 30.26
C PRO D 790 -22.80 -5.40 29.46
N THR D 791 -21.62 -5.35 30.09
CA THR D 791 -20.44 -4.81 29.38
C THR D 791 -19.27 -5.80 29.38
N ALA D 792 -18.75 -6.13 28.19
CA ALA D 792 -17.58 -6.99 28.07
C ALA D 792 -16.39 -6.13 27.66
N VAL D 793 -15.29 -6.25 28.42
CA VAL D 793 -14.10 -5.44 28.19
C VAL D 793 -12.90 -6.36 28.01
N GLY D 794 -12.10 -6.11 26.98
CA GLY D 794 -10.95 -6.95 26.70
C GLY D 794 -9.77 -6.14 26.22
N VAL D 795 -8.59 -6.76 26.29
CA VAL D 795 -7.34 -6.16 25.86
C VAL D 795 -6.55 -7.17 25.04
N ARG D 796 -5.79 -6.67 24.07
CA ARG D 796 -5.02 -7.50 23.17
C ARG D 796 -3.65 -6.86 22.90
N LEU D 797 -2.69 -7.72 22.56
CA LEU D 797 -1.37 -7.26 22.14
C LEU D 797 -0.84 -8.19 21.05
N GLN D 798 -0.01 -7.63 20.18
CA GLN D 798 0.57 -8.37 19.06
C GLN D 798 2.04 -8.03 18.95
N ASP D 799 2.82 -8.99 18.44
CA ASP D 799 4.26 -8.80 18.34
C ASP D 799 4.85 -9.79 17.35
N THR D 800 5.83 -9.32 16.59
CA THR D 800 6.59 -10.15 15.67
C THR D 800 8.04 -10.15 16.10
N LEU D 801 8.73 -11.27 15.87
CA LEU D 801 10.08 -11.43 16.39
C LEU D 801 10.81 -12.53 15.62
N ARG D 802 11.95 -12.19 15.03
CA ARG D 802 12.83 -13.21 14.45
C ARG D 802 13.87 -13.61 15.48
N VAL D 803 13.93 -14.90 15.80
CA VAL D 803 14.93 -15.46 16.70
C VAL D 803 15.61 -16.61 15.96
N GLY D 804 16.90 -16.45 15.70
CA GLY D 804 17.63 -17.45 14.97
C GLY D 804 17.03 -17.69 13.60
N PRO D 805 16.81 -18.97 13.27
CA PRO D 805 16.14 -19.33 12.01
C PRO D 805 14.62 -19.34 12.08
N PHE D 806 14.03 -18.94 13.20
CA PHE D 806 12.59 -19.01 13.40
C PHE D 806 11.99 -17.62 13.43
N LYS D 807 11.03 -17.37 12.55
CA LYS D 807 10.26 -16.13 12.56
C LYS D 807 8.94 -16.40 13.25
N LEU D 808 8.55 -15.51 14.18
CA LEU D 808 7.39 -15.72 15.01
C LEU D 808 6.47 -14.52 14.93
N GLU D 809 5.17 -14.77 14.82
CA GLU D 809 4.16 -13.72 14.85
C GLU D 809 3.10 -14.15 15.85
N ALA D 810 3.04 -13.51 17.01
CA ALA D 810 2.17 -13.94 18.09
C ALA D 810 1.23 -12.83 18.53
N CYS D 811 -0.03 -13.20 18.79
CA CYS D 811 -1.04 -12.21 19.26
C CYS D 811 -1.82 -12.82 20.42
N ALA D 812 -1.84 -12.15 21.58
CA ALA D 812 -2.54 -12.70 22.76
C ALA D 812 -3.67 -11.74 23.16
N SER D 813 -4.65 -12.23 23.93
CA SER D 813 -5.81 -11.38 24.29
C SER D 813 -6.55 -11.95 25.50
N LYS D 814 -7.11 -11.06 26.33
CA LYS D 814 -7.89 -11.49 27.48
C LYS D 814 -9.09 -10.58 27.64
N VAL D 815 -10.26 -11.17 27.86
CA VAL D 815 -11.51 -10.42 27.97
C VAL D 815 -12.29 -10.91 29.18
N ALA D 816 -12.92 -9.97 29.89
CA ALA D 816 -13.78 -10.27 31.02
C ALA D 816 -15.15 -9.63 30.81
N VAL D 817 -16.20 -10.37 31.16
CA VAL D 817 -17.57 -9.90 31.03
C VAL D 817 -18.10 -9.54 32.42
N GLN D 818 -18.75 -8.38 32.51
CA GLN D 818 -19.33 -7.93 33.76
C GLN D 818 -20.64 -7.18 33.51
N LYS D 824 -18.34 -13.09 37.10
CA LYS D 824 -17.94 -12.50 35.79
C LYS D 824 -17.05 -13.49 35.04
N GLU D 825 -17.33 -13.76 33.76
CA GLU D 825 -16.56 -14.78 33.00
C GLU D 825 -15.21 -14.20 32.57
N GLU D 826 -14.14 -14.98 32.71
CA GLU D 826 -12.79 -14.52 32.28
C GLU D 826 -12.27 -15.46 31.19
N GLY D 827 -11.79 -14.90 30.08
CA GLY D 827 -11.32 -15.73 28.94
C GLY D 827 -9.93 -15.33 28.49
N TRP D 828 -9.10 -16.32 28.13
CA TRP D 828 -7.72 -16.03 27.63
C TRP D 828 -7.55 -16.69 26.26
N GLY D 829 -6.88 -16.01 25.32
CA GLY D 829 -6.68 -16.57 23.98
C GLY D 829 -5.47 -15.99 23.28
N ALA D 830 -4.65 -16.84 22.65
CA ALA D 830 -3.44 -16.38 21.92
C ALA D 830 -3.24 -17.23 20.67
N ARG D 831 -2.63 -16.66 19.63
CA ARG D 831 -2.31 -17.43 18.40
C ARG D 831 -0.82 -17.23 18.10
N ALA D 832 -0.19 -18.17 17.38
CA ALA D 832 1.26 -18.05 17.15
C ALA D 832 1.65 -18.70 15.81
N PHE D 833 2.02 -17.90 14.82
CA PHE D 833 2.49 -18.46 13.56
C PHE D 833 4.01 -18.53 13.59
N VAL D 834 4.56 -19.70 13.28
CA VAL D 834 6.00 -19.94 13.34
C VAL D 834 6.49 -20.39 11.97
N GLY D 835 7.55 -19.76 11.48
CA GLY D 835 8.16 -20.13 10.22
C GLY D 835 9.63 -20.50 10.40
N TYR D 836 10.05 -21.51 9.65
CA TYR D 836 11.40 -22.06 9.74
C TYR D 836 12.14 -21.80 8.43
N ASP D 837 13.34 -21.22 8.53
CA ASP D 837 14.07 -20.84 7.33
C ASP D 837 14.49 -22.05 6.50
N TRP D 838 14.94 -23.13 7.15
CA TRP D 838 15.45 -24.27 6.41
C TRP D 838 14.36 -24.96 5.60
N LEU D 839 13.13 -24.98 6.12
CA LEU D 839 11.98 -25.57 5.43
C LEU D 839 10.93 -24.48 5.24
N PRO D 840 11.05 -23.66 4.20
CA PRO D 840 10.04 -22.62 3.98
C PRO D 840 8.65 -23.15 3.70
N GLY D 841 8.56 -24.30 3.05
CA GLY D 841 7.25 -24.83 2.66
C GLY D 841 6.37 -25.21 3.83
N LEU D 842 6.96 -25.74 4.89
CA LEU D 842 6.18 -26.14 6.05
C LEU D 842 5.55 -24.93 6.73
N GLY D 843 4.27 -25.06 7.07
CA GLY D 843 3.59 -23.98 7.75
C GLY D 843 3.01 -24.43 9.08
N MET D 844 3.27 -23.67 10.15
CA MET D 844 2.98 -24.08 11.52
C MET D 844 2.19 -22.98 12.23
N ALA D 845 0.96 -23.31 12.64
CA ALA D 845 0.12 -22.42 13.41
C ALA D 845 -0.31 -23.10 14.70
N PHE D 846 -0.30 -22.36 15.80
CA PHE D 846 -0.68 -22.87 17.11
C PHE D 846 -1.71 -21.94 17.74
N ASP D 847 -2.73 -22.51 18.39
CA ASP D 847 -3.80 -21.67 19.00
C ASP D 847 -4.23 -22.27 20.34
N PHE D 848 -4.34 -21.44 21.39
CA PHE D 848 -4.73 -21.94 22.73
C PHE D 848 -5.83 -21.06 23.33
N ILE D 849 -6.87 -21.68 23.89
CA ILE D 849 -7.96 -20.90 24.57
C ILE D 849 -8.17 -21.43 25.98
N GLN D 850 -8.23 -20.54 26.98
CA GLN D 850 -8.49 -20.96 28.38
C GLN D 850 -9.70 -20.17 28.90
N GLU D 851 -10.68 -20.86 29.51
CA GLU D 851 -11.90 -20.18 30.01
C GLU D 851 -12.14 -20.57 31.48
N ARG D 852 -12.48 -19.60 32.33
CA ARG D 852 -12.79 -19.91 33.76
C ARG D 852 -14.12 -19.24 34.13
N ARG D 860 -9.10 -23.71 34.93
CA ARG D 860 -10.35 -24.51 34.97
C ARG D 860 -10.51 -25.26 33.65
N LEU D 861 -10.93 -24.57 32.59
CA LEU D 861 -11.11 -25.21 31.26
C LEU D 861 -10.06 -24.67 30.30
N ARG D 862 -9.32 -25.55 29.62
CA ARG D 862 -8.24 -25.10 28.70
C ARG D 862 -8.19 -26.04 27.49
N GLY D 863 -7.72 -25.53 26.34
CA GLY D 863 -7.66 -26.33 25.11
C GLY D 863 -6.80 -25.67 24.05
N TYR D 864 -6.03 -26.46 23.30
CA TYR D 864 -5.15 -25.92 22.27
C TYR D 864 -5.17 -26.82 21.05
N GLY D 865 -4.80 -26.24 19.92
CA GLY D 865 -4.77 -26.97 18.67
C GLY D 865 -3.58 -26.56 17.83
N ALA D 866 -3.13 -27.51 17.01
CA ALA D 866 -1.96 -27.31 16.16
C ALA D 866 -2.30 -27.64 14.71
N ASN D 867 -1.95 -26.73 13.79
CA ASN D 867 -2.21 -26.93 12.38
C ASN D 867 -0.91 -26.83 11.59
N PHE D 868 -0.67 -27.80 10.70
CA PHE D 868 0.50 -27.83 9.84
C PHE D 868 0.04 -27.98 8.39
N THR D 869 0.75 -27.30 7.49
CA THR D 869 0.37 -27.28 6.08
C THR D 869 1.61 -27.46 5.21
N TYR D 870 1.45 -28.22 4.12
CA TYR D 870 2.52 -28.43 3.16
C TYR D 870 1.91 -28.55 1.76
N ASP D 871 2.68 -28.13 0.76
CA ASP D 871 2.24 -28.19 -0.64
C ASP D 871 3.36 -28.74 -1.52
N TRP D 872 2.98 -29.45 -2.58
CA TRP D 872 3.95 -29.96 -3.53
C TRP D 872 3.27 -30.26 -4.85
N GLU D 873 4.03 -30.83 -5.78
CA GLU D 873 3.52 -31.20 -7.10
C GLU D 873 4.02 -32.59 -7.47
N ALA D 874 3.15 -33.37 -8.11
CA ALA D 874 3.51 -34.73 -8.53
C ALA D 874 2.51 -35.20 -9.57
N LEU D 875 3.00 -36.04 -10.50
CA LEU D 875 2.17 -36.65 -11.54
C LEU D 875 1.39 -35.60 -12.32
N GLY D 876 2.04 -34.48 -12.59
CA GLY D 876 1.39 -33.38 -13.29
C GLY D 876 0.15 -32.89 -12.57
N ALA D 877 0.24 -32.74 -11.25
CA ALA D 877 -0.89 -32.32 -10.45
C ALA D 877 -0.39 -31.67 -9.18
N ALA D 878 -1.07 -30.62 -8.74
CA ALA D 878 -0.71 -29.90 -7.53
C ALA D 878 -1.42 -30.50 -6.33
N PHE D 879 -0.66 -30.85 -5.29
CA PHE D 879 -1.17 -31.44 -4.07
C PHE D 879 -0.93 -30.51 -2.89
N GLY D 880 -1.87 -30.55 -1.94
CA GLY D 880 -1.75 -29.82 -0.69
C GLY D 880 -2.26 -30.64 0.48
N MET D 881 -1.39 -30.87 1.48
CA MET D 881 -1.76 -31.71 2.65
C MET D 881 -1.84 -30.85 3.92
N GLU D 882 -2.98 -30.89 4.60
CA GLU D 882 -3.15 -30.12 5.86
C GLU D 882 -3.37 -31.10 7.02
N VAL D 883 -2.59 -30.99 8.10
CA VAL D 883 -2.72 -31.91 9.26
C VAL D 883 -3.12 -31.09 10.49
N ASP D 884 -4.29 -31.37 11.07
CA ASP D 884 -4.75 -30.65 12.24
C ASP D 884 -4.84 -31.61 13.41
N TYR D 885 -4.31 -31.20 14.56
CA TYR D 885 -4.35 -31.99 15.78
C TYR D 885 -5.05 -31.20 16.87
N VAL D 886 -6.07 -31.81 17.47
CA VAL D 886 -6.76 -31.27 18.63
C VAL D 886 -6.48 -32.18 19.82
N ALA D 887 -5.80 -31.64 20.82
CA ALA D 887 -5.44 -32.43 22.00
C ALA D 887 -6.63 -32.69 22.90
N ALA D 888 -7.57 -31.74 22.97
CA ALA D 888 -8.71 -31.89 23.88
C ALA D 888 -9.55 -33.10 23.54
N SER D 889 -9.56 -33.48 22.25
CA SER D 889 -10.39 -34.62 21.80
C SER D 889 -9.51 -35.78 21.31
N GLU D 890 -8.19 -35.57 21.28
CA GLU D 890 -7.24 -36.61 20.81
C GLU D 890 -7.66 -37.08 19.41
N SER D 891 -7.99 -36.13 18.52
CA SER D 891 -8.40 -36.48 17.13
C SER D 891 -7.41 -35.87 16.14
N VAL D 892 -7.00 -36.65 15.13
CA VAL D 892 -6.10 -36.09 14.07
C VAL D 892 -6.87 -36.03 12.75
N PHE D 893 -6.86 -34.88 12.09
CA PHE D 893 -7.50 -34.78 10.78
C PHE D 893 -6.43 -34.55 9.72
N VAL D 894 -6.56 -35.25 8.60
CA VAL D 894 -5.66 -35.10 7.46
C VAL D 894 -6.51 -34.83 6.23
N SER D 895 -6.22 -33.74 5.52
CA SER D 895 -6.99 -33.37 4.30
C SER D 895 -6.04 -33.13 3.12
N VAL D 896 -6.20 -33.87 2.02
CA VAL D 896 -5.35 -33.68 0.82
C VAL D 896 -6.21 -33.21 -0.35
N ASN D 897 -5.80 -32.12 -1.02
CA ASN D 897 -6.54 -31.63 -2.22
C ASN D 897 -5.62 -31.72 -3.42
N ALA D 898 -6.09 -32.35 -4.52
CA ALA D 898 -5.26 -32.50 -5.74
C ALA D 898 -5.95 -31.84 -6.93
N PHE D 899 -5.24 -30.98 -7.67
CA PHE D 899 -5.83 -30.40 -8.90
C PHE D 899 -4.95 -30.76 -10.10
N SER D 900 -5.56 -31.31 -11.14
CA SER D 900 -4.85 -31.65 -12.36
C SER D 900 -5.38 -30.81 -13.52
N GLY D 901 -4.47 -30.33 -14.36
CA GLY D 901 -4.89 -29.57 -15.54
C GLY D 901 -4.91 -30.44 -16.77
N ASN D 902 -4.33 -31.65 -16.70
CA ASN D 902 -4.26 -32.50 -17.92
C ASN D 902 -4.06 -33.99 -17.63
N ASP D 903 -4.55 -34.88 -18.50
CA ASP D 903 -4.27 -36.35 -18.44
C ASP D 903 -5.18 -37.18 -17.52
N TYR D 904 -5.99 -36.58 -16.66
CA TYR D 904 -6.95 -37.39 -15.82
C TYR D 904 -6.19 -38.50 -15.11
N ARG D 905 -4.93 -38.27 -14.72
CA ARG D 905 -4.11 -39.36 -14.12
C ARG D 905 -4.75 -39.85 -12.81
N LEU D 906 -5.41 -38.96 -12.07
CA LEU D 906 -5.96 -39.32 -10.74
C LEU D 906 -7.02 -40.43 -10.88
N GLY D 907 -7.87 -40.35 -11.91
CA GLY D 907 -8.97 -41.32 -12.06
C GLY D 907 -8.45 -42.74 -12.17
N TRP D 908 -7.33 -42.94 -12.87
CA TRP D 908 -6.71 -44.28 -13.01
C TRP D 908 -6.02 -44.62 -11.70
N LEU D 909 -5.38 -43.65 -11.05
CA LEU D 909 -4.57 -43.97 -9.85
C LEU D 909 -5.40 -43.98 -8.56
N LEU D 910 -6.70 -43.67 -8.63
CA LEU D 910 -7.50 -43.54 -7.38
C LEU D 910 -8.99 -43.71 -7.66
N LEU D 911 -9.82 -43.75 -6.60
CA LEU D 911 -11.30 -43.82 -6.73
C LEU D 911 -11.73 -45.18 -7.29
N LEU D 912 -10.81 -46.14 -7.38
CA LEU D 912 -11.24 -47.51 -7.80
C LEU D 912 -11.94 -48.24 -6.65
N PRO D 913 -11.47 -48.20 -5.37
CA PRO D 913 -12.19 -48.83 -4.26
C PRO D 913 -13.57 -48.22 -4.00
N ALA D 914 -13.70 -46.90 -4.13
CA ALA D 914 -15.01 -46.25 -3.80
C ALA D 914 -16.09 -46.79 -4.75
N VAL D 915 -15.78 -46.91 -6.04
CA VAL D 915 -16.77 -47.46 -7.02
C VAL D 915 -17.05 -48.93 -6.66
N ASN D 916 -16.01 -49.68 -6.29
CA ASN D 916 -16.17 -51.13 -6.00
C ASN D 916 -17.15 -51.31 -4.83
N TYR D 917 -17.00 -50.55 -3.76
CA TYR D 917 -17.86 -50.75 -2.59
C TYR D 917 -19.31 -50.42 -2.90
N PHE D 918 -19.55 -49.33 -3.64
CA PHE D 918 -20.91 -48.98 -4.02
C PHE D 918 -21.55 -50.07 -4.87
N LYS D 919 -20.79 -50.60 -5.83
CA LYS D 919 -21.30 -51.68 -6.66
C LYS D 919 -21.63 -52.91 -5.82
N GLU D 920 -20.74 -53.26 -4.88
CA GLU D 920 -20.99 -54.41 -4.02
C GLU D 920 -22.25 -54.21 -3.18
N THR D 921 -22.38 -53.00 -2.61
CA THR D 921 -23.55 -52.69 -1.76
C THR D 921 -24.83 -52.92 -2.57
N VAL D 922 -24.93 -52.29 -3.74
CA VAL D 922 -26.14 -52.43 -4.60
C VAL D 922 -26.32 -53.91 -4.98
N SER D 923 -25.21 -54.58 -5.34
CA SER D 923 -25.27 -56.01 -5.73
C SER D 923 -25.75 -56.86 -4.54
N SER D 924 -25.26 -56.53 -3.33
CA SER D 924 -25.68 -57.27 -2.12
C SER D 924 -27.18 -57.05 -1.89
N LEU D 925 -27.66 -55.82 -2.10
CA LEU D 925 -29.10 -55.52 -1.94
C LEU D 925 -29.89 -56.36 -2.95
N TRP D 926 -29.39 -56.46 -4.18
CA TRP D 926 -30.06 -57.28 -5.22
C TRP D 926 -30.12 -58.73 -4.77
N ALA D 927 -29.01 -59.25 -4.22
CA ALA D 927 -28.98 -60.65 -3.71
C ALA D 927 -30.05 -60.82 -2.62
N SER E 596 43.61 8.89 20.54
CA SER E 596 43.38 8.40 21.89
C SER E 596 42.39 9.28 22.64
N GLN E 597 42.06 10.43 22.05
CA GLN E 597 41.10 11.35 22.63
C GLN E 597 40.33 12.04 21.51
N PHE E 598 39.17 12.58 21.89
CA PHE E 598 38.35 13.32 20.93
C PHE E 598 38.89 14.74 20.76
N ILE E 599 39.14 15.14 19.52
CA ILE E 599 39.64 16.46 19.20
C ILE E 599 38.49 17.29 18.62
N TYR E 600 38.18 18.42 19.25
CA TYR E 600 37.01 19.21 18.80
C TYR E 600 37.49 20.50 18.12
N SER E 601 36.70 21.02 17.17
CA SER E 601 37.08 22.30 16.53
C SER E 601 36.81 23.45 17.49
N LYS E 602 37.80 24.32 17.72
CA LYS E 602 37.60 25.49 18.59
C LYS E 602 36.56 26.42 17.96
N ARG E 603 36.66 26.65 16.64
CA ARG E 603 35.73 27.58 15.96
C ARG E 603 34.30 27.05 16.02
N TRP E 604 34.11 25.76 15.75
CA TRP E 604 32.74 25.18 15.75
C TRP E 604 32.17 25.25 17.16
N LYS E 605 33.01 24.95 18.17
CA LYS E 605 32.52 24.94 19.57
C LYS E 605 32.06 26.35 19.93
N SER E 606 32.83 27.36 19.51
CA SER E 606 32.48 28.77 19.86
C SER E 606 31.13 29.13 19.24
N ILE E 607 30.90 28.73 17.98
CA ILE E 607 29.63 29.10 17.29
C ILE E 607 28.45 28.44 18.01
N PHE E 608 28.57 27.15 18.36
CA PHE E 608 27.46 26.43 19.03
C PHE E 608 27.23 27.00 20.43
N SER E 609 28.31 27.32 21.15
CA SER E 609 28.18 27.92 22.50
C SER E 609 27.52 29.29 22.39
N LYS E 610 27.87 30.07 21.37
CA LYS E 610 27.34 31.45 21.23
C LYS E 610 25.80 31.44 21.20
N ILE E 611 25.19 30.46 20.52
CA ILE E 611 23.74 30.47 20.41
C ILE E 611 23.10 29.86 21.64
N GLN E 612 21.85 30.28 21.90
CA GLN E 612 21.06 29.81 23.03
C GLN E 612 19.74 29.25 22.50
N PRO E 613 19.69 27.96 22.15
CA PRO E 613 18.44 27.41 21.60
C PRO E 613 17.27 27.47 22.55
N LEU E 614 17.50 27.40 23.86
CA LEU E 614 16.43 27.42 24.84
C LEU E 614 16.05 28.82 25.28
N GLN E 615 16.56 29.85 24.59
CA GLN E 615 16.22 31.22 24.96
C GLN E 615 14.76 31.53 24.70
N ASN E 616 14.24 31.13 23.54
CA ASN E 616 12.90 31.51 23.10
C ASN E 616 12.12 30.28 22.67
N GLY E 617 10.79 30.36 22.82
CA GLY E 617 9.95 29.23 22.48
C GLY E 617 10.03 28.85 21.00
N THR E 618 9.99 29.85 20.12
CA THR E 618 10.13 29.56 18.69
C THR E 618 11.49 28.96 18.38
N THR E 619 12.54 29.52 18.99
CA THR E 619 13.86 28.92 18.85
C THR E 619 13.86 27.49 19.37
N ARG E 620 13.18 27.26 20.49
CA ARG E 620 13.12 25.91 21.06
C ARG E 620 12.46 24.94 20.10
N LYS E 621 11.34 25.34 19.49
CA LYS E 621 10.63 24.41 18.62
C LYS E 621 11.41 24.13 17.34
N SER E 622 12.10 25.16 16.84
CA SER E 622 12.95 24.97 15.63
C SER E 622 14.12 24.06 16.00
N TYR E 623 14.67 24.25 17.19
CA TYR E 623 15.78 23.38 17.66
C TYR E 623 15.25 21.94 17.79
N GLN E 624 14.04 21.80 18.32
CA GLN E 624 13.45 20.45 18.52
C GLN E 624 13.30 19.76 17.17
N LEU E 625 12.78 20.47 16.18
CA LEU E 625 12.53 19.87 14.84
C LEU E 625 13.85 19.28 14.32
N PHE E 626 14.89 20.12 14.26
CA PHE E 626 16.19 19.65 13.72
C PHE E 626 16.67 18.48 14.57
N ARG E 627 16.49 18.56 15.88
CA ARG E 627 17.01 17.50 16.77
C ARG E 627 16.32 16.18 16.39
N ASN E 628 15.02 16.23 16.13
CA ASN E 628 14.26 15.00 15.75
C ASN E 628 14.77 14.47 14.41
N VAL E 629 14.84 15.32 13.39
CA VAL E 629 15.20 14.83 12.06
C VAL E 629 16.65 14.34 12.05
N ALA E 630 17.53 15.12 12.68
CA ALA E 630 18.96 14.74 12.76
C ALA E 630 19.08 13.37 13.44
N LYS E 631 18.35 13.17 14.54
CA LYS E 631 18.48 11.89 15.28
C LYS E 631 18.06 10.76 14.35
N GLN E 632 17.01 10.99 13.54
CA GLN E 632 16.50 9.95 12.62
C GLN E 632 17.55 9.63 11.54
N ILE E 633 18.24 10.63 10.99
CA ILE E 633 19.14 10.32 9.88
C ILE E 633 20.58 10.68 10.19
N LEU E 634 20.83 11.95 10.54
CA LEU E 634 22.21 12.45 10.62
C LEU E 634 23.02 11.67 11.65
N VAL E 635 22.48 11.49 12.85
CA VAL E 635 23.25 10.91 13.95
C VAL E 635 23.58 9.46 13.65
N THR E 636 24.85 9.11 13.79
CA THR E 636 25.28 7.72 13.67
C THR E 636 24.77 6.92 14.86
N PRO E 637 24.38 5.66 14.65
CA PRO E 637 24.04 4.81 15.80
C PRO E 637 25.18 4.66 16.79
N ASP E 638 26.42 4.63 16.29
CA ASP E 638 27.61 4.54 17.18
C ASP E 638 28.13 5.95 17.49
N ALA E 639 27.23 6.88 17.83
CA ALA E 639 27.64 8.26 18.19
C ALA E 639 27.23 8.55 19.63
N LYS E 640 28.16 9.09 20.44
CA LYS E 640 27.87 9.30 21.89
C LYS E 640 26.75 10.33 22.06
N SER E 641 26.81 11.46 21.35
CA SER E 641 25.72 12.47 21.40
C SER E 641 25.68 13.32 20.13
N LEU E 642 24.54 13.92 19.81
CA LEU E 642 24.46 14.82 18.62
C LEU E 642 25.36 16.02 18.92
N LYS E 643 25.30 16.55 20.14
CA LYS E 643 26.09 17.76 20.51
C LYS E 643 27.58 17.44 20.42
N LEU E 644 27.99 16.25 20.88
CA LEU E 644 29.41 15.84 20.80
C LEU E 644 29.84 15.71 19.33
N ILE E 645 28.99 15.16 18.46
CA ILE E 645 29.38 14.92 17.04
C ILE E 645 29.42 16.26 16.29
N THR E 646 28.40 17.12 16.44
CA THR E 646 28.40 18.37 15.65
C THR E 646 29.74 19.10 15.82
N ILE E 647 30.17 19.33 17.06
CA ILE E 647 31.47 20.01 17.36
C ILE E 647 32.64 19.14 16.91
N ASN E 648 32.56 17.82 17.12
CA ASN E 648 33.71 16.92 16.82
C ASN E 648 34.31 17.19 15.44
N GLN E 649 35.63 17.36 15.37
CA GLN E 649 36.32 17.54 14.09
C GLN E 649 36.81 16.16 13.67
N LYS E 650 36.12 15.57 12.69
CA LYS E 650 36.40 14.20 12.29
C LYS E 650 37.78 14.09 11.66
N LEU E 651 38.71 13.49 12.39
CA LEU E 651 40.08 13.31 11.94
C LEU E 651 40.44 11.84 11.99
N SER E 652 41.12 11.37 10.96
CA SER E 652 41.59 9.99 10.94
C SER E 652 42.69 9.79 11.99
N LEU E 653 42.94 8.52 12.31
CA LEU E 653 43.93 8.19 13.33
C LEU E 653 45.31 8.76 12.97
N LYS E 654 45.77 8.48 11.75
CA LYS E 654 47.08 8.95 11.32
C LYS E 654 47.16 10.48 11.35
N GLU E 655 46.12 11.14 10.84
CA GLU E 655 46.13 12.59 10.81
C GLU E 655 46.15 13.19 12.22
N ARG E 656 45.36 12.63 13.14
CA ARG E 656 45.34 13.16 14.49
C ARG E 656 46.67 12.91 15.20
N LYS E 657 47.28 11.75 14.96
CA LYS E 657 48.59 11.47 15.55
C LYS E 657 49.64 12.44 15.02
N LEU E 658 49.62 12.70 13.71
CA LEU E 658 50.56 13.66 13.14
C LEU E 658 50.34 15.05 13.70
N LEU E 659 49.08 15.46 13.87
CA LEU E 659 48.80 16.78 14.40
C LEU E 659 49.28 16.91 15.85
N GLU E 660 49.04 15.87 16.66
CA GLU E 660 49.53 15.90 18.04
C GLU E 660 51.05 15.93 18.07
N LEU E 661 51.69 15.16 17.19
CA LEU E 661 53.17 15.12 17.14
C LEU E 661 53.68 16.49 16.70
N ARG E 662 53.06 17.09 15.69
CA ARG E 662 53.51 18.40 15.15
C ARG E 662 53.39 19.45 16.27
N THR E 663 52.30 19.40 17.04
CA THR E 663 52.12 20.36 18.15
C THR E 663 53.21 20.13 19.20
N GLN E 664 53.30 18.90 19.73
CA GLN E 664 54.30 18.62 20.75
C GLN E 664 55.68 19.09 20.30
N TYR E 665 56.00 18.93 19.01
CA TYR E 665 57.34 19.25 18.52
C TYR E 665 57.58 20.75 18.49
N ASN E 666 56.57 21.51 18.07
CA ASN E 666 56.77 22.95 17.90
C ASN E 666 57.16 23.61 19.22
N ASN E 667 56.55 23.18 20.32
CA ASN E 667 56.87 23.73 21.63
C ASN E 667 57.94 22.88 22.32
N LYS E 1043 23.70 37.81 16.99
CA LYS E 1043 22.43 37.54 16.33
C LYS E 1043 22.50 36.29 15.47
N LEU E 1044 22.66 35.13 16.12
CA LEU E 1044 22.75 33.86 15.43
C LEU E 1044 21.60 32.93 15.83
N ASN E 1045 20.48 33.48 16.28
CA ASN E 1045 19.36 32.67 16.73
C ASN E 1045 18.79 31.81 15.61
N PHE E 1046 18.66 32.37 14.42
CA PHE E 1046 17.96 31.71 13.31
C PHE E 1046 18.72 30.52 12.74
N VAL E 1047 19.97 30.29 13.17
CA VAL E 1047 20.82 29.32 12.50
C VAL E 1047 20.13 27.97 12.40
N TYR E 1048 19.66 27.45 13.54
CA TYR E 1048 19.01 26.14 13.55
C TYR E 1048 17.89 26.10 12.53
N SER E 1049 17.03 27.13 12.54
CA SER E 1049 15.90 27.13 11.61
C SER E 1049 16.39 26.93 10.19
N GLU E 1050 17.34 27.75 9.75
CA GLU E 1050 17.86 27.63 8.37
C GLU E 1050 18.31 26.18 8.12
N LEU E 1051 19.13 25.64 9.03
CA LEU E 1051 19.66 24.26 8.83
C LEU E 1051 18.50 23.28 8.68
N PHE E 1052 17.46 23.42 9.50
CA PHE E 1052 16.33 22.45 9.46
C PHE E 1052 15.71 22.46 8.06
N VAL E 1053 15.36 23.66 7.58
CA VAL E 1053 14.75 23.78 6.22
C VAL E 1053 15.71 23.12 5.22
N LYS E 1054 16.99 23.46 5.29
CA LYS E 1054 17.94 22.91 4.29
C LYS E 1054 17.85 21.38 4.31
N LEU E 1055 17.94 20.78 5.50
CA LEU E 1055 17.94 19.29 5.62
C LEU E 1055 16.68 18.67 4.99
N ILE E 1056 15.49 19.12 5.40
CA ILE E 1056 14.25 18.45 4.90
C ILE E 1056 14.13 18.61 3.38
N LYS E 1057 14.47 19.78 2.84
CA LYS E 1057 14.38 20.01 1.37
C LYS E 1057 15.36 19.06 0.68
N GLU E 1058 16.56 18.91 1.23
CA GLU E 1058 17.56 17.99 0.66
C GLU E 1058 17.03 16.56 0.76
N CYS E 1059 16.38 16.24 1.87
CA CYS E 1059 15.86 14.85 2.09
C CYS E 1059 14.84 14.52 1.00
N LYS E 1060 13.96 15.46 0.67
CA LYS E 1060 12.96 15.24 -0.40
C LYS E 1060 13.69 14.78 -1.67
N LYS E 1061 14.53 15.64 -2.24
CA LYS E 1061 15.18 15.32 -3.54
C LYS E 1061 16.12 14.11 -3.43
N ARG E 1062 16.95 14.04 -2.38
CA ARG E 1062 17.97 12.96 -2.30
C ARG E 1062 17.37 11.56 -2.17
N ILE E 1063 16.37 11.37 -1.30
CA ILE E 1063 15.86 9.98 -1.07
C ILE E 1063 14.36 9.87 -1.33
N HIS E 1064 13.54 10.73 -0.71
CA HIS E 1064 12.07 10.58 -0.85
C HIS E 1064 11.55 11.27 -2.11
N ASP E 1065 12.02 10.86 -3.29
CA ASP E 1065 11.47 11.41 -4.55
C ASP E 1065 10.91 10.23 -5.35
N GLN E 1066 9.59 10.21 -5.59
CA GLN E 1066 8.97 9.07 -6.29
C GLN E 1066 9.49 9.01 -7.73
N THR E 1067 9.60 10.17 -8.39
CA THR E 1067 10.06 10.21 -9.80
C THR E 1067 11.51 9.69 -9.90
N PHE E 1068 12.37 10.09 -8.96
CA PHE E 1068 13.78 9.67 -8.99
C PHE E 1068 13.85 8.15 -8.83
N LEU E 1069 13.05 7.59 -7.92
CA LEU E 1069 13.01 6.13 -7.72
C LEU E 1069 12.48 5.45 -8.98
N LYS E 1070 11.46 6.05 -9.62
CA LYS E 1070 10.86 5.45 -10.85
C LYS E 1070 11.91 5.39 -11.96
N ASN E 1071 12.71 6.44 -12.10
CA ASN E 1071 13.79 6.44 -13.13
C ASN E 1071 14.80 5.34 -12.78
N TYR E 1072 15.13 5.20 -11.50
CA TYR E 1072 16.13 4.20 -11.07
C TYR E 1072 15.65 2.78 -11.37
N ILE E 1073 14.38 2.47 -11.10
CA ILE E 1073 13.92 1.05 -11.26
C ILE E 1073 13.85 0.70 -12.74
N THR E 1074 13.52 1.67 -13.61
CA THR E 1074 13.39 1.37 -15.05
C THR E 1074 14.75 0.98 -15.62
N HIS E 1075 15.80 1.75 -15.30
CA HIS E 1075 17.17 1.37 -15.74
C HIS E 1075 17.64 0.11 -15.01
N ARG E 1076 17.35 -0.01 -13.71
CA ARG E 1076 17.87 -1.15 -12.92
C ARG E 1076 17.31 -2.49 -13.42
N ILE E 1077 16.01 -2.55 -13.74
CA ILE E 1077 15.41 -3.87 -14.10
C ILE E 1077 15.11 -3.98 -15.60
N GLU E 1078 14.34 -3.05 -16.15
CA GLU E 1078 13.92 -3.20 -17.57
C GLU E 1078 15.12 -3.17 -18.51
N LYS E 1079 16.05 -2.23 -18.30
CA LYS E 1079 17.19 -2.11 -19.24
C LYS E 1079 18.06 -3.36 -19.18
N ARG E 1080 18.31 -3.88 -17.97
CA ARG E 1080 19.17 -5.08 -17.81
C ARG E 1080 18.48 -6.25 -18.49
N GLU E 1081 17.15 -6.30 -18.43
CA GLU E 1081 16.35 -7.37 -19.08
C GLU E 1081 16.55 -7.30 -20.59
N GLN E 1082 16.42 -6.10 -21.17
CA GLN E 1082 16.54 -5.95 -22.65
C GLN E 1082 17.95 -6.36 -23.04
N LEU E 1083 18.95 -5.86 -22.32
CA LEU E 1083 20.36 -6.21 -22.59
C LEU E 1083 20.46 -7.72 -22.44
N ASN E 1084 19.81 -8.27 -21.39
CA ASN E 1084 19.91 -9.72 -21.35
C ASN E 1084 19.19 -10.37 -22.54
N GLN E 1085 18.03 -9.84 -22.90
CA GLN E 1085 17.28 -10.39 -24.03
C GLN E 1085 18.05 -10.25 -25.34
N GLU E 1086 18.63 -9.07 -25.59
CA GLU E 1086 19.43 -8.91 -26.79
C GLU E 1086 20.70 -9.76 -26.72
N GLN E 1087 21.25 -9.94 -25.51
CA GLN E 1087 22.37 -10.84 -25.34
C GLN E 1087 21.96 -12.28 -25.67
N THR E 1088 20.77 -12.68 -25.26
CA THR E 1088 20.27 -14.02 -25.52
C THR E 1088 19.52 -14.06 -26.85
N LEU E 1224 19.77 -25.39 12.41
CA LEU E 1224 19.76 -24.44 13.52
C LEU E 1224 20.49 -23.15 13.14
N ARG E 1225 21.57 -23.29 12.37
CA ARG E 1225 22.32 -22.12 11.93
C ARG E 1225 21.45 -21.24 11.04
N VAL E 1226 21.49 -19.93 11.29
CA VAL E 1226 20.71 -19.00 10.50
C VAL E 1226 21.14 -19.05 9.04
N LYS E 1227 20.16 -19.06 8.14
CA LYS E 1227 20.44 -19.11 6.71
C LYS E 1227 20.56 -17.69 6.18
N THR E 1228 21.64 -17.43 5.43
CA THR E 1228 21.89 -16.11 4.89
C THR E 1228 21.88 -16.06 3.36
N ASP E 1229 21.93 -17.21 2.69
CA ASP E 1229 21.86 -17.25 1.23
C ASP E 1229 20.42 -17.39 0.74
N LYS E 1230 19.54 -16.50 1.21
CA LYS E 1230 18.10 -16.57 0.82
C LYS E 1230 17.98 -16.29 -0.67
N ASP E 1231 17.09 -17.00 -1.37
CA ASP E 1231 17.00 -16.86 -2.85
C ASP E 1231 15.54 -16.59 -3.27
N LEU E 1232 15.34 -16.04 -4.46
CA LEU E 1232 13.97 -15.76 -4.97
C LEU E 1232 13.09 -17.01 -4.87
N GLN E 1233 13.63 -18.17 -5.26
CA GLN E 1233 12.86 -19.41 -5.19
C GLN E 1233 12.42 -19.72 -3.76
N TRP E 1234 13.32 -19.50 -2.80
CA TRP E 1234 12.97 -19.64 -1.40
C TRP E 1234 11.86 -18.66 -1.02
N TRP E 1235 11.93 -17.43 -1.53
CA TRP E 1235 10.87 -16.46 -1.25
C TRP E 1235 9.53 -16.92 -1.80
N ARG E 1236 9.51 -17.48 -3.01
CA ARG E 1236 8.25 -17.99 -3.56
C ARG E 1236 7.71 -19.15 -2.73
N THR E 1237 8.60 -20.04 -2.30
CA THR E 1237 8.16 -21.16 -1.47
C THR E 1237 7.56 -20.67 -0.17
N LYS E 1238 8.17 -19.64 0.45
CA LYS E 1238 7.57 -19.04 1.64
C LYS E 1238 6.26 -18.34 1.31
N GLN E 1239 6.18 -17.70 0.14
CA GLN E 1239 4.97 -16.97 -0.23
C GLN E 1239 3.79 -17.91 -0.35
N ARG E 1240 4.02 -19.13 -0.83
CA ARG E 1240 2.95 -20.12 -0.87
C ARG E 1240 2.33 -20.33 0.51
N VAL E 1241 3.17 -20.36 1.55
CA VAL E 1241 2.65 -20.53 2.94
C VAL E 1241 1.84 -19.30 3.34
N ILE E 1242 2.33 -18.11 3.01
CA ILE E 1242 1.64 -16.84 3.43
C ILE E 1242 0.25 -16.78 2.79
N THR E 1243 0.12 -17.18 1.53
CA THR E 1243 -1.18 -17.06 0.82
C THR E 1243 -2.24 -17.95 1.48
N LYS E 1244 -1.83 -18.91 2.32
CA LYS E 1244 -2.81 -19.86 2.90
C LYS E 1244 -3.08 -19.51 4.37
N ARG E 1245 -2.67 -18.32 4.81
CA ARG E 1245 -2.80 -17.94 6.25
C ARG E 1245 -4.26 -18.01 6.70
N LYS E 1246 -5.19 -17.47 5.91
CA LYS E 1246 -6.60 -17.41 6.35
C LYS E 1246 -7.15 -18.83 6.55
N SER E 1247 -6.83 -19.76 5.64
CA SER E 1247 -7.30 -21.16 5.76
C SER E 1247 -6.57 -21.85 6.92
N ALA E 1248 -5.29 -21.51 7.11
CA ALA E 1248 -4.48 -22.13 8.19
C ALA E 1248 -5.11 -21.87 9.56
N ARG E 1249 -5.72 -20.69 9.76
CA ARG E 1249 -6.23 -20.38 11.13
C ARG E 1249 -7.22 -21.47 11.53
N LYS E 1250 -8.17 -21.83 10.65
CA LYS E 1250 -9.08 -22.98 10.94
C LYS E 1250 -9.68 -22.84 12.34
N ARG E 1251 -10.10 -21.64 12.73
CA ARG E 1251 -10.59 -21.45 14.12
C ARG E 1251 -11.91 -22.22 14.29
N ASP E 1252 -12.10 -22.89 15.43
CA ASP E 1252 -13.35 -23.63 15.70
C ASP E 1252 -13.64 -24.58 14.52
N ARG E 1253 -12.62 -25.28 14.03
CA ARG E 1253 -12.81 -26.27 12.92
C ARG E 1253 -13.32 -25.54 11.67
N PHE E 1254 -14.51 -25.91 11.17
CA PHE E 1254 -15.05 -25.33 9.90
C PHE E 1254 -15.29 -23.83 10.04
N LYS E 1255 -15.43 -23.32 11.27
CA LYS E 1255 -15.76 -21.87 11.46
C LYS E 1255 -14.74 -21.01 10.72
N LYS E 1256 -13.46 -21.40 10.75
CA LYS E 1256 -12.40 -20.65 10.02
C LYS E 1256 -12.37 -19.20 10.50
N GLN E 1257 -12.47 -18.22 9.59
CA GLN E 1257 -12.39 -16.78 9.95
C GLN E 1257 -13.35 -16.46 11.10
N ILE E 1258 -12.92 -15.59 12.02
CA ILE E 1258 -13.79 -15.19 13.17
C ILE E 1258 -14.44 -13.83 12.87
N ALA E 1259 -14.17 -13.23 11.71
CA ALA E 1259 -14.68 -11.88 11.42
C ALA E 1259 -16.15 -11.95 11.00
N VAL E 1260 -17.07 -12.14 11.96
CA VAL E 1260 -18.53 -12.24 11.64
C VAL E 1260 -19.33 -11.42 12.66
N VAL E 1261 -20.41 -10.77 12.22
CA VAL E 1261 -21.30 -10.04 13.18
C VAL E 1261 -21.96 -11.08 14.08
N ASN E 1262 -22.15 -10.77 15.35
CA ASN E 1262 -22.75 -11.75 16.31
C ASN E 1262 -24.20 -12.05 15.89
N LYS E 1263 -24.97 -11.02 15.52
CA LYS E 1263 -26.40 -11.22 15.18
C LYS E 1263 -26.58 -12.10 13.93
N LYS E 1264 -25.74 -11.93 12.90
CA LYS E 1264 -25.93 -12.70 11.64
C LYS E 1264 -24.65 -13.46 11.28
N LEU E 1265 -24.36 -13.61 9.97
CA LEU E 1265 -23.12 -14.29 9.53
C LEU E 1265 -22.32 -13.38 8.58
N ALA E 1266 -22.80 -12.17 8.31
CA ALA E 1266 -22.12 -11.28 7.34
C ALA E 1266 -20.68 -11.04 7.78
N ALA E 1267 -19.73 -11.07 6.84
CA ALA E 1267 -18.29 -10.92 7.17
C ALA E 1267 -17.95 -9.47 7.53
N LEU E 1268 -16.89 -9.26 8.32
CA LEU E 1268 -16.45 -7.89 8.70
C LEU E 1268 -15.03 -7.67 8.18
N SER E 1269 -14.73 -6.47 7.67
CA SER E 1269 -13.40 -6.17 7.10
C SER E 1269 -12.29 -6.39 8.14
N LYS E 1270 -11.18 -7.02 7.73
CA LYS E 1270 -10.03 -7.25 8.67
C LYS E 1270 -8.80 -6.48 8.16
N LYS E 1271 -8.22 -5.63 9.01
CA LYS E 1271 -6.96 -4.93 8.63
C LYS E 1271 -5.79 -5.84 9.00
N VAL E 1272 -5.68 -7.00 8.36
CA VAL E 1272 -4.63 -8.01 8.71
C VAL E 1272 -3.34 -7.72 7.93
N GLU E 1273 -2.38 -8.66 7.91
CA GLU E 1273 -1.07 -8.47 7.24
C GLU E 1273 -1.28 -8.23 5.73
N THR E 1274 -2.32 -8.82 5.14
CA THR E 1274 -2.56 -8.70 3.67
C THR E 1274 -2.82 -7.24 3.29
N GLU E 1275 -3.17 -6.39 4.26
CA GLU E 1275 -3.42 -4.95 4.02
C GLU E 1275 -2.14 -4.31 3.45
N LYS E 1276 -0.96 -4.86 3.78
CA LYS E 1276 0.32 -4.29 3.31
C LYS E 1276 0.37 -4.30 1.78
N SER E 1277 -0.09 -5.38 1.14
CA SER E 1277 -0.09 -5.46 -0.35
C SER E 1277 -1.31 -4.73 -0.90
N ASN E 1278 -1.48 -3.44 -0.54
CA ASN E 1278 -2.65 -2.66 -1.00
C ASN E 1278 -2.19 -1.22 -1.29
N LEU E 1279 -2.58 -0.66 -2.45
CA LEU E 1279 -2.24 0.75 -2.78
C LEU E 1279 -3.51 1.49 -3.19
N TYR E 1280 -3.75 2.67 -2.61
CA TYR E 1280 -4.97 3.47 -2.94
C TYR E 1280 -4.56 4.89 -3.34
N GLN E 1281 -5.18 5.44 -4.39
CA GLN E 1281 -4.84 6.81 -4.87
C GLN E 1281 -6.05 7.75 -4.89
N THR E 1282 -5.89 8.98 -4.37
CA THR E 1282 -6.99 9.98 -4.43
C THR E 1282 -7.19 10.51 -5.84
N LEU E 1283 -8.43 10.89 -6.21
CA LEU E 1283 -8.72 11.38 -7.57
C LEU E 1283 -9.89 12.36 -7.55
N TYR E 1284 -10.03 13.19 -8.59
CA TYR E 1284 -11.15 14.16 -8.66
C TYR E 1284 -11.22 14.97 -7.36
N ALA E 1345 -14.68 18.89 2.63
CA ALA E 1345 -15.18 17.51 2.42
C ALA E 1345 -15.79 17.39 1.02
N LYS E 1346 -15.22 18.09 0.04
CA LYS E 1346 -15.77 18.08 -1.34
C LYS E 1346 -14.73 17.51 -2.31
N LYS E 1347 -15.11 16.55 -3.15
CA LYS E 1347 -14.21 15.96 -4.17
C LYS E 1347 -13.11 15.13 -3.50
N LEU E 1348 -12.00 14.89 -4.20
CA LEU E 1348 -10.86 14.11 -3.64
C LEU E 1348 -11.36 12.75 -3.14
N ARG E 1349 -12.23 12.09 -3.93
CA ARG E 1349 -12.79 10.78 -3.51
C ARG E 1349 -11.67 9.74 -3.43
N LYS E 1350 -11.72 8.88 -2.41
CA LYS E 1350 -10.69 7.83 -2.24
C LYS E 1350 -11.00 6.68 -3.20
N LYS E 1351 -10.02 6.26 -4.01
CA LYS E 1351 -10.24 5.18 -5.00
C LYS E 1351 -9.04 4.23 -4.98
N ILE E 1352 -9.19 3.00 -5.46
CA ILE E 1352 -8.02 2.08 -5.56
C ILE E 1352 -7.07 2.61 -6.64
N SER E 1353 -5.76 2.45 -6.45
CA SER E 1353 -4.76 2.92 -7.45
C SER E 1353 -4.88 2.09 -8.73
N SER E 1354 -4.63 2.71 -9.89
CA SER E 1354 -4.69 1.99 -11.18
C SER E 1354 -4.06 0.59 -11.03
N LYS E 1355 -2.84 0.53 -10.51
CA LYS E 1355 -2.19 -0.78 -10.25
C LYS E 1355 -2.37 -1.08 -8.76
N GLY E 1356 -3.40 -1.87 -8.40
CA GLY E 1356 -3.70 -2.09 -6.98
C GLY E 1356 -2.56 -2.76 -6.22
N ARG E 1357 -1.91 -3.75 -6.83
CA ARG E 1357 -0.86 -4.49 -6.09
C ARG E 1357 0.33 -3.56 -5.84
N ARG E 1358 0.82 -3.50 -4.60
CA ARG E 1358 2.02 -2.68 -4.29
C ARG E 1358 3.20 -3.28 -5.07
N TYR E 1359 3.27 -4.61 -5.13
CA TYR E 1359 4.37 -5.29 -5.85
C TYR E 1359 4.00 -5.36 -7.34
N ARG E 1360 4.12 -4.23 -8.04
CA ARG E 1360 3.72 -4.19 -9.48
C ARG E 1360 4.61 -5.12 -10.29
N SER E 1361 4.02 -5.85 -11.24
CA SER E 1361 4.80 -6.78 -12.11
C SER E 1361 4.22 -6.75 -13.52
N LEU E 1362 5.06 -6.63 -14.55
CA LEU E 1362 4.59 -6.60 -15.92
C LEU E 1362 4.00 -7.94 -16.32
N SER E 1363 2.97 -7.89 -17.16
CA SER E 1363 2.27 -9.10 -17.56
C SER E 1363 3.06 -9.84 -18.63
N LEU E 1364 2.75 -11.12 -18.79
CA LEU E 1364 3.35 -11.93 -19.85
C LEU E 1364 2.69 -11.64 -21.19
N ALA E 1365 3.27 -12.19 -22.26
CA ALA E 1365 2.78 -11.98 -23.62
C ALA E 1365 1.64 -12.95 -23.92
N ARG E 1366 0.50 -12.72 -23.28
CA ARG E 1366 -0.68 -13.63 -23.47
C ARG E 1366 -1.98 -12.83 -23.43
N TYR E 1367 -2.97 -13.21 -24.25
CA TYR E 1367 -4.32 -12.58 -24.23
C TYR E 1367 -4.26 -11.10 -24.65
N LEU E 1368 -3.22 -10.71 -25.39
CA LEU E 1368 -3.11 -9.32 -25.89
C LEU E 1368 -4.23 -9.04 -26.91
N THR E 1369 -4.50 -10.01 -27.80
CA THR E 1369 -5.51 -9.80 -28.88
C THR E 1369 -6.94 -9.86 -28.32
N ALA E 1370 -7.88 -9.14 -28.94
CA ALA E 1370 -9.29 -9.18 -28.51
C ALA E 1370 -10.21 -9.24 -29.74
N THR E 1371 -11.41 -9.82 -29.58
CA THR E 1371 -12.40 -9.86 -30.69
C THR E 1371 -13.06 -8.49 -30.82
N ARG E 1372 -13.33 -8.03 -32.05
CA ARG E 1372 -13.90 -6.68 -32.26
C ARG E 1372 -15.23 -6.79 -33.01
N LYS E 1373 -16.18 -5.88 -32.75
CA LYS E 1373 -17.48 -5.90 -33.47
C LYS E 1373 -17.69 -4.56 -34.20
N PRO E 1374 -17.57 -4.51 -35.54
CA PRO E 1374 -17.86 -3.27 -36.27
C PRO E 1374 -19.34 -2.93 -36.08
N ARG E 1375 -19.63 -1.66 -35.74
CA ARG E 1375 -21.04 -1.28 -35.44
C ARG E 1375 -21.26 0.17 -35.84
N LEU E 1376 -22.50 0.54 -36.22
CA LEU E 1376 -22.79 1.96 -36.50
C LEU E 1376 -22.88 2.64 -35.12
N VAL E 1377 -22.27 3.82 -34.98
CA VAL E 1377 -22.25 4.48 -33.64
C VAL E 1377 -22.83 5.89 -33.79
N GLY E 1378 -23.82 6.23 -32.97
CA GLY E 1378 -24.36 7.61 -33.01
C GLY E 1378 -24.87 8.03 -34.37
N LEU E 1379 -24.39 9.17 -34.87
CA LEU E 1379 -24.87 9.72 -36.18
C LEU E 1379 -24.49 8.78 -37.33
N ASP E 1380 -25.28 8.80 -38.41
CA ASP E 1380 -25.05 7.91 -39.57
C ASP E 1380 -23.75 8.31 -40.28
N ASN E 1381 -23.14 7.38 -41.03
CA ASN E 1381 -21.87 7.64 -41.77
C ASN E 1381 -20.66 7.46 -40.84
N LEU E 1382 -20.90 7.00 -39.60
CA LEU E 1382 -19.79 6.75 -38.64
C LEU E 1382 -19.76 5.28 -38.27
N THR E 1383 -18.66 4.58 -38.57
CA THR E 1383 -18.53 3.13 -38.26
C THR E 1383 -17.36 2.92 -37.30
N LYS E 1384 -17.55 2.13 -36.23
CA LYS E 1384 -16.48 1.95 -35.22
C LYS E 1384 -16.15 0.47 -35.02
N ILE E 1385 -14.93 0.05 -35.35
CA ILE E 1385 -14.50 -1.36 -35.08
C ILE E 1385 -13.55 -1.26 -33.89
N ASP E 1386 -12.63 -0.29 -33.93
CA ASP E 1386 -11.75 -0.03 -32.76
C ASP E 1386 -11.74 1.49 -32.52
N ASN E 1387 -11.81 2.28 -33.59
CA ASN E 1387 -11.86 3.76 -33.48
C ASN E 1387 -13.01 4.26 -34.35
N ILE E 1388 -13.65 5.36 -33.97
CA ILE E 1388 -14.72 5.91 -34.86
C ILE E 1388 -14.05 6.33 -36.17
N THR E 1389 -14.62 5.94 -37.31
CA THR E 1389 -14.02 6.29 -38.62
C THR E 1389 -15.05 7.03 -39.47
N THR E 1390 -14.61 7.92 -40.36
CA THR E 1390 -15.52 8.66 -41.21
C THR E 1390 -15.56 8.05 -42.60
N LEU E 1391 -16.42 8.62 -43.44
CA LEU E 1391 -16.58 8.13 -44.81
C LEU E 1391 -15.30 8.27 -45.63
N GLN E 1392 -14.51 9.31 -45.34
CA GLN E 1392 -13.24 9.49 -46.06
C GLN E 1392 -12.27 8.36 -45.77
N GLY E 1393 -12.43 7.68 -44.64
CA GLY E 1393 -11.52 6.63 -44.24
C GLY E 1393 -10.53 7.01 -43.16
N ALA E 1394 -10.61 8.22 -42.63
CA ALA E 1394 -9.74 8.68 -41.56
C ALA E 1394 -10.50 8.66 -40.23
N PHE E 1395 -9.76 8.88 -39.15
CA PHE E 1395 -10.37 8.95 -37.83
C PHE E 1395 -10.98 10.33 -37.61
N ILE E 1396 -12.07 10.35 -36.85
CA ILE E 1396 -12.83 11.59 -36.67
C ILE E 1396 -12.03 12.57 -35.81
N THR E 1397 -12.28 13.86 -36.05
CA THR E 1397 -11.62 14.94 -35.33
C THR E 1397 -12.61 15.58 -34.36
N LYS E 1398 -12.07 16.26 -33.35
CA LYS E 1398 -12.91 16.89 -32.35
C LYS E 1398 -13.84 17.93 -32.98
N GLU E 1399 -13.30 18.76 -33.86
CA GLU E 1399 -14.13 19.71 -34.59
C GLU E 1399 -15.12 18.97 -35.49
N GLU E 1400 -14.67 17.89 -36.12
CA GLU E 1400 -15.57 17.07 -36.98
C GLU E 1400 -16.66 16.45 -36.11
N LYS E 1401 -16.30 15.97 -34.91
CA LYS E 1401 -17.28 15.33 -33.99
C LYS E 1401 -18.33 16.35 -33.56
N GLN E 1402 -17.90 17.58 -33.25
CA GLN E 1402 -18.85 18.63 -32.82
C GLN E 1402 -19.72 19.04 -34.02
N ASP E 1403 -19.12 19.15 -35.21
CA ASP E 1403 -19.90 19.48 -36.42
C ASP E 1403 -20.94 18.38 -36.65
N SER E 1404 -20.53 17.12 -36.48
CA SER E 1404 -21.46 15.98 -36.68
C SER E 1404 -22.60 16.05 -35.67
N LEU E 1405 -22.28 16.37 -34.40
CA LEU E 1405 -23.32 16.49 -33.35
C LEU E 1405 -24.27 17.64 -33.70
N ASN E 1406 -23.73 18.76 -34.18
CA ASN E 1406 -24.57 19.93 -34.55
C ASN E 1406 -25.51 19.54 -35.70
N LEU E 1407 -24.99 18.81 -36.68
CA LEU E 1407 -25.80 18.39 -37.86
C LEU E 1407 -26.92 17.45 -37.38
N THR E 1408 -26.59 16.49 -36.51
CA THR E 1408 -27.60 15.53 -35.99
C THR E 1408 -28.65 16.30 -35.18
N ILE E 1409 -28.20 17.27 -34.38
CA ILE E 1409 -29.14 18.07 -33.53
C ILE E 1409 -30.09 18.84 -34.45
N GLN E 1410 -29.66 19.13 -35.68
CA GLN E 1410 -30.50 19.91 -36.59
C GLN E 1410 -31.33 19.04 -37.53
N ARG E 1411 -30.92 17.80 -37.78
CA ARG E 1411 -31.60 16.94 -38.75
C ARG E 1411 -32.59 15.99 -38.11
N LYS E 1412 -32.14 15.19 -37.13
CA LYS E 1412 -33.01 14.14 -36.53
C LYS E 1412 -34.18 14.77 -35.78
N GLN E 1413 -35.41 14.37 -36.10
CA GLN E 1413 -36.62 14.93 -35.44
C GLN E 1413 -37.29 13.91 -34.51
N GLU E 1414 -36.90 12.63 -34.58
CA GLU E 1414 -37.60 11.58 -33.77
C GLU E 1414 -36.58 10.54 -33.28
N LEU E 1415 -37.03 9.58 -32.45
CA LEU E 1415 -36.09 8.61 -31.91
C LEU E 1415 -36.55 7.17 -32.14
N THR E 1416 -37.87 6.92 -32.01
CA THR E 1416 -38.37 5.54 -31.91
C THR E 1416 -38.01 4.70 -33.14
N ASN E 1417 -38.16 5.27 -34.34
CA ASN E 1417 -38.06 4.50 -35.58
C ASN E 1417 -36.59 4.17 -35.90
N SER E 1418 -35.96 3.40 -35.00
CA SER E 1418 -34.54 2.99 -35.18
C SER E 1418 -34.21 1.87 -34.19
N LEU E 1419 -33.20 1.06 -34.47
CA LEU E 1419 -32.77 0.00 -33.52
C LEU E 1419 -32.25 0.68 -32.24
N LYS E 1420 -32.38 0.03 -31.08
CA LYS E 1420 -31.99 0.67 -29.80
C LYS E 1420 -30.51 0.39 -29.47
N LYS E 1421 -29.69 1.44 -29.43
CA LYS E 1421 -28.27 1.28 -29.04
C LYS E 1421 -28.23 1.02 -27.52
N SER E 1422 -27.23 0.28 -27.03
CA SER E 1422 -27.18 -0.09 -25.59
C SER E 1422 -28.51 -0.73 -25.19
N GLN E 1423 -28.92 -1.78 -25.90
CA GLN E 1423 -30.21 -2.46 -25.63
C GLN E 1423 -30.12 -3.24 -24.31
N ILE E 1424 -31.26 -3.49 -23.67
CA ILE E 1424 -31.25 -4.15 -22.33
C ILE E 1424 -30.50 -5.48 -22.45
N LYS E 1425 -29.60 -5.77 -21.49
CA LYS E 1425 -28.76 -6.99 -21.58
C LYS E 1425 -29.49 -8.17 -20.93
N LYS E 1426 -29.32 -9.38 -21.48
CA LYS E 1426 -29.96 -10.56 -20.93
C LYS E 1426 -28.88 -11.59 -20.58
N ARG E 1427 -29.13 -12.36 -19.54
CA ARG E 1427 -28.20 -13.40 -19.14
C ARG E 1427 -28.10 -14.47 -20.24
N SER E 1428 -27.08 -15.30 -20.12
CA SER E 1428 -26.67 -16.34 -21.08
C SER E 1428 -25.98 -15.71 -22.29
N ARG E 1429 -25.81 -14.39 -22.33
CA ARG E 1429 -25.07 -13.77 -23.41
C ARG E 1429 -23.60 -14.13 -23.30
N HIS E 1430 -22.98 -14.36 -24.46
CA HIS E 1430 -21.56 -14.68 -24.54
C HIS E 1430 -21.20 -15.85 -23.63
N SER E 1431 -22.01 -16.91 -23.71
CA SER E 1431 -21.80 -18.11 -22.86
C SER E 1431 -20.39 -18.67 -23.07
N TRP E 1432 -19.99 -18.86 -24.33
CA TRP E 1432 -18.66 -19.47 -24.62
C TRP E 1432 -17.59 -18.56 -24.04
N LYS E 1433 -17.75 -17.24 -24.19
CA LYS E 1433 -16.68 -16.32 -23.72
C LYS E 1433 -16.52 -16.48 -22.21
N LYS E 1434 -17.62 -16.51 -21.45
CA LYS E 1434 -17.47 -16.57 -19.97
C LYS E 1434 -16.81 -17.90 -19.58
N ARG E 1435 -17.26 -19.01 -20.16
CA ARG E 1435 -16.73 -20.35 -19.79
C ARG E 1435 -15.27 -20.56 -20.24
N SER E 1436 -14.91 -20.14 -21.45
CA SER E 1436 -13.56 -20.50 -21.98
C SER E 1436 -12.52 -19.37 -21.92
N ARG E 1437 -12.92 -18.11 -21.72
CA ARG E 1437 -11.90 -17.03 -21.77
C ARG E 1437 -10.91 -17.20 -20.63
N HIS E 1438 -9.60 -17.11 -20.91
CA HIS E 1438 -8.56 -17.20 -19.85
C HIS E 1438 -8.68 -18.49 -19.06
N GLN E 1439 -9.02 -19.62 -19.70
CA GLN E 1439 -9.07 -20.91 -18.98
C GLN E 1439 -7.67 -21.30 -18.50
N PHE E 1440 -6.66 -21.10 -19.35
CA PHE E 1440 -5.27 -21.48 -18.99
C PHE E 1440 -4.82 -20.64 -17.79
N SER E 1441 -5.20 -19.36 -17.78
CA SER E 1441 -4.76 -18.45 -16.69
C SER E 1441 -5.31 -18.96 -15.35
N ARG E 1442 -6.56 -19.40 -15.32
CA ARG E 1442 -7.17 -19.92 -14.07
C ARG E 1442 -6.42 -21.18 -13.62
N ASN E 1443 -6.09 -22.07 -14.56
CA ASN E 1443 -5.44 -23.35 -14.21
C ASN E 1443 -4.02 -23.08 -13.70
N HIS E 1444 -3.29 -22.18 -14.36
CA HIS E 1444 -1.94 -21.83 -13.94
C HIS E 1444 -1.93 -21.25 -12.53
N TYR E 1445 -2.95 -20.45 -12.19
CA TYR E 1445 -3.04 -19.96 -10.82
C TYR E 1445 -3.28 -21.09 -9.83
N LYS E 1446 -4.17 -22.02 -10.17
CA LYS E 1446 -4.38 -23.19 -9.32
C LYS E 1446 -3.12 -24.02 -9.17
N TYR E 1447 -2.18 -23.90 -10.11
CA TYR E 1447 -0.91 -24.60 -9.98
C TYR E 1447 0.11 -23.83 -9.14
N ARG E 1448 0.29 -22.54 -9.41
CA ARG E 1448 1.36 -21.79 -8.76
C ARG E 1448 1.05 -21.51 -7.30
N LYS E 1449 -0.21 -21.22 -6.98
CA LYS E 1449 -0.66 -20.96 -5.60
C LYS E 1449 0.11 -19.82 -4.95
N ARG E 1450 0.33 -18.74 -5.70
CA ARG E 1450 1.10 -17.61 -5.18
C ARG E 1450 0.37 -16.30 -5.45
N HIS E 1451 0.72 -15.31 -4.65
CA HIS E 1451 0.21 -13.95 -4.78
C HIS E 1451 1.38 -13.01 -5.08
N THR E 1452 1.10 -11.96 -5.84
CA THR E 1452 2.06 -10.93 -6.28
C THR E 1452 3.06 -11.46 -7.30
N HIS E 1453 2.86 -12.68 -7.80
CA HIS E 1453 3.75 -13.28 -8.80
C HIS E 1453 5.21 -13.24 -8.36
N GLY E 1454 6.10 -13.01 -9.31
CA GLY E 1454 7.51 -12.89 -9.02
C GLY E 1454 8.09 -11.62 -9.60
N ASN E 1455 9.18 -11.16 -8.98
CA ASN E 1455 9.97 -9.98 -9.29
C ASN E 1455 9.31 -8.68 -8.84
N GLY E 1456 8.07 -8.72 -8.36
CA GLY E 1456 7.54 -7.55 -7.66
C GLY E 1456 8.27 -7.31 -6.36
N LYS E 1457 8.61 -8.39 -5.64
CA LYS E 1457 9.47 -8.27 -4.48
C LYS E 1457 10.84 -7.72 -4.88
N LEU E 1458 11.34 -8.11 -6.06
CA LEU E 1458 12.60 -7.54 -6.53
C LEU E 1458 12.50 -6.04 -6.75
N ARG E 1459 11.40 -5.59 -7.36
CA ARG E 1459 11.22 -4.15 -7.58
C ARG E 1459 11.20 -3.40 -6.25
N VAL E 1460 10.41 -3.90 -5.29
CA VAL E 1460 10.30 -3.20 -4.01
C VAL E 1460 11.63 -3.24 -3.26
N MET E 1461 12.31 -4.38 -3.28
CA MET E 1461 13.59 -4.50 -2.59
C MET E 1461 14.63 -3.55 -3.19
N ASN E 1462 14.65 -3.43 -4.52
CA ASN E 1462 15.60 -2.50 -5.13
C ASN E 1462 15.29 -1.06 -4.73
N LYS E 1463 14.01 -0.70 -4.67
CA LYS E 1463 13.66 0.64 -4.17
C LYS E 1463 14.18 0.86 -2.76
N LYS E 1464 14.00 -0.13 -1.88
CA LYS E 1464 14.42 0.02 -0.50
C LYS E 1464 15.95 0.16 -0.40
N LEU E 1465 16.67 -0.69 -1.13
CA LEU E 1465 18.16 -0.67 -1.09
C LEU E 1465 18.66 0.71 -1.55
N LYS E 1466 18.06 1.25 -2.62
CA LYS E 1466 18.49 2.56 -3.15
C LYS E 1466 18.23 3.63 -2.08
N LYS E 1467 17.09 3.57 -1.40
CA LYS E 1467 16.76 4.56 -0.35
C LYS E 1467 17.82 4.47 0.75
N PHE E 1468 18.23 3.26 1.12
CA PHE E 1468 19.25 3.08 2.15
C PHE E 1468 20.57 3.72 1.72
N LYS E 1469 21.00 3.45 0.49
CA LYS E 1469 22.26 4.03 0.01
C LYS E 1469 22.16 5.55 -0.07
N ALA E 1470 21.01 6.07 -0.50
CA ALA E 1470 20.84 7.52 -0.59
C ALA E 1470 20.94 8.18 0.78
N THR E 1471 20.36 7.56 1.81
CA THR E 1471 20.47 8.12 3.15
C THR E 1471 21.91 8.09 3.65
N ASN E 1472 22.64 7.02 3.35
CA ASN E 1472 24.07 7.00 3.73
C ASN E 1472 24.83 8.13 3.05
N GLU E 1473 24.59 8.33 1.75
CA GLU E 1473 25.27 9.40 1.03
C GLU E 1473 24.92 10.77 1.62
N LEU E 1474 23.65 10.97 1.97
CA LEU E 1474 23.24 12.24 2.56
C LEU E 1474 23.95 12.48 3.88
N ARG E 1475 24.08 11.45 4.72
CA ARG E 1475 24.78 11.63 5.98
C ARG E 1475 26.23 12.02 5.75
N GLN E 1476 26.90 11.32 4.83
CA GLN E 1476 28.30 11.65 4.55
C GLN E 1476 28.43 13.08 4.05
N TRP E 1477 27.55 13.48 3.14
CA TRP E 1477 27.61 14.84 2.60
C TRP E 1477 27.40 15.88 3.69
N TRP E 1478 26.40 15.66 4.55
CA TRP E 1478 26.12 16.65 5.58
C TRP E 1478 27.28 16.78 6.57
N TRP E 1479 27.86 15.65 6.97
CA TRP E 1479 28.91 15.69 7.98
C TRP E 1479 30.31 15.85 7.39
N ASN E 1480 30.44 16.02 6.08
CA ASN E 1480 31.78 16.19 5.55
C ASN E 1480 31.94 17.41 4.65
N SER E 1481 30.88 17.82 3.95
CA SER E 1481 30.99 18.93 2.99
C SER E 1481 30.14 20.13 3.38
N PHE E 1482 28.83 19.97 3.55
CA PHE E 1482 27.96 21.11 3.73
C PHE E 1482 28.24 21.89 5.01
N LEU E 1483 28.06 21.24 6.16
CA LEU E 1483 28.14 21.92 7.45
C LEU E 1483 29.43 22.70 7.67
N PRO E 1484 30.65 22.13 7.44
CA PRO E 1484 31.87 22.94 7.59
C PRO E 1484 31.80 24.22 6.76
N ARG E 1485 31.42 24.11 5.48
CA ARG E 1485 31.36 25.29 4.58
C ARG E 1485 30.32 26.29 5.10
N TYR E 1486 29.16 25.80 5.54
CA TYR E 1486 28.12 26.71 6.10
C TYR E 1486 28.67 27.38 7.36
N LEU E 1487 29.33 26.60 8.22
CA LEU E 1487 29.87 27.15 9.49
C LEU E 1487 30.94 28.20 9.19
N SER E 1488 31.77 27.94 8.17
CA SER E 1488 32.87 28.89 7.84
C SER E 1488 32.29 30.24 7.43
N ASN E 1489 31.22 30.23 6.63
CA ASN E 1489 30.57 31.50 6.20
C ASN E 1489 29.90 32.14 7.42
N LEU E 1490 29.26 31.32 8.27
CA LEU E 1490 28.57 31.83 9.48
C LEU E 1490 29.63 32.44 10.41
N GLN E 1491 30.78 31.78 10.56
CA GLN E 1491 31.87 32.28 11.44
C GLN E 1491 32.38 33.61 10.87
N VAL E 1492 32.52 33.71 9.55
CA VAL E 1492 32.93 35.00 8.93
C VAL E 1492 31.86 36.04 9.29
N ASN E 1493 30.58 35.64 9.22
CA ASN E 1493 29.49 36.58 9.58
C ASN E 1493 29.65 36.99 11.05
N ASN E 1494 29.84 36.00 11.93
CA ASN E 1494 30.03 36.27 13.39
C ASN E 1494 31.19 37.26 13.55
N LYS E 1683 29.03 -17.44 -11.36
CA LYS E 1683 27.80 -16.61 -11.27
C LYS E 1683 26.92 -17.12 -10.12
N LYS E 1684 26.04 -16.27 -9.59
CA LYS E 1684 25.14 -16.67 -8.49
C LYS E 1684 23.71 -16.21 -8.79
N LYS E 1685 22.71 -16.93 -8.28
CA LYS E 1685 21.29 -16.53 -8.48
C LYS E 1685 20.99 -15.31 -7.61
N THR E 1686 19.95 -14.55 -7.95
CA THR E 1686 19.65 -13.30 -7.19
C THR E 1686 19.44 -13.58 -5.70
N LEU E 1687 20.04 -12.76 -4.84
CA LEU E 1687 19.91 -12.98 -3.37
C LEU E 1687 18.89 -12.07 -2.67
N ILE E 1688 17.82 -12.66 -2.13
CA ILE E 1688 16.82 -11.84 -1.37
C ILE E 1688 17.46 -11.41 -0.06
N ILE E 1689 17.60 -10.09 0.15
CA ILE E 1689 18.25 -9.58 1.35
C ILE E 1689 17.27 -8.72 2.15
N SER E 1690 17.34 -8.85 3.47
CA SER E 1690 16.52 -8.08 4.38
C SER E 1690 17.22 -6.78 4.76
N LEU E 1691 16.44 -5.75 5.10
CA LEU E 1691 17.04 -4.44 5.46
C LEU E 1691 17.73 -4.54 6.84
N LYS E 1692 17.25 -5.42 7.72
CA LYS E 1692 17.82 -5.50 9.06
C LYS E 1692 19.30 -5.87 9.04
N ASN E 1693 19.76 -6.57 8.02
CA ASN E 1693 21.12 -7.11 7.97
C ASN E 1693 22.05 -6.29 7.09
N LEU E 1694 21.86 -4.97 7.08
CA LEU E 1694 22.70 -4.08 6.29
C LEU E 1694 23.37 -3.06 7.19
N GLN E 1695 24.60 -2.72 6.85
CA GLN E 1695 25.41 -1.74 7.56
C GLN E 1695 25.93 -0.71 6.59
N PRO E 1696 26.19 0.52 7.06
CA PRO E 1696 26.64 1.57 6.13
C PRO E 1696 27.95 1.20 5.44
N LEU E 1697 28.06 1.59 4.19
CA LEU E 1697 29.25 1.30 3.40
C LEU E 1697 30.32 2.37 3.59
N LYS E 1698 31.54 2.01 3.24
CA LYS E 1698 32.67 2.92 3.35
C LYS E 1698 32.60 3.99 2.28
N SER E 1699 33.27 5.11 2.54
CA SER E 1699 33.25 6.24 1.61
C SER E 1699 33.87 5.84 0.27
N SER E 1700 34.89 4.99 0.29
CA SER E 1700 35.52 4.55 -0.95
C SER E 1700 34.54 3.82 -1.85
N GLN E 1701 33.72 2.94 -1.26
CA GLN E 1701 32.72 2.23 -2.05
C GLN E 1701 31.68 3.18 -2.63
N GLN E 1702 31.29 4.20 -1.84
CA GLN E 1702 30.36 5.19 -2.33
C GLN E 1702 30.92 5.93 -3.54
N LYS E 1703 32.19 6.34 -3.46
CA LYS E 1703 32.84 6.94 -4.62
C LYS E 1703 32.89 5.96 -5.79
N GLN E 1704 33.13 4.68 -5.50
CA GLN E 1704 33.26 3.68 -6.53
C GLN E 1704 31.98 3.52 -7.35
N ASN E 1705 30.83 3.54 -6.68
CA ASN E 1705 29.57 3.48 -7.44
C ASN E 1705 29.26 4.83 -8.10
N GLN E 1706 29.61 5.93 -7.43
CA GLN E 1706 29.31 7.24 -7.97
C GLN E 1706 30.02 7.47 -9.29
N ILE E 1707 31.27 7.02 -9.41
CA ILE E 1707 32.01 7.23 -10.64
C ILE E 1707 31.35 6.48 -11.80
N LYS E 1708 30.82 5.28 -11.53
CA LYS E 1708 30.10 4.56 -12.59
C LYS E 1708 28.87 5.32 -13.04
N THR E 1709 28.11 5.87 -12.10
CA THR E 1709 26.95 6.66 -12.48
C THR E 1709 27.37 7.87 -13.32
N LYS E 1710 28.46 8.52 -12.92
CA LYS E 1710 28.97 9.66 -13.69
C LYS E 1710 29.41 9.23 -15.09
N LYS E 1711 30.00 8.03 -15.21
CA LYS E 1711 30.39 7.52 -16.51
C LYS E 1711 29.18 7.35 -17.42
N LEU E 1712 28.09 6.81 -16.88
CA LEU E 1712 26.88 6.68 -17.69
C LEU E 1712 26.35 8.03 -18.13
N VAL E 1713 26.36 9.02 -17.22
CA VAL E 1713 25.92 10.37 -17.59
C VAL E 1713 26.80 10.93 -18.70
N ALA E 1714 28.11 10.74 -18.58
CA ALA E 1714 29.04 11.23 -19.59
C ALA E 1714 28.79 10.58 -20.94
N ARG E 1715 28.53 9.27 -20.94
CA ARG E 1715 28.22 8.59 -22.20
C ARG E 1715 26.97 9.18 -22.82
N ARG E 1716 25.96 9.48 -22.00
CA ARG E 1716 24.69 10.00 -22.57
C ARG E 1716 24.91 11.39 -23.15
N ILE E 1717 25.68 12.26 -22.51
CA ILE E 1717 25.80 13.65 -23.03
C ILE E 1717 26.78 13.66 -24.23
N LYS E 1718 28.01 13.18 -24.03
CA LYS E 1718 29.03 13.22 -25.11
C LYS E 1718 28.66 12.35 -26.31
N LYS E 1719 28.11 11.15 -26.08
CA LYS E 1719 27.88 10.23 -27.24
C LYS E 1719 26.42 9.74 -27.30
N ARG E 1720 25.47 10.62 -27.64
CA ARG E 1720 24.08 10.18 -27.86
C ARG E 1720 24.03 9.55 -29.24
N TYR E 1721 23.44 8.36 -29.40
CA TYR E 1721 23.48 7.70 -30.72
C TYR E 1721 22.67 8.55 -31.71
N LYS E 1722 21.42 8.87 -31.35
CA LYS E 1722 20.58 9.72 -32.23
C LYS E 1722 21.45 10.83 -32.82
N LEU E 1723 22.08 11.63 -31.96
CA LEU E 1723 22.91 12.73 -32.44
C LEU E 1723 23.94 12.24 -33.45
N LEU E 1724 24.58 11.11 -33.18
CA LEU E 1724 25.61 10.59 -34.07
C LEU E 1724 25.04 10.16 -35.41
N LYS E 1725 23.83 9.57 -35.39
CA LYS E 1725 23.27 8.99 -36.61
C LYS E 1725 23.09 10.05 -37.70
N GLN E 1726 22.56 11.20 -37.34
CA GLN E 1726 22.30 12.26 -38.31
C GLN E 1726 23.48 13.18 -38.55
N MET E 1727 24.65 12.87 -37.97
CA MET E 1727 25.79 13.79 -38.04
C MET E 1727 26.19 14.19 -39.46
N PRO E 1728 26.27 13.27 -40.44
CA PRO E 1728 26.71 13.73 -41.78
C PRO E 1728 25.77 14.74 -42.40
N ASN E 1729 24.47 14.45 -42.36
CA ASN E 1729 23.46 15.36 -42.98
C ASN E 1729 23.38 16.64 -42.15
N GLN E 1730 23.20 16.53 -40.83
CA GLN E 1730 23.04 17.73 -39.97
C GLN E 1730 23.81 17.57 -38.66
N LEU E 1731 24.23 18.66 -38.03
CA LEU E 1731 24.88 18.58 -36.70
C LEU E 1731 26.06 17.62 -36.70
N MET E 1732 27.08 17.87 -37.53
CA MET E 1732 28.29 17.06 -37.43
C MET E 1732 28.96 17.29 -36.08
N TYR E 1733 29.37 16.19 -35.44
CA TYR E 1733 29.96 16.22 -34.11
C TYR E 1733 29.03 16.90 -33.11
N GLY E 1948 25.74 25.25 -37.96
CA GLY E 1948 25.67 24.43 -36.74
C GLY E 1948 26.96 24.50 -35.94
N ILE E 1949 26.87 24.97 -34.69
CA ILE E 1949 28.09 25.13 -33.83
C ILE E 1949 28.11 24.02 -32.77
N MET E 1950 29.29 23.72 -32.23
CA MET E 1950 29.38 22.73 -31.16
C MET E 1950 30.25 23.30 -30.04
N PRO E 1951 29.69 23.83 -28.92
CA PRO E 1951 30.51 24.50 -27.90
C PRO E 1951 31.30 23.60 -26.92
N ARG E 1952 32.62 23.82 -26.83
CA ARG E 1952 33.44 23.07 -25.85
C ARG E 1952 34.09 24.12 -24.94
N LYS E 1953 33.98 23.95 -23.62
CA LYS E 1953 34.48 25.02 -22.70
C LYS E 1953 35.68 24.51 -21.88
N TYR E 1954 36.77 25.27 -21.87
CA TYR E 1954 37.96 24.90 -21.04
C TYR E 1954 37.61 25.09 -19.57
N LEU E 1955 38.19 24.27 -18.70
CA LEU E 1955 37.89 24.35 -17.24
C LEU E 1955 39.20 24.33 -16.44
N ILE E 1956 40.10 25.26 -16.72
CA ILE E 1956 41.37 25.36 -15.93
C ILE E 1956 41.00 25.73 -14.48
N GLU E 1957 40.00 26.59 -14.29
CA GLU E 1957 39.58 27.03 -12.93
C GLU E 1957 39.11 25.82 -12.12
N LYS E 1958 38.33 24.91 -12.73
CA LYS E 1958 37.88 23.69 -12.03
C LYS E 1958 39.09 22.85 -11.65
N HIS E 1959 40.07 22.74 -12.56
CA HIS E 1959 41.31 21.97 -12.28
C HIS E 1959 42.06 22.62 -11.11
N ASN E 1960 42.08 23.95 -11.05
CA ASN E 1960 42.83 24.67 -9.99
C ASN E 1960 42.24 24.32 -8.61
N ILE E 1961 40.92 24.28 -8.49
CA ILE E 1961 40.27 23.91 -7.19
C ILE E 1961 40.67 22.47 -6.85
N LYS E 1962 40.63 21.57 -7.84
CA LYS E 1962 40.96 20.14 -7.61
C LYS E 1962 42.45 20.02 -7.25
N VAL E 1963 43.32 20.79 -7.90
CA VAL E 1963 44.79 20.62 -7.65
C VAL E 1963 45.09 21.03 -6.21
N LEU E 1964 44.42 22.07 -5.71
CA LEU E 1964 44.59 22.50 -4.29
C LEU E 1964 44.16 21.37 -3.35
N LYS E 1965 43.04 20.71 -3.67
CA LYS E 1965 42.51 19.64 -2.79
C LYS E 1965 43.53 18.51 -2.70
N LYS E 1966 44.15 18.16 -3.83
CA LYS E 1966 45.11 17.02 -3.83
C LYS E 1966 46.29 17.33 -2.91
N LYS E 1967 46.82 18.56 -2.98
CA LYS E 1967 47.99 18.94 -2.17
C LYS E 1967 47.66 18.81 -0.68
N LEU E 1968 46.55 19.42 -0.24
CA LEU E 1968 46.17 19.41 1.20
C LEU E 1968 45.91 17.98 1.67
N SER E 1969 45.25 17.17 0.83
CA SER E 1969 44.96 15.76 1.20
C SER E 1969 46.26 15.00 1.39
N GLN E 1970 47.25 15.24 0.53
CA GLN E 1970 48.56 14.54 0.64
C GLN E 1970 49.29 15.03 1.89
N ALA E 1971 48.96 16.24 2.35
CA ALA E 1971 49.65 16.82 3.52
C ALA E 1971 48.86 16.54 4.80
N TYR E 1972 47.77 15.75 4.69
CA TYR E 1972 46.89 15.48 5.86
C TYR E 1972 46.43 16.81 6.43
N SER E 1973 46.23 17.81 5.57
CA SER E 1973 45.76 19.16 6.01
C SER E 1973 44.29 19.30 5.60
N THR E 1974 43.58 18.17 5.48
CA THR E 1974 42.16 18.18 5.05
C THR E 1974 41.33 18.98 6.05
N GLN E 1975 41.77 19.03 7.32
CA GLN E 1975 41.05 19.82 8.35
C GLN E 1975 41.03 21.30 7.93
N GLN E 1976 42.13 21.81 7.35
CA GLN E 1976 42.22 23.23 6.96
C GLN E 1976 41.75 23.34 5.50
N LEU E 1977 41.36 22.21 4.88
CA LEU E 1977 40.97 22.23 3.44
C LEU E 1977 39.81 23.21 3.23
N THR E 1978 38.79 23.14 4.08
CA THR E 1978 37.59 24.02 3.92
C THR E 1978 37.96 25.50 3.93
N LYS E 1979 39.09 25.87 4.54
CA LYS E 1979 39.47 27.30 4.65
C LYS E 1979 40.30 27.72 3.43
N VAL E 1980 41.25 26.88 3.02
CA VAL E 1980 42.15 27.24 1.88
C VAL E 1980 41.31 27.35 0.61
N VAL E 1981 40.38 26.40 0.40
CA VAL E 1981 39.54 26.40 -0.83
C VAL E 1981 38.65 27.66 -0.81
N GLN E 1982 38.10 28.01 0.34
CA GLN E 1982 37.19 29.18 0.43
C GLN E 1982 37.97 30.44 0.07
N GLU E 1983 39.22 30.55 0.53
CA GLU E 1983 40.05 31.74 0.24
C GLU E 1983 40.33 31.78 -1.28
N TYR E 1984 40.69 30.64 -1.87
CA TYR E 1984 41.01 30.58 -3.32
C TYR E 1984 39.78 31.01 -4.12
N LYS E 1985 38.59 30.54 -3.74
CA LYS E 1985 37.35 30.85 -4.49
C LYS E 1985 37.09 32.36 -4.40
N ASN E 1986 37.24 32.93 -3.20
CA ASN E 1986 37.07 34.36 -3.04
C ASN E 1986 38.08 35.11 -3.89
N LEU E 1987 39.33 34.63 -3.89
CA LEU E 1987 40.36 35.29 -4.70
C LEU E 1987 39.98 35.24 -6.17
N ILE E 1988 39.35 34.15 -6.61
CA ILE E 1988 38.91 34.07 -7.99
C ILE E 1988 37.86 35.14 -8.27
N GLN E 1989 36.93 35.30 -7.34
CA GLN E 1989 35.90 36.33 -7.51
C GLN E 1989 36.51 37.73 -7.39
N ASN E 1990 37.51 37.88 -6.52
CA ASN E 1990 38.18 39.16 -6.35
C ASN E 1990 38.92 39.56 -7.62
N THR F 414 57.64 38.79 7.92
CA THR F 414 56.60 38.99 6.87
C THR F 414 55.87 37.66 6.64
N TRP F 415 56.50 36.54 7.02
CA TRP F 415 55.90 35.20 6.79
C TRP F 415 55.58 35.07 5.31
N TYR F 416 56.47 35.57 4.45
CA TYR F 416 56.26 35.52 2.98
C TYR F 416 56.05 34.06 2.55
N ARG F 417 54.96 33.80 1.83
CA ARG F 417 54.66 32.42 1.34
C ARG F 417 55.21 32.28 -0.08
N GLY F 418 55.95 33.29 -0.55
CA GLY F 418 56.44 33.27 -1.94
C GLY F 418 55.29 33.22 -2.92
N ASN F 419 54.20 33.95 -2.63
CA ASN F 419 53.01 33.98 -3.50
C ASN F 419 52.44 32.56 -3.63
N LYS F 420 52.25 32.09 -4.86
CA LYS F 420 51.63 30.74 -5.08
C LYS F 420 52.57 29.64 -4.60
N LEU F 421 52.02 28.47 -4.24
CA LEU F 421 52.81 27.29 -3.76
C LEU F 421 53.13 27.43 -2.27
N GLY F 422 52.69 28.52 -1.64
CA GLY F 422 52.88 28.69 -0.19
C GLY F 422 51.55 28.60 0.55
N ASP F 423 50.44 28.74 -0.18
CA ASP F 423 49.08 28.69 0.44
C ASP F 423 48.82 27.32 1.05
N ALA F 424 49.24 26.24 0.37
CA ALA F 424 48.94 24.87 0.87
C ALA F 424 50.22 24.20 1.38
N LYS F 425 50.18 23.68 2.61
CA LYS F 425 51.35 22.96 3.19
C LYS F 425 52.59 23.87 3.15
N GLU F 426 52.42 25.16 3.45
CA GLU F 426 53.56 26.12 3.45
C GLU F 426 54.50 25.82 2.29
N ASP F 504 26.15 -7.66 -15.82
CA ASP F 504 25.35 -8.47 -14.89
C ASP F 504 25.07 -7.72 -13.60
N SER F 505 26.13 -7.27 -12.92
CA SER F 505 25.95 -6.55 -11.67
C SER F 505 25.14 -5.28 -11.89
N ASP F 506 25.51 -4.49 -12.91
CA ASP F 506 24.70 -3.37 -13.34
C ASP F 506 24.59 -3.25 -14.85
N GLY F 507 25.36 -4.01 -15.63
CA GLY F 507 25.28 -3.92 -17.07
C GLY F 507 25.95 -2.69 -17.63
N TRP F 531 36.04 17.98 -20.33
CA TRP F 531 34.63 18.23 -19.93
C TRP F 531 34.09 19.43 -20.73
N GLU F 532 33.29 19.16 -21.76
CA GLU F 532 32.70 20.25 -22.57
C GLU F 532 31.79 21.07 -21.67
N GLY F 533 31.01 20.41 -20.80
CA GLY F 533 30.15 21.13 -19.84
C GLY F 533 30.98 21.85 -18.81
N ALA F 534 30.57 23.04 -18.40
CA ALA F 534 31.39 23.84 -17.45
C ALA F 534 30.88 23.67 -16.01
N THR F 535 31.66 23.03 -15.15
CA THR F 535 31.28 22.91 -13.71
C THR F 535 32.41 23.52 -12.87
N ASP F 536 32.08 24.44 -11.95
CA ASP F 536 33.13 25.13 -11.16
C ASP F 536 33.66 24.17 -10.09
N SER F 537 32.80 23.74 -9.17
CA SER F 537 33.22 22.81 -8.08
C SER F 537 32.10 21.80 -7.84
N GLU F 538 32.47 20.56 -7.53
CA GLU F 538 31.49 19.50 -7.34
C GLU F 538 30.69 19.69 -6.06
N GLU F 539 30.94 20.76 -5.31
CA GLU F 539 30.12 21.05 -4.14
C GLU F 539 28.67 21.32 -4.54
N ASN F 540 28.45 21.85 -5.74
CA ASN F 540 27.10 21.97 -6.29
C ASN F 540 26.86 20.75 -7.19
N PRO F 541 26.06 19.78 -6.76
CA PRO F 541 25.89 18.55 -7.54
C PRO F 541 24.71 18.61 -8.49
N MET F 542 24.64 17.63 -9.40
CA MET F 542 23.52 17.60 -10.37
C MET F 542 22.29 16.96 -9.72
N ASP F 543 21.09 17.48 -10.03
CA ASP F 543 19.83 16.95 -9.44
C ASP F 543 19.83 15.42 -9.58
N PRO F 544 19.52 14.66 -8.50
CA PRO F 544 19.55 13.20 -8.57
C PRO F 544 18.57 12.64 -9.61
N ARG F 545 17.38 13.22 -9.72
CA ARG F 545 16.37 12.76 -10.70
C ARG F 545 16.93 12.93 -12.12
N ILE F 546 17.56 14.08 -12.39
CA ILE F 546 18.16 14.34 -13.74
C ILE F 546 19.28 13.33 -13.97
N ARG F 547 20.08 13.05 -12.94
CA ARG F 547 21.22 12.11 -13.07
C ARG F 547 20.68 10.72 -13.44
N GLU F 548 19.60 10.29 -12.78
CA GLU F 548 19.02 8.95 -13.07
C GLU F 548 18.51 8.90 -14.50
N LEU F 549 17.88 9.98 -14.96
CA LEU F 549 17.33 10.04 -16.35
C LEU F 549 18.47 9.93 -17.34
N MET F 550 19.50 10.78 -17.20
CA MET F 550 20.62 10.78 -18.14
C MET F 550 21.32 9.43 -18.17
N ALA F 551 21.47 8.78 -17.01
CA ALA F 551 22.07 7.45 -16.98
C ALA F 551 21.23 6.45 -17.75
N ALA F 552 19.90 6.51 -17.53
CA ALA F 552 18.99 5.58 -18.24
C ALA F 552 19.13 5.77 -19.75
N GLU F 553 19.11 7.04 -20.19
CA GLU F 553 19.27 7.31 -21.62
C GLU F 553 20.64 6.84 -22.12
N GLY F 554 21.67 7.02 -21.31
CA GLY F 554 23.00 6.59 -21.70
C GLY F 554 23.11 5.09 -21.88
N MET F 555 22.26 4.36 -21.15
CA MET F 555 22.22 2.88 -21.30
C MET F 555 21.48 2.55 -22.59
N ASP F 556 20.41 3.30 -22.88
CA ASP F 556 19.68 3.10 -24.16
C ASP F 556 20.65 3.37 -25.31
N ASP F 557 21.42 4.47 -25.21
CA ASP F 557 22.43 4.77 -26.25
C ASP F 557 23.44 3.62 -26.29
N LYS F 558 23.78 3.09 -25.12
CA LYS F 558 24.71 1.92 -25.07
C LYS F 558 24.07 0.77 -25.84
N LEU F 559 22.77 0.56 -25.65
CA LEU F 559 22.04 -0.52 -26.36
C LEU F 559 21.99 -0.18 -27.86
N GLU F 560 21.80 1.10 -28.19
CA GLU F 560 21.72 1.53 -29.61
C GLU F 560 23.11 1.93 -30.10
N HIS G 324 -66.03 -33.77 -15.99
CA HIS G 324 -65.27 -32.52 -15.72
C HIS G 324 -65.25 -31.66 -17.00
N ARG G 325 -66.03 -30.57 -17.01
CA ARG G 325 -66.06 -29.68 -18.19
C ARG G 325 -64.67 -29.05 -18.39
N PHE G 326 -64.00 -28.70 -17.29
CA PHE G 326 -62.67 -28.05 -17.38
C PHE G 326 -61.67 -28.99 -18.07
N ARG G 327 -61.72 -30.28 -17.75
CA ARG G 327 -60.78 -31.26 -18.37
C ARG G 327 -61.03 -31.34 -19.88
N TRP G 328 -62.30 -31.34 -20.30
CA TRP G 328 -62.64 -31.34 -21.75
C TRP G 328 -62.16 -30.04 -22.39
N LEU G 329 -62.26 -28.92 -21.68
CA LEU G 329 -61.83 -27.58 -22.21
C LEU G 329 -60.30 -27.53 -22.36
N LEU G 330 -59.56 -28.38 -21.65
CA LEU G 330 -58.08 -28.27 -21.66
C LEU G 330 -57.50 -28.44 -23.08
N PRO G 331 -57.93 -29.39 -23.94
CA PRO G 331 -57.41 -29.45 -25.31
C PRO G 331 -57.69 -28.17 -26.11
N VAL G 332 -58.88 -27.58 -25.96
CA VAL G 332 -59.16 -26.29 -26.66
C VAL G 332 -58.12 -25.26 -26.22
N ALA G 333 -57.70 -25.29 -24.96
CA ALA G 333 -56.77 -24.27 -24.43
C ALA G 333 -55.38 -24.43 -25.07
N ILE G 334 -54.76 -25.60 -24.89
CA ILE G 334 -53.38 -25.83 -25.42
C ILE G 334 -53.35 -25.36 -26.89
N ALA G 335 -54.47 -25.49 -27.61
CA ALA G 335 -54.48 -25.12 -29.04
C ALA G 335 -54.56 -23.60 -29.16
N ALA G 336 -55.61 -23.00 -28.58
CA ALA G 336 -55.77 -21.56 -28.65
C ALA G 336 -54.53 -20.80 -28.21
N GLU G 337 -53.60 -21.45 -27.51
CA GLU G 337 -52.32 -20.83 -27.22
C GLU G 337 -51.26 -21.13 -28.27
N VAL G 338 -51.27 -22.33 -28.85
CA VAL G 338 -50.40 -22.61 -29.99
C VAL G 338 -50.71 -21.66 -31.13
N LEU G 339 -52.00 -21.39 -31.36
CA LEU G 339 -52.37 -20.45 -32.42
C LEU G 339 -51.81 -19.06 -32.15
N PHE G 340 -51.89 -18.60 -30.91
CA PHE G 340 -51.35 -17.29 -30.57
C PHE G 340 -49.85 -17.24 -30.76
N TYR G 341 -49.15 -18.33 -30.42
CA TYR G 341 -47.73 -18.39 -30.71
C TYR G 341 -47.46 -18.30 -32.21
N ARG G 342 -48.24 -19.04 -33.00
CA ARG G 342 -47.91 -19.24 -34.41
C ARG G 342 -48.40 -18.10 -35.30
N ARG G 343 -49.25 -17.20 -34.81
CA ARG G 343 -49.71 -16.07 -35.62
C ARG G 343 -49.44 -14.71 -34.99
N PHE G 344 -48.78 -14.64 -33.85
CA PHE G 344 -48.46 -13.35 -33.27
C PHE G 344 -46.99 -13.19 -32.90
N LEU G 345 -46.33 -14.26 -32.47
CA LEU G 345 -44.96 -14.16 -31.95
C LEU G 345 -43.91 -14.39 -33.04
N HIS G 346 -43.95 -15.56 -33.68
CA HIS G 346 -42.93 -15.91 -34.66
C HIS G 346 -42.78 -14.88 -35.78
N PRO G 347 -43.85 -14.34 -36.38
CA PRO G 347 -43.65 -13.28 -37.37
C PRO G 347 -42.90 -12.08 -36.83
N ARG G 348 -43.19 -11.65 -35.61
CA ARG G 348 -42.47 -10.51 -35.03
C ARG G 348 -41.00 -10.84 -34.81
N LEU G 349 -40.75 -12.04 -34.28
CA LEU G 349 -39.35 -12.47 -34.05
C LEU G 349 -38.61 -12.38 -35.38
N ASP G 350 -39.22 -12.89 -36.45
CA ASP G 350 -38.58 -12.85 -37.79
C ASP G 350 -38.39 -11.40 -38.22
N ASP G 351 -39.39 -10.54 -38.02
CA ASP G 351 -39.29 -9.14 -38.51
C ASP G 351 -38.13 -8.42 -37.81
N ASN G 352 -38.02 -8.56 -36.49
CA ASN G 352 -36.96 -7.85 -35.72
C ASN G 352 -35.58 -8.37 -36.15
N GLN G 353 -35.46 -9.68 -36.34
CA GLN G 353 -34.18 -10.27 -36.77
C GLN G 353 -33.82 -9.74 -38.17
N ARG G 354 -34.81 -9.61 -39.05
CA ARG G 354 -34.56 -9.10 -40.42
C ARG G 354 -34.02 -7.67 -40.34
N ARG G 355 -34.59 -6.85 -39.46
CA ARG G 355 -34.14 -5.44 -39.32
C ARG G 355 -32.68 -5.43 -38.88
N VAL G 356 -32.31 -6.31 -37.95
CA VAL G 356 -30.89 -6.40 -37.51
C VAL G 356 -30.01 -6.85 -38.68
N GLU G 357 -30.48 -7.82 -39.46
CA GLU G 357 -29.64 -8.36 -40.57
C GLU G 357 -29.38 -7.25 -41.60
N ARG G 358 -30.41 -6.48 -41.96
CA ARG G 358 -30.22 -5.46 -43.03
C ARG G 358 -29.24 -4.38 -42.52
N GLU G 359 -29.34 -4.02 -41.24
CA GLU G 359 -28.46 -2.97 -40.66
C GLU G 359 -27.00 -3.44 -40.70
N GLU G 360 -26.74 -4.70 -40.38
CA GLU G 360 -25.35 -5.21 -40.34
C GLU G 360 -24.73 -5.11 -41.73
N GLU G 361 -25.51 -5.46 -42.76
CA GLU G 361 -25.01 -5.38 -44.16
C GLU G 361 -24.72 -3.91 -44.50
N ARG G 362 -25.59 -2.99 -44.06
CA ARG G 362 -25.39 -1.55 -44.35
C ARG G 362 -24.09 -1.06 -43.72
N VAL G 363 -23.81 -1.48 -42.49
CA VAL G 363 -22.58 -1.02 -41.78
C VAL G 363 -21.36 -1.52 -42.55
N TRP G 364 -21.38 -2.78 -42.99
CA TRP G 364 -20.25 -3.35 -43.77
C TRP G 364 -20.11 -2.64 -45.11
N ALA G 365 -21.23 -2.32 -45.77
CA ALA G 365 -21.19 -1.58 -47.05
C ALA G 365 -20.59 -0.19 -46.86
N LEU G 366 -20.95 0.50 -45.77
CA LEU G 366 -20.38 1.85 -45.47
C LEU G 366 -18.87 1.70 -45.22
N ARG G 367 -18.48 0.64 -44.51
CA ARG G 367 -17.04 0.37 -44.25
C ARG G 367 -16.36 0.09 -45.59
N GLY G 368 -17.02 -0.66 -46.48
CA GLY G 368 -16.47 -0.93 -47.81
C GLY G 368 -16.34 0.36 -48.60
N GLN G 369 -17.35 1.23 -48.55
CA GLN G 369 -17.28 2.52 -49.22
C GLN G 369 -16.10 3.34 -48.71
N GLN G 370 -15.92 3.38 -47.38
CA GLN G 370 -14.81 4.13 -46.82
C GLN G 370 -13.46 3.54 -47.27
N ARG G 371 -13.40 2.21 -47.38
CA ARG G 371 -12.17 1.58 -47.83
C ARG G 371 -11.90 1.85 -49.31
N ARG G 372 -12.96 2.01 -50.11
CA ARG G 372 -12.80 2.24 -51.54
C ARG G 372 -12.01 3.52 -51.80
N ALA G 373 -12.30 4.59 -51.05
CA ALA G 373 -11.46 5.77 -51.10
C ALA G 373 -10.08 5.43 -50.55
N LEU G 374 -9.07 6.15 -51.02
CA LEU G 374 -7.65 5.91 -50.77
C LEU G 374 -7.14 4.70 -51.53
N GLY G 375 -7.98 4.02 -52.31
CA GLY G 375 -7.53 2.89 -53.11
C GLY G 375 -6.99 1.73 -52.32
N LEU G 376 -7.67 1.38 -51.22
CA LEU G 376 -7.20 0.25 -50.37
C LEU G 376 -8.05 -0.99 -50.65
N HIS G 377 -7.47 -2.19 -50.48
CA HIS G 377 -8.21 -3.46 -50.74
C HIS G 377 -9.39 -3.56 -49.78
N ARG G 378 -10.54 -4.06 -50.26
CA ARG G 378 -11.76 -4.14 -49.42
C ARG G 378 -11.50 -4.97 -48.15
N PRO G 379 -12.12 -4.71 -46.97
CA PRO G 379 -11.89 -5.57 -45.80
C PRO G 379 -12.38 -6.99 -46.02
N HIS G 380 -11.62 -7.95 -45.50
CA HIS G 380 -12.00 -9.35 -45.56
C HIS G 380 -13.07 -9.62 -44.51
N ARG G 381 -14.30 -9.89 -44.96
CA ARG G 381 -15.37 -10.06 -43.98
C ARG G 381 -15.62 -11.54 -43.72
N PRO G 382 -16.09 -11.88 -42.52
CA PRO G 382 -16.35 -13.29 -42.21
C PRO G 382 -17.48 -13.86 -43.06
N ASP G 383 -17.38 -15.16 -43.34
CA ASP G 383 -18.45 -15.84 -44.04
C ASP G 383 -19.68 -15.96 -43.15
N LYS G 384 -20.81 -16.29 -43.78
CA LYS G 384 -22.07 -16.35 -43.05
C LYS G 384 -22.03 -17.41 -41.96
N ASP G 385 -21.37 -18.54 -42.22
CA ASP G 385 -21.27 -19.59 -41.22
C ASP G 385 -20.56 -19.11 -39.96
N ALA G 386 -19.66 -18.14 -40.09
CA ALA G 386 -18.85 -17.70 -38.97
C ALA G 386 -19.47 -16.59 -38.15
N ALA G 387 -20.40 -15.81 -38.71
CA ALA G 387 -20.95 -14.67 -37.98
C ALA G 387 -21.80 -15.09 -36.79
N TRP G 388 -22.73 -16.02 -37.01
CA TRP G 388 -23.58 -16.48 -35.90
C TRP G 388 -22.76 -17.21 -34.85
N ARG G 389 -21.70 -17.88 -35.29
CA ARG G 389 -20.80 -18.60 -34.34
C ARG G 389 -20.07 -17.54 -33.51
N LEU G 390 -19.63 -16.46 -34.16
CA LEU G 390 -18.90 -15.38 -33.46
C LEU G 390 -19.82 -14.71 -32.43
N GLU G 391 -21.10 -14.57 -32.77
CA GLU G 391 -22.04 -13.87 -31.84
C GLU G 391 -21.85 -14.40 -30.41
N GLN G 392 -21.40 -15.65 -30.26
CA GLN G 392 -21.14 -16.18 -28.94
C GLN G 392 -19.91 -15.55 -28.30
N MET G 393 -18.83 -15.40 -29.08
CA MET G 393 -17.57 -14.88 -28.52
C MET G 393 -17.33 -13.46 -29.03
N TYR G 394 -17.63 -12.46 -28.19
CA TYR G 394 -17.41 -11.04 -28.58
C TYR G 394 -16.89 -10.25 -27.39
N ASP G 395 -15.58 -10.03 -27.31
CA ASP G 395 -15.02 -9.19 -26.23
C ASP G 395 -15.59 -7.78 -26.42
N ASP G 396 -15.69 -7.32 -27.67
CA ASP G 396 -16.28 -5.99 -27.97
C ASP G 396 -15.71 -4.94 -27.02
N ALA H 1 -1.00 -14.85 38.73
CA ALA H 1 -2.12 -15.51 37.99
C ALA H 1 -2.04 -15.15 36.51
N ALA H 2 -2.64 -15.97 35.64
CA ALA H 2 -2.62 -15.70 34.19
C ALA H 2 -3.31 -14.36 33.91
N ALA H 3 -4.43 -14.08 34.58
CA ALA H 3 -5.12 -12.78 34.41
C ALA H 3 -4.16 -11.64 34.71
N ALA H 4 -3.50 -11.70 35.87
CA ALA H 4 -2.60 -10.60 36.28
C ALA H 4 -1.47 -10.47 35.25
N PHE H 5 -0.92 -11.59 34.78
CA PHE H 5 0.21 -11.53 33.82
C PHE H 5 -0.24 -10.85 32.53
N ALA H 6 -1.43 -11.20 32.04
CA ALA H 6 -1.94 -10.60 30.78
C ALA H 6 -2.14 -9.10 31.00
N PHE H 7 -2.68 -8.71 32.15
CA PHE H 7 -2.90 -7.27 32.44
C PHE H 7 -1.55 -6.55 32.45
N PHE H 8 -0.53 -7.17 33.05
CA PHE H 8 0.82 -6.56 33.13
C PHE H 8 1.41 -6.41 31.73
N ALA H 9 1.21 -7.40 30.86
CA ALA H 9 1.71 -7.31 29.47
C ALA H 9 1.00 -6.17 28.75
N GLY H 10 -0.30 -6.01 28.99
CA GLY H 10 -1.04 -4.88 28.39
C GLY H 10 -0.47 -3.56 28.89
N PHE H 11 -0.14 -3.47 30.18
CA PHE H 11 0.46 -2.23 30.74
C PHE H 11 1.81 -1.98 30.09
N ALA H 12 2.60 -3.04 29.84
CA ALA H 12 3.91 -2.90 29.18
C ALA H 12 3.73 -2.37 27.76
N PHE H 13 2.72 -2.86 27.02
CA PHE H 13 2.60 -2.39 25.60
C PHE H 13 2.08 -0.95 25.61
N ALA H 14 1.61 -0.46 26.75
CA ALA H 14 1.08 0.91 26.91
C ALA H 14 2.27 1.88 26.92
N ALA H 15 3.48 1.34 26.74
CA ALA H 15 4.70 2.18 26.68
C ALA H 15 4.72 3.01 25.40
N PHE H 16 3.82 2.72 24.44
CA PHE H 16 3.74 3.52 23.20
C PHE H 16 3.44 4.97 23.55
N ALA H 17 2.55 5.20 24.53
CA ALA H 17 2.23 6.58 24.97
C ALA H 17 3.49 7.24 25.53
N ALA H 18 4.27 6.50 26.31
CA ALA H 18 5.54 7.05 26.85
C ALA H 18 6.52 7.35 25.71
N ALA H 19 6.59 6.47 24.70
CA ALA H 19 7.51 6.67 23.56
C ALA H 19 7.07 7.92 22.79
N ALA H 20 5.76 8.13 22.62
CA ALA H 20 5.25 9.34 21.95
C ALA H 20 5.22 10.49 22.96
N ALA H 21 4.74 11.66 22.55
CA ALA H 21 4.60 12.77 23.53
C ALA H 21 3.61 12.31 24.61
N ALA H 22 3.93 12.57 25.88
CA ALA H 22 3.08 12.09 26.99
C ALA H 22 2.82 13.25 27.96
N ALA H 23 1.72 13.18 28.72
CA ALA H 23 1.36 14.26 29.67
C ALA H 23 1.50 15.61 28.98
N ALA H 24 0.80 15.81 27.86
CA ALA H 24 0.85 17.09 27.12
C ALA H 24 0.55 18.25 28.08
#